data_1IUR
#
_entry.id   1IUR
#
_entity_poly.entity_id   1
_entity_poly.type   'polypeptide(L)'
_entity_poly.pdbx_seq_one_letter_code
;MHHHHHHLVPRGSILKEVTSVVEQAWKLPESERKKIIRRLYLKWHPDKNPENHDIANEVFKHLQNEINRLEKQAFLDQNA
DRASRRTF
;
_entity_poly.pdbx_strand_id   A
#
# COMPACT_ATOMS: atom_id res chain seq x y z
N MET A 1 12.16 15.32 21.58
CA MET A 1 12.10 16.14 20.34
C MET A 1 13.34 17.01 20.20
N HIS A 2 14.02 16.91 19.06
CA HIS A 2 15.21 17.70 18.81
C HIS A 2 15.13 18.38 17.44
N HIS A 3 14.83 17.60 16.41
CA HIS A 3 14.73 18.12 15.06
C HIS A 3 16.05 18.76 14.61
N HIS A 4 16.83 18.01 13.84
CA HIS A 4 18.11 18.50 13.35
C HIS A 4 18.15 18.50 11.83
N HIS A 5 17.83 17.36 11.24
CA HIS A 5 17.83 17.23 9.78
C HIS A 5 17.16 15.93 9.35
N HIS A 6 16.45 15.98 8.22
CA HIS A 6 15.76 14.81 7.71
C HIS A 6 15.79 14.79 6.19
N HIS A 7 15.74 13.59 5.61
CA HIS A 7 15.75 13.44 4.16
C HIS A 7 14.38 13.02 3.63
N LEU A 8 13.74 13.92 2.89
CA LEU A 8 12.43 13.64 2.33
C LEU A 8 12.21 14.45 1.06
N VAL A 9 12.61 13.88 -0.08
CA VAL A 9 12.45 14.55 -1.36
C VAL A 9 12.01 13.57 -2.45
N PRO A 10 10.68 13.37 -2.59
CA PRO A 10 10.13 12.45 -3.59
C PRO A 10 10.30 12.97 -5.02
N ARG A 11 10.07 12.10 -5.99
CA ARG A 11 10.20 12.46 -7.40
C ARG A 11 9.10 13.43 -7.82
N GLY A 12 7.93 13.31 -7.18
CA GLY A 12 6.82 14.18 -7.50
C GLY A 12 5.60 13.91 -6.63
N SER A 13 5.84 13.57 -5.37
CA SER A 13 4.76 13.28 -4.44
C SER A 13 3.88 12.14 -4.95
N ILE A 14 4.49 10.98 -5.13
CA ILE A 14 3.77 9.80 -5.62
C ILE A 14 3.68 8.72 -4.54
N LEU A 15 4.66 8.70 -3.64
CA LEU A 15 4.68 7.72 -2.56
C LEU A 15 3.78 8.16 -1.40
N LYS A 16 3.94 9.41 -0.99
CA LYS A 16 3.15 9.95 0.11
C LYS A 16 1.66 9.85 -0.18
N GLU A 17 1.30 9.88 -1.46
CA GLU A 17 -0.09 9.80 -1.87
C GLU A 17 -0.63 8.38 -1.70
N VAL A 18 0.21 7.40 -1.99
CA VAL A 18 -0.18 5.99 -1.87
C VAL A 18 -0.33 5.60 -0.40
N THR A 19 0.45 6.23 0.46
CA THR A 19 0.42 5.94 1.90
C THR A 19 -0.87 6.45 2.53
N SER A 20 -1.50 7.44 1.90
CA SER A 20 -2.74 8.02 2.40
C SER A 20 -3.95 7.23 1.92
N VAL A 21 -3.99 6.95 0.62
CA VAL A 21 -5.09 6.21 0.03
C VAL A 21 -5.14 4.77 0.53
N VAL A 22 -3.98 4.24 0.91
CA VAL A 22 -3.90 2.87 1.41
C VAL A 22 -4.46 2.76 2.83
N GLU A 23 -4.17 3.77 3.65
CA GLU A 23 -4.64 3.78 5.03
C GLU A 23 -6.13 4.09 5.09
N GLN A 24 -6.62 4.86 4.13
CA GLN A 24 -8.02 5.23 4.07
C GLN A 24 -8.89 4.04 3.69
N ALA A 25 -8.32 3.12 2.91
CA ALA A 25 -9.05 1.94 2.48
C ALA A 25 -9.02 0.84 3.54
N TRP A 26 -8.27 1.06 4.62
CA TRP A 26 -8.17 0.09 5.69
C TRP A 26 -9.19 0.36 6.80
N LYS A 27 -10.25 1.08 6.45
CA LYS A 27 -11.30 1.40 7.41
C LYS A 27 -12.58 0.65 7.07
N LEU A 28 -12.76 0.36 5.78
CA LEU A 28 -13.95 -0.36 5.32
C LEU A 28 -13.87 -1.84 5.71
N PRO A 29 -15.03 -2.52 5.82
CA PRO A 29 -15.08 -3.93 6.18
C PRO A 29 -14.23 -4.81 5.26
N GLU A 30 -14.71 -5.00 4.03
CA GLU A 30 -13.99 -5.81 3.06
C GLU A 30 -14.50 -5.55 1.64
N SER A 31 -15.81 -5.48 1.49
CA SER A 31 -16.42 -5.24 0.18
C SER A 31 -15.81 -4.01 -0.48
N GLU A 32 -16.01 -2.85 0.14
CA GLU A 32 -15.47 -1.60 -0.39
C GLU A 32 -13.97 -1.50 -0.10
N ARG A 33 -13.52 -2.20 0.93
CA ARG A 33 -12.11 -2.20 1.31
C ARG A 33 -11.23 -2.62 0.15
N LYS A 34 -11.35 -3.87 -0.27
CA LYS A 34 -10.56 -4.40 -1.38
C LYS A 34 -10.84 -3.64 -2.67
N LYS A 35 -12.02 -3.03 -2.75
CA LYS A 35 -12.41 -2.27 -3.93
C LYS A 35 -11.42 -1.14 -4.21
N ILE A 36 -10.88 -0.55 -3.14
CA ILE A 36 -9.94 0.54 -3.26
C ILE A 36 -8.59 0.05 -3.81
N ILE A 37 -8.16 -1.11 -3.33
CA ILE A 37 -6.89 -1.69 -3.77
C ILE A 37 -6.95 -2.06 -5.25
N ARG A 38 -8.13 -2.42 -5.73
CA ARG A 38 -8.32 -2.80 -7.12
C ARG A 38 -8.20 -1.59 -8.03
N ARG A 39 -8.60 -0.43 -7.52
CA ARG A 39 -8.54 0.81 -8.30
C ARG A 39 -7.10 1.26 -8.51
N LEU A 40 -6.33 1.27 -7.42
CA LEU A 40 -4.94 1.69 -7.47
C LEU A 40 -4.07 0.61 -8.14
N TYR A 41 -4.47 -0.64 -7.96
CA TYR A 41 -3.73 -1.76 -8.55
C TYR A 41 -3.82 -1.74 -10.08
N LEU A 42 -4.92 -1.23 -10.59
CA LEU A 42 -5.13 -1.14 -12.03
C LEU A 42 -4.75 0.23 -12.57
N LYS A 43 -5.07 1.26 -11.79
CA LYS A 43 -4.78 2.64 -12.18
C LYS A 43 -3.27 2.86 -12.30
N TRP A 44 -2.52 2.28 -11.36
CA TRP A 44 -1.07 2.41 -11.36
C TRP A 44 -0.40 1.20 -11.99
N HIS A 45 -1.05 0.64 -13.01
CA HIS A 45 -0.52 -0.52 -13.71
C HIS A 45 0.38 -0.11 -14.86
N PRO A 46 1.50 -0.83 -15.08
CA PRO A 46 2.44 -0.51 -16.15
C PRO A 46 1.83 -0.76 -17.53
N ASP A 47 1.02 -1.80 -17.64
CA ASP A 47 0.39 -2.15 -18.91
C ASP A 47 -0.66 -1.10 -19.29
N LYS A 48 -1.28 -0.48 -18.28
CA LYS A 48 -2.30 0.53 -18.52
C LYS A 48 -1.66 1.89 -18.82
N ASN A 49 -0.50 2.14 -18.21
CA ASN A 49 0.21 3.40 -18.41
C ASN A 49 0.56 3.60 -19.88
N PRO A 50 0.53 4.86 -20.36
CA PRO A 50 0.84 5.18 -21.76
C PRO A 50 2.33 5.05 -22.07
N GLU A 51 3.16 5.60 -21.19
CA GLU A 51 4.61 5.55 -21.37
C GLU A 51 5.33 5.56 -20.02
N ASN A 52 4.74 4.88 -19.03
CA ASN A 52 5.34 4.82 -17.70
C ASN A 52 5.58 3.37 -17.29
N HIS A 53 6.60 2.75 -17.87
CA HIS A 53 6.94 1.37 -17.57
C HIS A 53 7.67 1.28 -16.23
N ASP A 54 8.70 2.09 -16.06
CA ASP A 54 9.48 2.10 -14.83
C ASP A 54 8.79 2.92 -13.75
N ILE A 55 8.25 4.07 -14.15
CA ILE A 55 7.56 4.96 -13.22
C ILE A 55 6.37 4.25 -12.57
N ALA A 56 5.76 3.34 -13.31
CA ALA A 56 4.61 2.59 -12.80
C ALA A 56 5.05 1.41 -11.96
N ASN A 57 6.04 0.67 -12.45
CA ASN A 57 6.56 -0.49 -11.73
C ASN A 57 7.12 -0.08 -10.37
N GLU A 58 7.64 1.13 -10.28
CA GLU A 58 8.21 1.63 -9.03
C GLU A 58 7.12 1.76 -7.97
N VAL A 59 6.09 2.54 -8.28
CA VAL A 59 4.99 2.75 -7.34
C VAL A 59 4.29 1.44 -7.00
N PHE A 60 4.28 0.51 -7.96
CA PHE A 60 3.66 -0.79 -7.77
C PHE A 60 4.39 -1.60 -6.72
N LYS A 61 5.72 -1.51 -6.73
CA LYS A 61 6.55 -2.24 -5.78
C LYS A 61 6.22 -1.84 -4.34
N HIS A 62 5.96 -0.55 -4.14
CA HIS A 62 5.63 -0.03 -2.82
C HIS A 62 4.18 -0.35 -2.46
N LEU A 63 3.33 -0.44 -3.47
CA LEU A 63 1.91 -0.73 -3.27
C LEU A 63 1.70 -2.20 -2.95
N GLN A 64 2.38 -3.07 -3.70
CA GLN A 64 2.26 -4.51 -3.51
C GLN A 64 2.62 -4.90 -2.09
N ASN A 65 3.79 -4.46 -1.63
CA ASN A 65 4.26 -4.75 -0.28
C ASN A 65 3.40 -4.06 0.77
N GLU A 66 2.81 -2.93 0.39
CA GLU A 66 1.97 -2.16 1.31
C GLU A 66 0.67 -2.90 1.62
N ILE A 67 0.23 -3.75 0.71
CA ILE A 67 -1.00 -4.51 0.89
C ILE A 67 -0.80 -5.68 1.84
N ASN A 68 -0.03 -6.68 1.39
CA ASN A 68 0.24 -7.86 2.20
C ASN A 68 0.76 -7.49 3.58
N ARG A 69 1.51 -6.40 3.65
CA ARG A 69 2.08 -5.94 4.90
C ARG A 69 0.99 -5.64 5.93
N LEU A 70 -0.08 -4.99 5.47
CA LEU A 70 -1.20 -4.65 6.35
C LEU A 70 -2.27 -5.73 6.33
N GLU A 71 -2.40 -6.41 5.20
CA GLU A 71 -3.39 -7.48 5.05
C GLU A 71 -3.08 -8.65 5.98
N LYS A 72 -1.80 -8.85 6.27
CA LYS A 72 -1.38 -9.93 7.15
C LYS A 72 -1.49 -9.54 8.61
N GLN A 73 -1.03 -8.34 8.94
CA GLN A 73 -1.09 -7.84 10.31
C GLN A 73 -2.52 -7.49 10.70
N ALA A 74 -3.32 -7.09 9.71
CA ALA A 74 -4.71 -6.73 9.96
C ALA A 74 -5.64 -7.91 9.71
N PHE A 75 -5.23 -9.09 10.15
CA PHE A 75 -6.02 -10.30 9.97
C PHE A 75 -5.53 -11.41 10.89
N LEU A 76 -4.21 -11.58 10.96
CA LEU A 76 -3.62 -12.61 11.80
C LEU A 76 -3.18 -12.04 13.14
N ASP A 77 -4.07 -12.12 14.13
CA ASP A 77 -3.76 -11.62 15.46
C ASP A 77 -4.56 -12.36 16.52
N GLN A 78 -3.86 -13.17 17.31
CA GLN A 78 -4.51 -13.94 18.37
C GLN A 78 -5.55 -14.89 17.79
N ASN A 79 -5.13 -16.10 17.42
CA ASN A 79 -6.02 -17.10 16.85
C ASN A 79 -5.49 -18.50 17.07
N ALA A 80 -5.32 -18.87 18.34
CA ALA A 80 -4.82 -20.19 18.70
C ALA A 80 -3.38 -20.38 18.21
N ASP A 81 -3.22 -20.66 16.91
CA ASP A 81 -1.91 -20.85 16.32
C ASP A 81 -1.31 -19.53 15.87
N ARG A 82 -0.19 -19.60 15.16
CA ARG A 82 0.48 -18.40 14.67
C ARG A 82 0.85 -18.56 13.19
N ALA A 83 -0.16 -18.85 12.37
CA ALA A 83 0.05 -19.02 10.93
C ALA A 83 1.00 -20.19 10.66
N SER A 84 0.89 -21.23 11.47
CA SER A 84 1.74 -22.41 11.31
C SER A 84 1.21 -23.32 10.20
N ARG A 85 -0.09 -23.58 10.24
CA ARG A 85 -0.73 -24.44 9.23
C ARG A 85 -0.17 -25.85 9.29
N ARG A 86 -1.06 -26.84 9.42
CA ARG A 86 -0.65 -28.23 9.49
C ARG A 86 -1.70 -29.14 8.85
N THR A 87 -2.31 -28.65 7.78
CA THR A 87 -3.34 -29.41 7.07
C THR A 87 -2.90 -29.72 5.65
N PHE A 88 -2.63 -28.68 4.87
CA PHE A 88 -2.20 -28.85 3.49
C PHE A 88 -3.27 -29.57 2.66
N MET A 1 15.88 0.67 14.49
CA MET A 1 15.58 0.66 13.03
C MET A 1 14.32 1.48 12.74
N HIS A 2 14.33 2.75 13.16
CA HIS A 2 13.20 3.63 12.93
C HIS A 2 13.51 5.05 13.39
N HIS A 3 14.23 5.79 12.55
CA HIS A 3 14.60 7.16 12.88
C HIS A 3 14.01 8.14 11.87
N HIS A 4 14.22 7.86 10.59
CA HIS A 4 13.71 8.73 9.52
C HIS A 4 13.04 7.88 8.43
N HIS A 5 11.75 8.08 8.25
CA HIS A 5 10.99 7.35 7.24
C HIS A 5 10.57 8.27 6.10
N HIS A 6 10.17 9.49 6.46
CA HIS A 6 9.74 10.47 5.46
C HIS A 6 10.73 11.61 5.36
N HIS A 7 10.65 12.36 4.26
CA HIS A 7 11.55 13.50 4.05
C HIS A 7 10.77 14.81 4.05
N LEU A 8 11.48 15.92 3.84
CA LEU A 8 10.85 17.23 3.82
C LEU A 8 10.44 17.62 2.40
N VAL A 9 11.30 17.32 1.43
CA VAL A 9 11.02 17.64 0.04
C VAL A 9 10.68 16.38 -0.76
N PRO A 10 9.50 16.35 -1.40
CA PRO A 10 9.06 15.19 -2.20
C PRO A 10 10.08 14.81 -3.27
N ARG A 11 10.97 13.89 -2.92
CA ARG A 11 12.00 13.43 -3.86
C ARG A 11 11.37 12.65 -5.00
N GLY A 12 10.52 11.69 -4.66
CA GLY A 12 9.87 10.88 -5.68
C GLY A 12 8.37 11.09 -5.71
N SER A 13 7.80 11.46 -4.58
CA SER A 13 6.36 11.70 -4.48
C SER A 13 5.57 10.45 -4.87
N ILE A 14 4.26 10.60 -5.03
CA ILE A 14 3.39 9.49 -5.40
C ILE A 14 3.27 8.48 -4.26
N LEU A 15 4.38 7.85 -3.92
CA LEU A 15 4.40 6.86 -2.85
C LEU A 15 3.83 7.44 -1.55
N LYS A 16 4.00 8.75 -1.37
CA LYS A 16 3.51 9.42 -0.18
C LYS A 16 1.98 9.44 -0.15
N GLU A 17 1.36 9.49 -1.33
CA GLU A 17 -0.08 9.51 -1.44
C GLU A 17 -0.67 8.12 -1.21
N VAL A 18 0.05 7.10 -1.69
CA VAL A 18 -0.40 5.72 -1.54
C VAL A 18 -0.42 5.30 -0.08
N THR A 19 0.44 5.92 0.73
CA THR A 19 0.52 5.60 2.15
C THR A 19 -0.73 6.10 2.90
N SER A 20 -1.44 7.05 2.30
CA SER A 20 -2.64 7.59 2.92
C SER A 20 -3.87 6.76 2.55
N VAL A 21 -4.01 6.45 1.27
CA VAL A 21 -5.14 5.67 0.78
C VAL A 21 -5.20 4.30 1.46
N VAL A 22 -4.04 3.70 1.68
CA VAL A 22 -3.95 2.39 2.31
C VAL A 22 -4.52 2.42 3.73
N GLU A 23 -4.15 3.44 4.49
CA GLU A 23 -4.61 3.58 5.86
C GLU A 23 -6.11 3.94 5.91
N GLN A 24 -6.57 4.62 4.86
CA GLN A 24 -7.97 5.03 4.78
C GLN A 24 -8.83 3.91 4.20
N ALA A 25 -8.24 3.13 3.30
CA ALA A 25 -8.96 2.02 2.68
C ALA A 25 -9.19 0.88 3.65
N TRP A 26 -8.16 0.57 4.44
CA TRP A 26 -8.26 -0.51 5.42
C TRP A 26 -9.39 -0.26 6.41
N LYS A 27 -9.73 1.00 6.62
CA LYS A 27 -10.80 1.36 7.53
C LYS A 27 -12.11 0.69 7.14
N LEU A 28 -12.27 0.44 5.84
CA LEU A 28 -13.48 -0.19 5.33
C LEU A 28 -13.38 -1.72 5.43
N PRO A 29 -14.52 -2.41 5.52
CA PRO A 29 -14.55 -3.88 5.62
C PRO A 29 -13.84 -4.55 4.45
N GLU A 30 -14.44 -4.46 3.27
CA GLU A 30 -13.87 -5.06 2.07
C GLU A 30 -14.58 -4.56 0.82
N SER A 31 -15.91 -4.48 0.88
CA SER A 31 -16.71 -4.01 -0.25
C SER A 31 -16.21 -2.66 -0.76
N GLU A 32 -16.14 -1.68 0.14
CA GLU A 32 -15.67 -0.35 -0.21
C GLU A 32 -14.15 -0.25 -0.13
N ARG A 33 -13.54 -1.19 0.58
CA ARG A 33 -12.09 -1.20 0.74
C ARG A 33 -11.38 -1.50 -0.58
N LYS A 34 -11.78 -2.61 -1.21
CA LYS A 34 -11.20 -3.02 -2.48
C LYS A 34 -11.31 -1.93 -3.54
N LYS A 35 -12.25 -1.01 -3.34
CA LYS A 35 -12.47 0.08 -4.30
C LYS A 35 -11.24 0.98 -4.38
N ILE A 36 -10.43 0.99 -3.33
CA ILE A 36 -9.23 1.83 -3.29
C ILE A 36 -8.00 1.05 -3.79
N ILE A 37 -7.98 -0.25 -3.55
CA ILE A 37 -6.87 -1.09 -3.98
C ILE A 37 -7.06 -1.56 -5.41
N ARG A 38 -8.29 -1.91 -5.75
CA ARG A 38 -8.61 -2.39 -7.10
C ARG A 38 -8.48 -1.27 -8.12
N ARG A 39 -8.75 -0.03 -7.68
CA ARG A 39 -8.67 1.12 -8.56
C ARG A 39 -7.21 1.46 -8.89
N LEU A 40 -6.36 1.48 -7.86
CA LEU A 40 -4.95 1.78 -8.05
C LEU A 40 -4.23 0.62 -8.72
N TYR A 41 -4.70 -0.59 -8.47
CA TYR A 41 -4.10 -1.79 -9.04
C TYR A 41 -4.37 -1.87 -10.54
N LEU A 42 -5.57 -1.49 -10.95
CA LEU A 42 -5.95 -1.52 -12.36
C LEU A 42 -5.76 -0.14 -13.01
N LYS A 43 -4.93 0.69 -12.39
CA LYS A 43 -4.67 2.04 -12.90
C LYS A 43 -3.17 2.26 -13.11
N TRP A 44 -2.36 1.67 -12.24
CA TRP A 44 -0.91 1.81 -12.33
C TRP A 44 -0.29 0.64 -13.09
N HIS A 45 -0.99 0.16 -14.11
CA HIS A 45 -0.50 -0.95 -14.92
C HIS A 45 0.50 -0.45 -15.96
N PRO A 46 1.73 -1.01 -15.97
CA PRO A 46 2.76 -0.62 -16.93
C PRO A 46 2.29 -0.70 -18.38
N ASP A 47 1.63 -1.80 -18.72
CA ASP A 47 1.12 -2.01 -20.07
C ASP A 47 0.03 -0.99 -20.39
N LYS A 48 -0.90 -0.81 -19.48
CA LYS A 48 -2.01 0.13 -19.67
C LYS A 48 -1.49 1.55 -19.86
N ASN A 49 -0.36 1.85 -19.21
CA ASN A 49 0.25 3.18 -19.31
C ASN A 49 0.93 3.37 -20.67
N PRO A 50 1.02 4.62 -21.15
CA PRO A 50 1.65 4.93 -22.43
C PRO A 50 3.07 4.40 -22.53
N GLU A 51 3.95 4.88 -21.66
CA GLU A 51 5.34 4.44 -21.65
C GLU A 51 6.00 4.75 -20.31
N ASN A 52 6.22 3.70 -19.51
CA ASN A 52 6.85 3.86 -18.21
C ASN A 52 7.04 2.50 -17.53
N HIS A 53 8.25 1.95 -17.64
CA HIS A 53 8.55 0.66 -17.05
C HIS A 53 9.18 0.83 -15.66
N ASP A 54 9.62 2.03 -15.34
CA ASP A 54 10.24 2.32 -14.06
C ASP A 54 9.28 3.06 -13.13
N ILE A 55 8.57 4.03 -13.67
CA ILE A 55 7.62 4.82 -12.89
C ILE A 55 6.48 3.94 -12.38
N ALA A 56 5.96 3.09 -13.26
CA ALA A 56 4.85 2.20 -12.90
C ALA A 56 5.31 1.12 -11.93
N ASN A 57 6.47 0.52 -12.23
CA ASN A 57 7.02 -0.55 -11.39
C ASN A 57 7.30 -0.03 -9.99
N GLU A 58 7.79 1.20 -9.89
CA GLU A 58 8.11 1.79 -8.59
C GLU A 58 6.88 1.84 -7.70
N VAL A 59 5.78 2.38 -8.23
CA VAL A 59 4.54 2.48 -7.47
C VAL A 59 3.92 1.10 -7.22
N PHE A 60 4.14 0.20 -8.17
CA PHE A 60 3.60 -1.16 -8.05
C PHE A 60 4.32 -1.93 -6.97
N LYS A 61 5.63 -1.70 -6.84
CA LYS A 61 6.44 -2.39 -5.85
C LYS A 61 5.93 -2.10 -4.43
N HIS A 62 5.52 -0.85 -4.20
CA HIS A 62 5.02 -0.43 -2.90
C HIS A 62 3.55 -0.79 -2.75
N LEU A 63 2.79 -0.68 -3.83
CA LEU A 63 1.36 -0.99 -3.81
C LEU A 63 1.14 -2.44 -3.42
N GLN A 64 2.03 -3.32 -3.87
CA GLN A 64 1.92 -4.75 -3.56
C GLN A 64 2.45 -5.05 -2.17
N ASN A 65 3.51 -4.34 -1.78
CA ASN A 65 4.12 -4.53 -0.47
C ASN A 65 3.21 -4.03 0.65
N GLU A 66 2.41 -3.00 0.33
CA GLU A 66 1.49 -2.44 1.31
C GLU A 66 0.39 -3.43 1.67
N ILE A 67 0.07 -4.32 0.74
CA ILE A 67 -0.97 -5.31 0.96
C ILE A 67 -0.55 -6.30 2.05
N ASN A 68 0.46 -7.12 1.75
CA ASN A 68 0.96 -8.11 2.70
C ASN A 68 1.36 -7.45 4.01
N ARG A 69 1.76 -6.19 3.94
CA ARG A 69 2.18 -5.44 5.13
C ARG A 69 1.05 -5.38 6.15
N LEU A 70 -0.15 -5.07 5.68
CA LEU A 70 -1.32 -4.97 6.55
C LEU A 70 -2.07 -6.29 6.62
N GLU A 71 -2.14 -7.00 5.50
CA GLU A 71 -2.83 -8.28 5.43
C GLU A 71 -2.24 -9.27 6.44
N LYS A 72 -0.99 -9.07 6.78
CA LYS A 72 -0.31 -9.94 7.74
C LYS A 72 -0.60 -9.51 9.18
N GLN A 73 -0.28 -8.26 9.48
CA GLN A 73 -0.50 -7.73 10.83
C GLN A 73 -1.97 -7.81 11.21
N ALA A 74 -2.84 -7.74 10.21
CA ALA A 74 -4.28 -7.80 10.45
C ALA A 74 -4.74 -9.23 10.71
N PHE A 75 -4.04 -10.19 10.10
CA PHE A 75 -4.37 -11.60 10.27
C PHE A 75 -3.88 -12.12 11.61
N LEU A 76 -2.56 -12.21 11.77
CA LEU A 76 -1.96 -12.71 13.00
C LEU A 76 -2.36 -11.83 14.18
N ASP A 77 -1.90 -10.57 14.16
CA ASP A 77 -2.21 -9.64 15.24
C ASP A 77 -1.65 -10.14 16.57
N GLN A 78 -0.32 -10.21 16.66
CA GLN A 78 0.33 -10.67 17.88
C GLN A 78 1.59 -9.86 18.15
N ASN A 79 1.67 -9.28 19.35
CA ASN A 79 2.81 -8.47 19.74
C ASN A 79 3.17 -8.71 21.21
N ALA A 80 4.45 -8.58 21.53
CA ALA A 80 4.93 -8.77 22.90
C ALA A 80 5.07 -7.44 23.62
N ASP A 81 5.16 -7.50 24.95
CA ASP A 81 5.31 -6.29 25.76
C ASP A 81 5.88 -6.63 27.13
N ARG A 82 5.31 -7.63 27.77
CA ARG A 82 5.77 -8.04 29.10
C ARG A 82 6.87 -9.10 28.99
N ALA A 83 6.58 -10.17 28.25
CA ALA A 83 7.55 -11.24 28.07
C ALA A 83 7.64 -11.65 26.60
N SER A 84 8.61 -12.51 26.30
CA SER A 84 8.81 -12.97 24.93
C SER A 84 9.57 -14.30 24.91
N ARG A 85 8.83 -15.38 24.66
CA ARG A 85 9.43 -16.72 24.62
C ARG A 85 9.33 -17.31 23.22
N ARG A 86 9.38 -16.45 22.21
CA ARG A 86 9.29 -16.91 20.82
C ARG A 86 10.68 -16.94 20.17
N THR A 87 11.47 -15.90 20.41
CA THR A 87 12.81 -15.82 19.86
C THR A 87 13.83 -15.42 20.92
N PHE A 88 14.99 -16.06 20.89
CA PHE A 88 16.05 -15.76 21.86
C PHE A 88 17.06 -14.78 21.28
N MET A 1 19.21 13.13 -1.66
CA MET A 1 18.87 11.85 -0.99
C MET A 1 19.85 11.53 0.13
N HIS A 2 21.15 11.58 -0.17
CA HIS A 2 22.18 11.30 0.82
C HIS A 2 22.34 12.48 1.77
N HIS A 3 22.57 13.66 1.21
CA HIS A 3 22.74 14.87 2.01
C HIS A 3 21.68 15.91 1.67
N HIS A 4 21.56 16.92 2.51
CA HIS A 4 20.58 17.98 2.29
C HIS A 4 21.17 19.35 2.64
N HIS A 5 20.83 20.35 1.84
CA HIS A 5 21.31 21.71 2.06
C HIS A 5 20.17 22.72 2.04
N HIS A 6 19.66 23.00 0.84
CA HIS A 6 18.56 23.95 0.70
C HIS A 6 17.58 23.47 -0.37
N HIS A 7 16.42 24.12 -0.42
CA HIS A 7 15.39 23.77 -1.40
C HIS A 7 14.94 22.32 -1.20
N LEU A 8 13.93 22.13 -0.35
CA LEU A 8 13.41 20.80 -0.08
C LEU A 8 12.09 20.58 -0.79
N VAL A 9 12.08 19.68 -1.76
CA VAL A 9 10.87 19.38 -2.53
C VAL A 9 10.86 17.92 -2.99
N PRO A 10 9.66 17.34 -3.16
CA PRO A 10 9.53 15.94 -3.60
C PRO A 10 9.94 15.75 -5.05
N ARG A 11 10.50 14.59 -5.35
CA ARG A 11 10.95 14.28 -6.71
C ARG A 11 9.79 13.79 -7.57
N GLY A 12 9.01 12.85 -7.02
CA GLY A 12 7.88 12.31 -7.75
C GLY A 12 6.56 12.58 -7.05
N SER A 13 6.57 12.50 -5.72
CA SER A 13 5.37 12.73 -4.93
C SER A 13 4.28 11.74 -5.30
N ILE A 14 4.57 10.45 -5.15
CA ILE A 14 3.62 9.40 -5.47
C ILE A 14 3.55 8.36 -4.36
N LEU A 15 4.73 7.93 -3.89
CA LEU A 15 4.80 6.93 -2.82
C LEU A 15 4.22 7.48 -1.52
N LYS A 16 4.34 8.79 -1.33
CA LYS A 16 3.83 9.44 -0.13
C LYS A 16 2.30 9.45 -0.11
N GLU A 17 1.70 9.46 -1.30
CA GLU A 17 0.25 9.48 -1.43
C GLU A 17 -0.33 8.07 -1.37
N VAL A 18 0.45 7.09 -1.85
CA VAL A 18 0.01 5.70 -1.85
C VAL A 18 -0.09 5.16 -0.44
N THR A 19 0.73 5.68 0.47
CA THR A 19 0.73 5.25 1.85
C THR A 19 -0.46 5.82 2.62
N SER A 20 -1.00 6.93 2.13
CA SER A 20 -2.13 7.59 2.77
C SER A 20 -3.46 7.01 2.27
N VAL A 21 -3.54 6.78 0.97
CA VAL A 21 -4.76 6.25 0.36
C VAL A 21 -4.94 4.77 0.71
N VAL A 22 -3.82 4.07 0.94
CA VAL A 22 -3.86 2.66 1.28
C VAL A 22 -4.38 2.44 2.70
N GLU A 23 -3.89 3.25 3.63
CA GLU A 23 -4.30 3.14 5.03
C GLU A 23 -5.73 3.62 5.21
N GLN A 24 -6.13 4.61 4.42
CA GLN A 24 -7.48 5.15 4.50
C GLN A 24 -8.52 4.11 4.10
N ALA A 25 -8.12 3.20 3.22
CA ALA A 25 -9.01 2.14 2.74
C ALA A 25 -9.27 1.11 3.82
N TRP A 26 -8.22 0.72 4.54
CA TRP A 26 -8.34 -0.26 5.60
C TRP A 26 -9.47 0.08 6.57
N LYS A 27 -9.77 1.37 6.68
CA LYS A 27 -10.84 1.83 7.57
C LYS A 27 -12.17 1.18 7.20
N LEU A 28 -12.32 0.81 5.94
CA LEU A 28 -13.55 0.17 5.47
C LEU A 28 -13.50 -1.33 5.71
N PRO A 29 -14.68 -1.96 5.83
CA PRO A 29 -14.78 -3.42 6.07
C PRO A 29 -14.07 -4.22 4.99
N GLU A 30 -14.68 -4.30 3.80
CA GLU A 30 -14.10 -5.04 2.69
C GLU A 30 -14.74 -4.64 1.37
N SER A 31 -16.07 -4.50 1.37
CA SER A 31 -16.81 -4.13 0.18
C SER A 31 -16.23 -2.85 -0.44
N GLU A 32 -16.25 -1.77 0.33
CA GLU A 32 -15.72 -0.49 -0.13
C GLU A 32 -14.19 -0.46 -0.05
N ARG A 33 -13.64 -1.24 0.87
CA ARG A 33 -12.21 -1.30 1.07
C ARG A 33 -11.51 -1.72 -0.22
N LYS A 34 -11.86 -2.90 -0.73
CA LYS A 34 -11.27 -3.42 -1.95
C LYS A 34 -11.42 -2.44 -3.11
N LYS A 35 -12.40 -1.56 -3.01
CA LYS A 35 -12.66 -0.57 -4.05
C LYS A 35 -11.46 0.36 -4.24
N ILE A 36 -10.65 0.51 -3.19
CA ILE A 36 -9.48 1.37 -3.25
C ILE A 36 -8.24 0.59 -3.69
N ILE A 37 -8.16 -0.67 -3.26
CA ILE A 37 -7.02 -1.50 -3.61
C ILE A 37 -7.19 -2.13 -4.99
N ARG A 38 -8.44 -2.36 -5.38
CA ARG A 38 -8.75 -2.95 -6.67
C ARG A 38 -8.59 -1.92 -7.79
N ARG A 39 -9.01 -0.70 -7.52
CA ARG A 39 -8.91 0.38 -8.50
C ARG A 39 -7.47 0.86 -8.64
N LEU A 40 -6.76 0.91 -7.53
CA LEU A 40 -5.37 1.35 -7.52
C LEU A 40 -4.49 0.39 -8.33
N TYR A 41 -4.68 -0.90 -8.11
CA TYR A 41 -3.91 -1.92 -8.81
C TYR A 41 -4.13 -1.82 -10.32
N LEU A 42 -5.38 -1.61 -10.71
CA LEU A 42 -5.72 -1.50 -12.13
C LEU A 42 -5.37 -0.11 -12.66
N LYS A 43 -5.47 0.89 -11.79
CA LYS A 43 -5.17 2.26 -12.17
C LYS A 43 -3.66 2.49 -12.29
N TRP A 44 -2.90 1.73 -11.50
CA TRP A 44 -1.44 1.83 -11.52
C TRP A 44 -0.82 0.77 -12.41
N HIS A 45 -1.47 0.51 -13.54
CA HIS A 45 -0.98 -0.49 -14.49
C HIS A 45 -0.27 0.18 -15.67
N PRO A 46 0.84 -0.40 -16.13
CA PRO A 46 1.62 0.15 -17.26
C PRO A 46 0.92 -0.09 -18.60
N ASP A 47 0.43 -1.30 -18.79
CA ASP A 47 -0.26 -1.66 -20.02
C ASP A 47 -1.50 -0.79 -20.23
N LYS A 48 -2.10 -0.35 -19.14
CA LYS A 48 -3.29 0.50 -19.20
C LYS A 48 -2.92 1.97 -19.05
N ASN A 49 -1.75 2.34 -19.54
CA ASN A 49 -1.29 3.72 -19.46
C ASN A 49 -0.58 4.14 -20.74
N PRO A 50 -0.58 5.45 -21.05
CA PRO A 50 0.07 5.96 -22.26
C PRO A 50 1.55 5.60 -22.34
N GLU A 51 2.32 6.12 -21.39
CA GLU A 51 3.76 5.86 -21.35
C GLU A 51 4.33 6.13 -19.96
N ASN A 52 4.67 5.06 -19.25
CA ASN A 52 5.22 5.19 -17.90
C ASN A 52 5.59 3.82 -17.34
N HIS A 53 6.84 3.43 -17.52
CA HIS A 53 7.32 2.15 -17.02
C HIS A 53 7.92 2.28 -15.63
N ASP A 54 8.92 3.16 -15.50
CA ASP A 54 9.58 3.39 -14.22
C ASP A 54 8.57 3.83 -13.16
N ILE A 55 7.60 4.65 -13.57
CA ILE A 55 6.58 5.15 -12.65
C ILE A 55 5.59 4.05 -12.29
N ALA A 56 5.11 3.33 -13.30
CA ALA A 56 4.16 2.25 -13.09
C ALA A 56 4.78 1.11 -12.29
N ASN A 57 6.10 0.98 -12.37
CA ASN A 57 6.80 -0.07 -11.65
C ASN A 57 7.13 0.35 -10.23
N GLU A 58 7.76 1.52 -10.08
CA GLU A 58 8.13 2.03 -8.77
C GLU A 58 6.91 2.13 -7.85
N VAL A 59 5.75 2.35 -8.45
CA VAL A 59 4.51 2.46 -7.67
C VAL A 59 3.92 1.09 -7.39
N PHE A 60 4.11 0.16 -8.33
CA PHE A 60 3.59 -1.19 -8.19
C PHE A 60 4.27 -1.91 -7.02
N LYS A 61 5.58 -1.72 -6.89
CA LYS A 61 6.34 -2.35 -5.83
C LYS A 61 5.84 -1.93 -4.46
N HIS A 62 5.72 -0.63 -4.25
CA HIS A 62 5.24 -0.08 -2.98
C HIS A 62 3.78 -0.47 -2.75
N LEU A 63 2.99 -0.47 -3.82
CA LEU A 63 1.58 -0.82 -3.73
C LEU A 63 1.40 -2.27 -3.29
N GLN A 64 2.09 -3.18 -3.97
CA GLN A 64 2.00 -4.59 -3.64
C GLN A 64 2.54 -4.87 -2.24
N ASN A 65 3.69 -4.26 -1.93
CA ASN A 65 4.31 -4.44 -0.62
C ASN A 65 3.42 -3.89 0.49
N GLU A 66 2.64 -2.86 0.17
CA GLU A 66 1.75 -2.24 1.13
C GLU A 66 0.57 -3.16 1.49
N ILE A 67 0.41 -4.23 0.73
CA ILE A 67 -0.68 -5.18 0.98
C ILE A 67 -0.29 -6.23 2.01
N ASN A 68 0.78 -6.97 1.73
CA ASN A 68 1.25 -8.02 2.64
C ASN A 68 1.60 -7.45 4.01
N ARG A 69 2.20 -6.27 4.03
CA ARG A 69 2.59 -5.63 5.28
C ARG A 69 1.38 -5.39 6.17
N LEU A 70 0.25 -5.10 5.56
CA LEU A 70 -0.98 -4.85 6.31
C LEU A 70 -1.81 -6.13 6.45
N GLU A 71 -2.06 -6.78 5.31
CA GLU A 71 -2.83 -8.02 5.29
C GLU A 71 -2.24 -9.05 6.24
N LYS A 72 -0.93 -8.99 6.44
CA LYS A 72 -0.25 -9.93 7.32
C LYS A 72 -0.65 -9.70 8.77
N GLN A 73 -0.29 -8.54 9.30
CA GLN A 73 -0.61 -8.19 10.69
C GLN A 73 -2.11 -8.18 10.91
N ALA A 74 -2.87 -7.85 9.86
CA ALA A 74 -4.32 -7.80 9.95
C ALA A 74 -4.92 -9.20 9.94
N PHE A 75 -4.23 -10.14 9.29
CA PHE A 75 -4.71 -11.51 9.20
C PHE A 75 -4.10 -12.37 10.32
N LEU A 76 -2.78 -12.43 10.37
CA LEU A 76 -2.09 -13.22 11.38
C LEU A 76 -2.48 -12.78 12.78
N ASP A 77 -2.39 -11.48 13.05
CA ASP A 77 -2.75 -10.92 14.35
C ASP A 77 -1.74 -11.34 15.41
N GLN A 78 -1.68 -12.64 15.69
CA GLN A 78 -0.76 -13.17 16.69
C GLN A 78 0.68 -12.76 16.39
N ASN A 79 1.42 -12.38 17.43
CA ASN A 79 2.80 -11.96 17.27
C ASN A 79 3.71 -13.15 16.99
N ALA A 80 4.15 -13.27 15.74
CA ALA A 80 5.02 -14.38 15.34
C ALA A 80 6.41 -13.86 14.99
N ASP A 81 7.43 -14.62 15.40
CA ASP A 81 8.81 -14.24 15.12
C ASP A 81 9.72 -15.46 15.14
N ARG A 82 9.74 -16.19 14.03
CA ARG A 82 10.57 -17.39 13.92
C ARG A 82 11.65 -17.21 12.85
N ALA A 83 12.59 -16.32 13.13
CA ALA A 83 13.68 -16.05 12.19
C ALA A 83 15.03 -16.05 12.90
N SER A 84 15.95 -16.88 12.41
CA SER A 84 17.29 -16.97 12.99
C SER A 84 17.22 -17.48 14.43
N ARG A 85 16.89 -16.60 15.36
CA ARG A 85 16.79 -16.96 16.76
C ARG A 85 15.58 -16.30 17.42
N ARG A 86 15.60 -14.98 17.48
CA ARG A 86 14.50 -14.22 18.08
C ARG A 86 14.27 -12.91 17.33
N THR A 87 15.30 -12.09 17.27
CA THR A 87 15.21 -10.80 16.58
C THR A 87 16.30 -10.67 15.52
N PHE A 88 17.56 -10.73 15.95
CA PHE A 88 18.69 -10.61 15.05
C PHE A 88 18.67 -9.27 14.31
N MET A 1 22.47 21.57 -23.53
CA MET A 1 21.53 22.43 -24.29
C MET A 1 20.24 22.66 -23.51
N HIS A 2 20.35 22.66 -22.19
CA HIS A 2 19.19 22.86 -21.33
C HIS A 2 19.61 23.21 -19.91
N HIS A 3 18.92 24.17 -19.30
CA HIS A 3 19.24 24.59 -17.94
C HIS A 3 18.02 24.46 -17.04
N HIS A 4 18.06 23.47 -16.15
CA HIS A 4 16.96 23.24 -15.22
C HIS A 4 17.45 23.24 -13.77
N HIS A 5 17.17 24.31 -13.06
CA HIS A 5 17.58 24.43 -11.66
C HIS A 5 16.50 23.91 -10.72
N HIS A 6 16.92 23.20 -9.68
CA HIS A 6 15.98 22.64 -8.72
C HIS A 6 15.93 23.49 -7.45
N HIS A 7 14.99 23.18 -6.56
CA HIS A 7 14.84 23.93 -5.32
C HIS A 7 14.44 23.00 -4.18
N LEU A 8 13.43 22.16 -4.44
CA LEU A 8 12.94 21.23 -3.44
C LEU A 8 12.62 19.88 -4.07
N VAL A 9 13.64 19.02 -4.19
CA VAL A 9 13.46 17.70 -4.77
C VAL A 9 12.65 16.79 -3.85
N PRO A 10 11.41 16.43 -4.25
CA PRO A 10 10.54 15.57 -3.44
C PRO A 10 11.14 14.18 -3.24
N ARG A 11 10.84 13.57 -2.10
CA ARG A 11 11.35 12.24 -1.79
C ARG A 11 10.30 11.17 -2.09
N GLY A 12 9.02 11.54 -1.94
CA GLY A 12 7.94 10.62 -2.21
C GLY A 12 6.68 11.32 -2.67
N SER A 13 6.76 11.99 -3.81
CA SER A 13 5.62 12.71 -4.36
C SER A 13 4.45 11.77 -4.62
N ILE A 14 4.77 10.52 -4.97
CA ILE A 14 3.74 9.52 -5.24
C ILE A 14 3.58 8.57 -4.07
N LEU A 15 4.67 8.30 -3.37
CA LEU A 15 4.65 7.40 -2.21
C LEU A 15 3.91 8.03 -1.04
N LYS A 16 3.96 9.36 -0.95
CA LYS A 16 3.30 10.08 0.12
C LYS A 16 1.78 9.96 0.01
N GLU A 17 1.29 9.82 -1.22
CA GLU A 17 -0.14 9.70 -1.46
C GLU A 17 -0.60 8.25 -1.34
N VAL A 18 0.30 7.32 -1.69
CA VAL A 18 -0.01 5.90 -1.61
C VAL A 18 -0.06 5.42 -0.16
N THR A 19 0.69 6.09 0.70
CA THR A 19 0.72 5.72 2.12
C THR A 19 -0.59 6.08 2.81
N SER A 20 -1.33 7.01 2.23
CA SER A 20 -2.61 7.44 2.80
C SER A 20 -3.76 6.61 2.25
N VAL A 21 -3.90 6.59 0.92
CA VAL A 21 -4.96 5.84 0.27
C VAL A 21 -4.92 4.35 0.65
N VAL A 22 -3.74 3.88 1.01
CA VAL A 22 -3.56 2.48 1.39
C VAL A 22 -4.12 2.21 2.78
N GLU A 23 -3.86 3.13 3.70
CA GLU A 23 -4.33 2.99 5.08
C GLU A 23 -5.82 3.33 5.18
N GLN A 24 -6.29 4.21 4.30
CA GLN A 24 -7.68 4.62 4.31
C GLN A 24 -8.60 3.46 3.96
N ALA A 25 -8.24 2.71 2.92
CA ALA A 25 -9.03 1.56 2.49
C ALA A 25 -9.09 0.49 3.56
N TRP A 26 -7.99 0.34 4.31
CA TRP A 26 -7.93 -0.65 5.39
C TRP A 26 -8.95 -0.35 6.47
N LYS A 27 -9.28 0.92 6.64
CA LYS A 27 -10.24 1.34 7.66
C LYS A 27 -11.63 0.79 7.35
N LEU A 28 -11.87 0.45 6.07
CA LEU A 28 -13.16 -0.08 5.66
C LEU A 28 -13.25 -1.58 5.93
N PRO A 29 -14.47 -2.12 6.07
CA PRO A 29 -14.69 -3.55 6.33
C PRO A 29 -14.04 -4.43 5.27
N GLU A 30 -14.45 -4.24 4.01
CA GLU A 30 -13.92 -5.02 2.90
C GLU A 30 -14.54 -4.58 1.59
N SER A 31 -15.83 -4.29 1.62
CA SER A 31 -16.55 -3.86 0.42
C SER A 31 -15.88 -2.64 -0.21
N GLU A 32 -15.79 -1.56 0.54
CA GLU A 32 -15.16 -0.33 0.06
C GLU A 32 -13.65 -0.51 0.00
N ARG A 33 -13.10 -1.29 0.92
CA ARG A 33 -11.66 -1.53 0.97
C ARG A 33 -11.13 -1.99 -0.38
N LYS A 34 -11.55 -3.18 -0.81
CA LYS A 34 -11.12 -3.73 -2.09
C LYS A 34 -11.37 -2.75 -3.23
N LYS A 35 -12.35 -1.86 -3.05
CA LYS A 35 -12.69 -0.88 -4.05
C LYS A 35 -11.51 0.04 -4.34
N ILE A 36 -10.67 0.26 -3.34
CA ILE A 36 -9.49 1.12 -3.49
C ILE A 36 -8.30 0.33 -4.04
N ILE A 37 -8.16 -0.91 -3.58
CA ILE A 37 -7.06 -1.76 -4.02
C ILE A 37 -7.27 -2.22 -5.46
N ARG A 38 -8.53 -2.29 -5.89
CA ARG A 38 -8.86 -2.71 -7.24
C ARG A 38 -8.63 -1.58 -8.23
N ARG A 39 -9.00 -0.37 -7.83
CA ARG A 39 -8.84 0.80 -8.68
C ARG A 39 -7.38 1.24 -8.75
N LEU A 40 -6.69 1.15 -7.62
CA LEU A 40 -5.29 1.54 -7.55
C LEU A 40 -4.41 0.55 -8.31
N TYR A 41 -4.84 -0.71 -8.35
CA TYR A 41 -4.10 -1.75 -9.05
C TYR A 41 -4.37 -1.71 -10.54
N LEU A 42 -5.57 -1.27 -10.91
CA LEU A 42 -5.95 -1.18 -12.31
C LEU A 42 -5.55 0.18 -12.89
N LYS A 43 -5.53 1.20 -12.05
CA LYS A 43 -5.17 2.54 -12.48
C LYS A 43 -3.67 2.67 -12.68
N TRP A 44 -2.90 2.02 -11.80
CA TRP A 44 -1.45 2.05 -11.87
C TRP A 44 -0.91 0.85 -12.62
N HIS A 45 -1.56 0.49 -13.72
CA HIS A 45 -1.14 -0.65 -14.53
C HIS A 45 -0.36 -0.18 -15.74
N PRO A 46 0.72 -0.90 -16.11
CA PRO A 46 1.56 -0.55 -17.26
C PRO A 46 0.84 -0.81 -18.59
N ASP A 47 -0.08 -1.77 -18.58
CA ASP A 47 -0.83 -2.12 -19.79
C ASP A 47 -1.76 -0.98 -20.19
N LYS A 48 -2.43 -0.39 -19.21
CA LYS A 48 -3.35 0.71 -19.46
C LYS A 48 -2.71 2.05 -19.12
N ASN A 49 -1.46 2.24 -19.55
CA ASN A 49 -0.75 3.48 -19.29
C ASN A 49 0.25 3.78 -20.41
N PRO A 50 0.77 5.02 -20.47
CA PRO A 50 1.73 5.43 -21.50
C PRO A 50 2.99 4.56 -21.49
N GLU A 51 4.06 5.08 -22.06
CA GLU A 51 5.32 4.36 -22.13
C GLU A 51 6.10 4.52 -20.83
N ASN A 52 5.50 4.08 -19.73
CA ASN A 52 6.14 4.16 -18.42
C ASN A 52 6.23 2.79 -17.77
N HIS A 53 7.41 2.19 -17.83
CA HIS A 53 7.63 0.87 -17.25
C HIS A 53 8.20 0.99 -15.84
N ASP A 54 9.09 1.95 -15.64
CA ASP A 54 9.71 2.16 -14.34
C ASP A 54 8.81 2.99 -13.42
N ILE A 55 8.30 4.10 -13.95
CA ILE A 55 7.41 4.98 -13.19
C ILE A 55 6.19 4.22 -12.68
N ALA A 56 5.81 3.17 -13.39
CA ALA A 56 4.65 2.36 -13.01
C ALA A 56 5.05 1.24 -12.06
N ASN A 57 6.17 0.59 -12.34
CA ASN A 57 6.67 -0.49 -11.50
C ASN A 57 7.11 0.02 -10.14
N GLU A 58 7.73 1.18 -10.12
CA GLU A 58 8.20 1.78 -8.88
C GLU A 58 7.05 1.99 -7.90
N VAL A 59 5.91 2.44 -8.41
CA VAL A 59 4.74 2.68 -7.58
C VAL A 59 4.01 1.37 -7.28
N PHE A 60 4.07 0.43 -8.22
CA PHE A 60 3.41 -0.86 -8.06
C PHE A 60 4.04 -1.66 -6.92
N LYS A 61 5.35 -1.50 -6.74
CA LYS A 61 6.07 -2.21 -5.70
C LYS A 61 5.65 -1.71 -4.32
N HIS A 62 5.60 -0.39 -4.16
CA HIS A 62 5.21 0.22 -2.90
C HIS A 62 3.81 -0.23 -2.47
N LEU A 63 2.97 -0.52 -3.45
CA LEU A 63 1.60 -0.97 -3.18
C LEU A 63 1.58 -2.44 -2.78
N GLN A 64 2.03 -3.30 -3.69
CA GLN A 64 2.06 -4.74 -3.43
C GLN A 64 2.81 -5.06 -2.15
N ASN A 65 3.73 -4.19 -1.76
CA ASN A 65 4.52 -4.39 -0.55
C ASN A 65 3.77 -3.87 0.67
N GLU A 66 2.91 -2.87 0.48
CA GLU A 66 2.15 -2.29 1.57
C GLU A 66 0.96 -3.18 1.95
N ILE A 67 0.45 -3.92 0.98
CA ILE A 67 -0.69 -4.81 1.21
C ILE A 67 -0.31 -5.93 2.18
N ASN A 68 0.61 -6.79 1.75
CA ASN A 68 1.05 -7.91 2.58
C ASN A 68 1.50 -7.44 3.96
N ARG A 69 1.92 -6.18 4.04
CA ARG A 69 2.37 -5.61 5.31
C ARG A 69 1.23 -5.57 6.33
N LEU A 70 0.09 -5.06 5.91
CA LEU A 70 -1.08 -4.97 6.79
C LEU A 70 -1.97 -6.20 6.65
N GLU A 71 -2.18 -6.64 5.42
CA GLU A 71 -3.01 -7.80 5.15
C GLU A 71 -2.51 -9.03 5.92
N LYS A 72 -1.22 -9.02 6.27
CA LYS A 72 -0.63 -10.13 7.00
C LYS A 72 -0.82 -9.97 8.50
N GLN A 73 -0.52 -8.78 9.01
CA GLN A 73 -0.67 -8.49 10.43
C GLN A 73 -2.14 -8.38 10.82
N ALA A 74 -2.97 -7.96 9.86
CA ALA A 74 -4.40 -7.81 10.11
C ALA A 74 -5.18 -9.01 9.58
N PHE A 75 -4.66 -10.20 9.83
CA PHE A 75 -5.30 -11.43 9.38
C PHE A 75 -4.71 -12.65 10.07
N LEU A 76 -3.41 -12.88 9.86
CA LEU A 76 -2.73 -14.01 10.46
C LEU A 76 -2.80 -13.94 11.98
N ASP A 77 -3.84 -14.56 12.55
CA ASP A 77 -4.03 -14.56 14.00
C ASP A 77 -4.43 -15.95 14.48
N GLN A 78 -5.59 -16.41 14.04
CA GLN A 78 -6.10 -17.72 14.42
C GLN A 78 -6.35 -17.80 15.92
N ASN A 79 -5.28 -18.00 16.69
CA ASN A 79 -5.39 -18.09 18.15
C ASN A 79 -4.01 -18.07 18.80
N ALA A 80 -3.33 -16.93 18.71
CA ALA A 80 -2.00 -16.79 19.28
C ALA A 80 -1.02 -17.77 18.66
N ASP A 81 -0.71 -17.57 17.38
CA ASP A 81 0.21 -18.44 16.66
C ASP A 81 -0.38 -19.83 16.46
N ARG A 82 -0.56 -20.56 17.55
CA ARG A 82 -1.12 -21.91 17.48
C ARG A 82 -1.47 -22.43 18.88
N ALA A 83 -0.44 -22.72 19.67
CA ALA A 83 -0.64 -23.21 21.03
C ALA A 83 0.59 -22.96 21.89
N SER A 84 1.76 -23.26 21.34
CA SER A 84 3.02 -23.05 22.07
C SER A 84 3.15 -24.04 23.22
N ARG A 85 2.27 -23.90 24.21
CA ARG A 85 2.28 -24.78 25.38
C ARG A 85 3.58 -24.62 26.16
N ARG A 86 3.47 -24.61 27.49
CA ARG A 86 4.64 -24.47 28.35
C ARG A 86 5.43 -25.77 28.41
N THR A 87 4.87 -26.77 29.08
CA THR A 87 5.52 -28.07 29.21
C THR A 87 4.62 -29.19 28.71
N PHE A 88 3.44 -29.29 29.29
CA PHE A 88 2.48 -30.32 28.91
C PHE A 88 1.14 -29.70 28.52
N MET A 1 28.23 14.70 -15.41
CA MET A 1 28.04 13.69 -16.49
C MET A 1 27.08 14.21 -17.56
N HIS A 2 27.29 13.78 -18.80
CA HIS A 2 26.44 14.20 -19.91
C HIS A 2 25.81 12.99 -20.60
N HIS A 3 25.45 11.98 -19.81
CA HIS A 3 24.84 10.77 -20.34
C HIS A 3 23.88 10.17 -19.33
N HIS A 4 22.70 10.77 -19.20
CA HIS A 4 21.68 10.29 -18.27
C HIS A 4 20.31 10.17 -18.93
N HIS A 5 20.27 10.40 -20.24
CA HIS A 5 19.02 10.32 -21.00
C HIS A 5 18.07 11.44 -20.59
N HIS A 6 17.54 11.35 -19.37
CA HIS A 6 16.61 12.36 -18.86
C HIS A 6 16.43 12.21 -17.36
N HIS A 7 15.75 13.18 -16.75
CA HIS A 7 15.50 13.15 -15.31
C HIS A 7 14.18 13.83 -14.97
N LEU A 8 13.43 13.22 -14.06
CA LEU A 8 12.14 13.77 -13.65
C LEU A 8 11.99 13.71 -12.13
N VAL A 9 11.23 14.65 -11.58
CA VAL A 9 11.02 14.71 -10.14
C VAL A 9 9.53 14.63 -9.80
N PRO A 10 9.17 13.93 -8.71
CA PRO A 10 7.78 13.79 -8.29
C PRO A 10 7.08 15.14 -8.13
N ARG A 11 6.23 15.47 -9.10
CA ARG A 11 5.50 16.74 -9.06
C ARG A 11 4.44 16.73 -7.97
N GLY A 12 3.81 15.59 -7.76
CA GLY A 12 2.79 15.47 -6.74
C GLY A 12 3.23 14.60 -5.57
N SER A 13 3.28 13.29 -5.81
CA SER A 13 3.69 12.35 -4.78
C SER A 13 3.79 10.93 -5.34
N ILE A 14 2.64 10.35 -5.68
CA ILE A 14 2.60 9.00 -6.23
C ILE A 14 2.97 7.96 -5.17
N LEU A 15 4.24 7.95 -4.78
CA LEU A 15 4.72 7.01 -3.78
C LEU A 15 4.02 7.23 -2.44
N LYS A 16 4.38 8.33 -1.77
CA LYS A 16 3.78 8.65 -0.47
C LYS A 16 2.26 8.70 -0.57
N GLU A 17 1.75 8.95 -1.77
CA GLU A 17 0.32 9.02 -2.00
C GLU A 17 -0.34 7.66 -1.80
N VAL A 18 0.42 6.60 -2.09
CA VAL A 18 -0.07 5.23 -1.94
C VAL A 18 -0.21 4.86 -0.48
N THR A 19 0.73 5.32 0.34
CA THR A 19 0.71 5.03 1.77
C THR A 19 -0.46 5.73 2.46
N SER A 20 -0.88 6.86 1.91
CA SER A 20 -1.99 7.62 2.48
C SER A 20 -3.33 7.04 2.06
N VAL A 21 -3.47 6.75 0.76
CA VAL A 21 -4.70 6.19 0.23
C VAL A 21 -4.98 4.80 0.82
N VAL A 22 -3.94 3.98 0.91
CA VAL A 22 -4.07 2.64 1.45
C VAL A 22 -4.58 2.67 2.89
N GLU A 23 -4.02 3.56 3.69
CA GLU A 23 -4.42 3.69 5.09
C GLU A 23 -5.81 4.28 5.21
N GLN A 24 -6.18 5.13 4.26
CA GLN A 24 -7.49 5.77 4.25
C GLN A 24 -8.58 4.77 3.89
N ALA A 25 -8.22 3.78 3.06
CA ALA A 25 -9.17 2.76 2.65
C ALA A 25 -9.43 1.74 3.75
N TRP A 26 -8.37 1.42 4.50
CA TRP A 26 -8.48 0.47 5.60
C TRP A 26 -9.57 0.88 6.59
N LYS A 27 -9.83 2.18 6.67
CA LYS A 27 -10.85 2.69 7.58
C LYS A 27 -12.20 2.06 7.30
N LEU A 28 -12.43 1.68 6.04
CA LEU A 28 -13.69 1.06 5.64
C LEU A 28 -13.68 -0.44 5.95
N PRO A 29 -14.86 -1.04 6.14
CA PRO A 29 -14.99 -2.47 6.44
C PRO A 29 -14.33 -3.34 5.37
N GLU A 30 -14.96 -3.44 4.21
CA GLU A 30 -14.43 -4.25 3.12
C GLU A 30 -15.12 -3.91 1.80
N SER A 31 -16.44 -3.74 1.85
CA SER A 31 -17.22 -3.42 0.66
C SER A 31 -16.67 -2.19 -0.05
N GLU A 32 -16.45 -1.13 0.72
CA GLU A 32 -15.92 0.12 0.18
C GLU A 32 -14.40 0.17 0.29
N ARG A 33 -13.85 -0.62 1.22
CA ARG A 33 -12.40 -0.66 1.42
C ARG A 33 -11.68 -1.17 0.18
N LYS A 34 -12.12 -2.33 -0.31
CA LYS A 34 -11.51 -2.94 -1.48
C LYS A 34 -11.66 -2.04 -2.72
N LYS A 35 -12.65 -1.15 -2.69
CA LYS A 35 -12.90 -0.24 -3.80
C LYS A 35 -11.67 0.62 -4.08
N ILE A 36 -10.90 0.93 -3.04
CA ILE A 36 -9.72 1.75 -3.19
C ILE A 36 -8.54 0.93 -3.71
N ILE A 37 -8.31 -0.23 -3.10
CA ILE A 37 -7.23 -1.12 -3.50
C ILE A 37 -7.45 -1.65 -4.91
N ARG A 38 -8.72 -1.75 -5.31
CA ARG A 38 -9.06 -2.25 -6.64
C ARG A 38 -8.83 -1.19 -7.71
N ARG A 39 -9.03 0.07 -7.34
CA ARG A 39 -8.83 1.17 -8.27
C ARG A 39 -7.34 1.46 -8.46
N LEU A 40 -6.57 1.28 -7.41
CA LEU A 40 -5.13 1.52 -7.46
C LEU A 40 -4.40 0.33 -8.08
N TYR A 41 -4.94 -0.86 -7.86
CA TYR A 41 -4.34 -2.08 -8.40
C TYR A 41 -4.62 -2.21 -9.88
N LEU A 42 -5.77 -1.72 -10.31
CA LEU A 42 -6.17 -1.79 -11.71
C LEU A 42 -5.88 -0.47 -12.42
N LYS A 43 -4.85 0.23 -11.96
CA LYS A 43 -4.46 1.50 -12.54
C LYS A 43 -2.95 1.64 -12.62
N TRP A 44 -2.26 1.24 -11.56
CA TRP A 44 -0.81 1.31 -11.51
C TRP A 44 -0.17 -0.02 -11.93
N HIS A 45 -0.81 -0.71 -12.88
CA HIS A 45 -0.32 -1.99 -13.35
C HIS A 45 0.60 -1.79 -14.56
N PRO A 46 1.69 -2.59 -14.66
CA PRO A 46 2.63 -2.50 -15.77
C PRO A 46 2.02 -2.94 -17.09
N ASP A 47 1.03 -3.83 -17.01
CA ASP A 47 0.36 -4.34 -18.21
C ASP A 47 -0.65 -3.32 -18.74
N LYS A 48 -1.22 -2.54 -17.84
CA LYS A 48 -2.21 -1.54 -18.22
C LYS A 48 -1.61 -0.13 -18.11
N ASN A 49 -0.35 0.00 -18.52
CA ASN A 49 0.34 1.29 -18.48
C ASN A 49 1.26 1.45 -19.69
N PRO A 50 1.68 2.70 -19.97
CA PRO A 50 2.57 2.99 -21.10
C PRO A 50 3.88 2.21 -21.02
N GLU A 51 4.90 2.70 -21.72
CA GLU A 51 6.21 2.04 -21.74
C GLU A 51 6.93 2.23 -20.40
N ASN A 52 6.40 3.10 -19.54
CA ASN A 52 7.00 3.36 -18.24
C ASN A 52 7.24 2.05 -17.47
N HIS A 53 8.47 1.56 -17.54
CA HIS A 53 8.82 0.32 -16.85
C HIS A 53 9.43 0.60 -15.48
N ASP A 54 10.11 1.74 -15.36
CA ASP A 54 10.74 2.13 -14.11
C ASP A 54 9.73 2.78 -13.16
N ILE A 55 8.80 3.54 -13.73
CA ILE A 55 7.77 4.21 -12.93
C ILE A 55 6.72 3.22 -12.45
N ALA A 56 6.22 2.40 -13.37
CA ALA A 56 5.20 1.40 -13.03
C ALA A 56 5.71 0.43 -11.98
N ASN A 57 6.91 -0.07 -12.17
CA ASN A 57 7.51 -1.02 -11.23
C ASN A 57 7.72 -0.37 -9.87
N GLU A 58 8.10 0.90 -9.87
CA GLU A 58 8.34 1.63 -8.63
C GLU A 58 7.08 1.67 -7.77
N VAL A 59 6.01 2.25 -8.33
CA VAL A 59 4.75 2.35 -7.61
C VAL A 59 4.21 0.98 -7.24
N PHE A 60 4.29 0.05 -8.18
CA PHE A 60 3.80 -1.31 -7.97
C PHE A 60 4.61 -2.02 -6.89
N LYS A 61 5.91 -1.73 -6.85
CA LYS A 61 6.81 -2.34 -5.88
C LYS A 61 6.45 -1.90 -4.46
N HIS A 62 5.92 -0.69 -4.34
CA HIS A 62 5.54 -0.15 -3.04
C HIS A 62 4.07 -0.46 -2.72
N LEU A 63 3.26 -0.60 -3.76
CA LEU A 63 1.84 -0.89 -3.58
C LEU A 63 1.63 -2.37 -3.25
N GLN A 64 2.10 -3.24 -4.14
CA GLN A 64 1.95 -4.68 -3.94
C GLN A 64 2.57 -5.13 -2.63
N ASN A 65 3.50 -4.34 -2.10
CA ASN A 65 4.16 -4.66 -0.85
C ASN A 65 3.47 -4.00 0.34
N GLU A 66 2.73 -2.94 0.08
CA GLU A 66 2.01 -2.22 1.14
C GLU A 66 0.71 -2.93 1.50
N ILE A 67 0.12 -3.62 0.53
CA ILE A 67 -1.13 -4.34 0.76
C ILE A 67 -0.94 -5.51 1.73
N ASN A 68 -0.13 -6.48 1.33
CA ASN A 68 0.13 -7.65 2.17
C ASN A 68 0.64 -7.24 3.54
N ARG A 69 1.35 -6.11 3.59
CA ARG A 69 1.90 -5.60 4.83
C ARG A 69 0.79 -5.33 5.85
N LEU A 70 -0.20 -4.55 5.43
CA LEU A 70 -1.33 -4.21 6.30
C LEU A 70 -2.33 -5.35 6.37
N GLU A 71 -2.64 -5.92 5.21
CA GLU A 71 -3.60 -7.03 5.13
C GLU A 71 -3.14 -8.20 6.00
N LYS A 72 -1.84 -8.30 6.22
CA LYS A 72 -1.28 -9.37 7.04
C LYS A 72 -1.51 -9.11 8.52
N GLN A 73 -0.92 -8.03 9.03
CA GLN A 73 -1.06 -7.67 10.43
C GLN A 73 -2.52 -7.46 10.80
N ALA A 74 -3.30 -6.97 9.86
CA ALA A 74 -4.73 -6.72 10.08
C ALA A 74 -5.46 -8.00 10.45
N PHE A 75 -4.95 -9.13 9.96
CA PHE A 75 -5.56 -10.43 10.23
C PHE A 75 -5.52 -10.74 11.72
N LEU A 76 -4.45 -10.33 12.38
CA LEU A 76 -4.29 -10.57 13.81
C LEU A 76 -5.45 -9.94 14.60
N ASP A 77 -5.57 -8.63 14.50
CA ASP A 77 -6.63 -7.91 15.21
C ASP A 77 -7.97 -8.07 14.49
N GLN A 78 -8.74 -9.06 14.93
CA GLN A 78 -10.05 -9.33 14.33
C GLN A 78 -11.00 -9.95 15.35
N ASN A 79 -10.68 -11.16 15.78
CA ASN A 79 -11.51 -11.86 16.76
C ASN A 79 -10.83 -11.89 18.13
N ALA A 80 -9.51 -12.03 18.13
CA ALA A 80 -8.75 -12.07 19.37
C ALA A 80 -9.18 -13.25 20.24
N ASP A 81 -8.61 -13.33 21.45
CA ASP A 81 -8.93 -14.40 22.37
C ASP A 81 -9.56 -13.85 23.66
N ARG A 82 -8.74 -13.21 24.48
CA ARG A 82 -9.21 -12.63 25.73
C ARG A 82 -8.51 -11.30 26.01
N ALA A 83 -9.32 -10.24 26.14
CA ALA A 83 -8.79 -8.91 26.40
C ALA A 83 -9.16 -8.45 27.81
N SER A 84 -8.39 -7.50 28.33
CA SER A 84 -8.63 -6.97 29.67
C SER A 84 -8.96 -5.48 29.61
N ARG A 85 -8.28 -4.75 28.74
CA ARG A 85 -8.51 -3.32 28.59
C ARG A 85 -8.16 -2.58 29.88
N ARG A 86 -7.58 -1.39 29.74
CA ARG A 86 -7.21 -0.58 30.89
C ARG A 86 -7.48 0.90 30.62
N THR A 87 -7.23 1.72 31.64
CA THR A 87 -7.45 3.17 31.52
C THR A 87 -8.91 3.47 31.20
N PHE A 88 -9.68 3.80 32.23
CA PHE A 88 -11.09 4.12 32.06
C PHE A 88 -11.84 2.93 31.47
N MET A 1 15.43 32.28 -6.83
CA MET A 1 15.49 31.71 -5.46
C MET A 1 14.24 30.88 -5.16
N HIS A 2 13.07 31.47 -5.39
CA HIS A 2 11.81 30.78 -5.15
C HIS A 2 10.83 31.04 -6.28
N HIS A 3 10.50 29.98 -7.02
CA HIS A 3 9.57 30.08 -8.14
C HIS A 3 8.73 28.81 -8.26
N HIS A 4 9.40 27.66 -8.23
CA HIS A 4 8.71 26.38 -8.34
C HIS A 4 9.46 25.29 -7.57
N HIS A 5 9.32 25.32 -6.25
CA HIS A 5 9.99 24.33 -5.40
C HIS A 5 9.17 24.06 -4.14
N HIS A 6 8.97 22.78 -3.83
CA HIS A 6 8.20 22.40 -2.65
C HIS A 6 8.59 20.99 -2.19
N HIS A 7 9.85 20.64 -2.40
CA HIS A 7 10.35 19.33 -2.00
C HIS A 7 10.99 19.39 -0.62
N LEU A 8 10.82 18.32 0.16
CA LEU A 8 11.38 18.25 1.50
C LEU A 8 11.93 16.86 1.79
N VAL A 9 11.06 15.95 2.23
CA VAL A 9 11.46 14.59 2.54
C VAL A 9 11.33 13.67 1.34
N PRO A 10 10.18 13.70 0.64
CA PRO A 10 9.94 12.86 -0.53
C PRO A 10 10.50 13.47 -1.82
N ARG A 11 10.35 12.74 -2.92
CA ARG A 11 10.83 13.22 -4.21
C ARG A 11 9.73 13.13 -5.26
N GLY A 12 8.80 14.08 -5.21
CA GLY A 12 7.70 14.09 -6.16
C GLY A 12 6.36 13.78 -5.51
N SER A 13 6.41 13.18 -4.32
CA SER A 13 5.20 12.83 -3.59
C SER A 13 4.36 11.82 -4.37
N ILE A 14 4.74 10.55 -4.28
CA ILE A 14 4.03 9.48 -4.98
C ILE A 14 3.80 8.29 -4.06
N LEU A 15 4.86 7.84 -3.40
CA LEU A 15 4.76 6.71 -2.49
C LEU A 15 4.02 7.08 -1.22
N LYS A 16 4.31 8.26 -0.68
CA LYS A 16 3.67 8.74 0.53
C LYS A 16 2.16 8.84 0.35
N GLU A 17 1.74 9.12 -0.88
CA GLU A 17 0.33 9.25 -1.19
C GLU A 17 -0.35 7.89 -1.24
N VAL A 18 0.41 6.86 -1.63
CA VAL A 18 -0.12 5.51 -1.73
C VAL A 18 -0.14 4.84 -0.36
N THR A 19 0.75 5.27 0.53
CA THR A 19 0.84 4.69 1.87
C THR A 19 -0.28 5.24 2.77
N SER A 20 -0.81 6.41 2.42
CA SER A 20 -1.86 7.03 3.21
C SER A 20 -3.24 6.54 2.77
N VAL A 21 -3.41 6.35 1.47
CA VAL A 21 -4.68 5.88 0.93
C VAL A 21 -4.85 4.38 1.11
N VAL A 22 -3.73 3.65 1.15
CA VAL A 22 -3.76 2.21 1.33
C VAL A 22 -4.21 1.83 2.74
N GLU A 23 -3.84 2.65 3.71
CA GLU A 23 -4.21 2.41 5.11
C GLU A 23 -5.63 2.88 5.39
N GLN A 24 -6.07 3.90 4.65
CA GLN A 24 -7.41 4.44 4.83
C GLN A 24 -8.47 3.47 4.32
N ALA A 25 -8.16 2.77 3.23
CA ALA A 25 -9.08 1.81 2.64
C ALA A 25 -9.32 0.63 3.57
N TRP A 26 -8.29 0.24 4.30
CA TRP A 26 -8.38 -0.88 5.24
C TRP A 26 -9.53 -0.67 6.23
N LYS A 27 -9.88 0.59 6.47
CA LYS A 27 -10.96 0.92 7.40
C LYS A 27 -12.26 0.27 6.96
N LEU A 28 -12.42 0.06 5.66
CA LEU A 28 -13.63 -0.54 5.11
C LEU A 28 -13.52 -2.06 5.12
N PRO A 29 -14.66 -2.78 5.18
CA PRO A 29 -14.69 -4.24 5.19
C PRO A 29 -13.99 -4.84 3.98
N GLU A 30 -14.65 -4.79 2.83
CA GLU A 30 -14.08 -5.33 1.59
C GLU A 30 -14.78 -4.73 0.36
N SER A 31 -16.11 -4.65 0.43
CA SER A 31 -16.89 -4.10 -0.69
C SER A 31 -16.39 -2.71 -1.06
N GLU A 32 -16.29 -1.83 -0.05
CA GLU A 32 -15.83 -0.47 -0.29
C GLU A 32 -14.31 -0.38 -0.19
N ARG A 33 -13.70 -1.34 0.51
CA ARG A 33 -12.25 -1.38 0.68
C ARG A 33 -11.55 -1.64 -0.65
N LYS A 34 -11.96 -2.71 -1.33
CA LYS A 34 -11.37 -3.09 -2.61
C LYS A 34 -11.54 -1.96 -3.63
N LYS A 35 -12.57 -1.14 -3.45
CA LYS A 35 -12.84 -0.02 -4.35
C LYS A 35 -11.63 0.90 -4.45
N ILE A 36 -10.86 0.98 -3.37
CA ILE A 36 -9.68 1.84 -3.33
C ILE A 36 -8.45 1.09 -3.80
N ILE A 37 -8.42 -0.21 -3.56
CA ILE A 37 -7.29 -1.05 -3.96
C ILE A 37 -7.34 -1.34 -5.46
N ARG A 38 -8.53 -1.63 -5.96
CA ARG A 38 -8.70 -1.93 -7.38
C ARG A 38 -8.53 -0.67 -8.23
N ARG A 39 -8.94 0.46 -7.68
CA ARG A 39 -8.84 1.73 -8.39
C ARG A 39 -7.38 2.04 -8.73
N LEU A 40 -6.53 2.07 -7.71
CA LEU A 40 -5.12 2.34 -7.91
C LEU A 40 -4.43 1.21 -8.66
N TYR A 41 -4.79 -0.02 -8.32
CA TYR A 41 -4.21 -1.20 -8.96
C TYR A 41 -4.49 -1.18 -10.47
N LEU A 42 -5.61 -0.60 -10.86
CA LEU A 42 -5.99 -0.53 -12.26
C LEU A 42 -5.59 0.82 -12.86
N LYS A 43 -5.62 1.86 -12.03
CA LYS A 43 -5.27 3.20 -12.48
C LYS A 43 -3.76 3.34 -12.69
N TRP A 44 -2.99 2.67 -11.84
CA TRP A 44 -1.53 2.71 -11.92
C TRP A 44 -0.99 1.50 -12.67
N HIS A 45 -1.70 1.09 -13.72
CA HIS A 45 -1.29 -0.06 -14.51
C HIS A 45 -0.40 0.37 -15.67
N PRO A 46 0.77 -0.26 -15.83
CA PRO A 46 1.71 0.07 -16.92
C PRO A 46 1.04 0.03 -18.29
N ASP A 47 0.17 -0.95 -18.49
CA ASP A 47 -0.53 -1.10 -19.75
C ASP A 47 -1.49 0.06 -19.99
N LYS A 48 -2.07 0.58 -18.90
CA LYS A 48 -3.01 1.69 -19.00
C LYS A 48 -2.27 3.00 -19.27
N ASN A 49 -1.10 3.16 -18.66
CA ASN A 49 -0.30 4.36 -18.84
C ASN A 49 0.36 4.38 -20.21
N PRO A 50 0.62 5.57 -20.77
CA PRO A 50 1.26 5.72 -22.08
C PRO A 50 2.55 4.93 -22.19
N GLU A 51 3.53 5.29 -21.35
CA GLU A 51 4.82 4.63 -21.34
C GLU A 51 5.56 4.86 -20.03
N ASN A 52 5.35 3.97 -19.07
CA ASN A 52 5.99 4.10 -17.77
C ASN A 52 6.46 2.74 -17.27
N HIS A 53 7.67 2.35 -17.67
CA HIS A 53 8.24 1.07 -17.26
C HIS A 53 8.96 1.18 -15.92
N ASP A 54 9.09 2.40 -15.41
CA ASP A 54 9.76 2.62 -14.13
C ASP A 54 8.82 3.28 -13.13
N ILE A 55 8.16 4.35 -13.56
CA ILE A 55 7.23 5.07 -12.69
C ILE A 55 6.09 4.17 -12.23
N ALA A 56 5.70 3.24 -13.09
CA ALA A 56 4.62 2.31 -12.77
C ALA A 56 5.10 1.20 -11.85
N ASN A 57 6.18 0.52 -12.25
CA ASN A 57 6.73 -0.57 -11.45
C ASN A 57 7.06 -0.10 -10.04
N GLU A 58 7.57 1.12 -9.92
CA GLU A 58 7.93 1.69 -8.61
C GLU A 58 6.70 1.75 -7.71
N VAL A 59 5.68 2.47 -8.15
CA VAL A 59 4.46 2.62 -7.38
C VAL A 59 3.80 1.27 -7.13
N PHE A 60 3.90 0.38 -8.10
CA PHE A 60 3.31 -0.95 -7.98
C PHE A 60 4.08 -1.80 -6.97
N LYS A 61 5.40 -1.69 -7.00
CA LYS A 61 6.26 -2.44 -6.09
C LYS A 61 5.93 -2.11 -4.64
N HIS A 62 5.71 -0.84 -4.36
CA HIS A 62 5.38 -0.39 -3.01
C HIS A 62 3.90 -0.61 -2.71
N LEU A 63 3.07 -0.51 -3.75
CA LEU A 63 1.64 -0.69 -3.60
C LEU A 63 1.31 -2.13 -3.21
N GLN A 64 2.12 -3.08 -3.72
CA GLN A 64 1.90 -4.49 -3.42
C GLN A 64 2.54 -4.87 -2.09
N ASN A 65 3.74 -4.34 -1.83
CA ASN A 65 4.45 -4.62 -0.60
C ASN A 65 3.64 -4.17 0.61
N GLU A 66 2.94 -3.05 0.47
CA GLU A 66 2.11 -2.52 1.54
C GLU A 66 0.95 -3.46 1.86
N ILE A 67 0.56 -4.26 0.88
CA ILE A 67 -0.54 -5.20 1.07
C ILE A 67 -0.19 -6.27 2.09
N ASN A 68 0.82 -7.07 1.76
CA ASN A 68 1.26 -8.15 2.66
C ASN A 68 1.57 -7.60 4.05
N ARG A 69 1.96 -6.34 4.11
CA ARG A 69 2.28 -5.70 5.39
C ARG A 69 1.09 -5.75 6.33
N LEU A 70 -0.09 -5.41 5.80
CA LEU A 70 -1.31 -5.41 6.60
C LEU A 70 -2.03 -6.75 6.48
N GLU A 71 -1.97 -7.35 5.29
CA GLU A 71 -2.62 -8.63 5.04
C GLU A 71 -2.03 -9.73 5.92
N LYS A 72 -0.85 -9.49 6.47
CA LYS A 72 -0.18 -10.46 7.32
C LYS A 72 -0.53 -10.22 8.79
N GLN A 73 -0.19 -9.05 9.29
CA GLN A 73 -0.47 -8.69 10.69
C GLN A 73 -1.97 -8.69 10.96
N ALA A 74 -2.76 -8.37 9.93
CA ALA A 74 -4.21 -8.35 10.07
C ALA A 74 -4.84 -9.65 9.58
N PHE A 75 -4.25 -10.77 9.97
CA PHE A 75 -4.77 -12.08 9.58
C PHE A 75 -4.33 -13.16 10.57
N LEU A 76 -3.06 -13.14 10.94
CA LEU A 76 -2.53 -14.11 11.89
C LEU A 76 -2.98 -13.79 13.31
N ASP A 77 -3.17 -12.51 13.60
CA ASP A 77 -3.60 -12.07 14.93
C ASP A 77 -5.05 -11.61 14.89
N GLN A 78 -5.96 -12.54 15.16
CA GLN A 78 -7.39 -12.23 15.17
C GLN A 78 -8.17 -13.29 15.94
N ASN A 79 -7.58 -13.80 17.01
CA ASN A 79 -8.22 -14.82 17.83
C ASN A 79 -9.54 -14.30 18.40
N ALA A 80 -10.64 -14.88 17.95
CA ALA A 80 -11.96 -14.49 18.41
C ALA A 80 -13.03 -15.45 17.91
N ASP A 81 -12.93 -15.83 16.65
CA ASP A 81 -13.89 -16.76 16.05
C ASP A 81 -13.18 -17.88 15.31
N ARG A 82 -13.20 -19.08 15.89
CA ARG A 82 -12.55 -20.24 15.27
C ARG A 82 -13.58 -21.25 14.82
N ALA A 83 -14.47 -21.64 15.74
CA ALA A 83 -15.51 -22.61 15.42
C ALA A 83 -14.91 -23.95 14.99
N SER A 84 -15.03 -24.96 15.83
CA SER A 84 -14.50 -26.28 15.54
C SER A 84 -15.58 -27.18 14.97
N ARG A 85 -16.56 -27.52 15.80
CA ARG A 85 -17.66 -28.39 15.38
C ARG A 85 -17.14 -29.78 15.02
N ARG A 86 -17.75 -30.81 15.60
CA ARG A 86 -17.36 -32.19 15.35
C ARG A 86 -18.59 -33.06 15.09
N THR A 87 -18.63 -33.66 13.90
CA THR A 87 -19.74 -34.53 13.51
C THR A 87 -21.03 -33.73 13.37
N PHE A 88 -21.59 -33.30 14.50
CA PHE A 88 -22.82 -32.53 14.51
C PHE A 88 -23.98 -33.35 13.93
N MET A 1 -1.89 8.83 14.34
CA MET A 1 -1.01 9.45 15.36
C MET A 1 -0.43 8.41 16.31
N HIS A 2 0.79 7.96 16.01
CA HIS A 2 1.45 6.96 16.84
C HIS A 2 2.96 7.20 16.88
N HIS A 3 3.49 7.39 18.07
CA HIS A 3 4.92 7.64 18.26
C HIS A 3 5.34 8.93 17.57
N HIS A 4 6.23 9.67 18.22
CA HIS A 4 6.72 10.94 17.68
C HIS A 4 8.19 10.85 17.32
N HIS A 5 8.78 11.99 16.95
CA HIS A 5 10.18 12.02 16.57
C HIS A 5 10.44 11.17 15.33
N HIS A 6 10.54 11.83 14.18
CA HIS A 6 10.79 11.13 12.92
C HIS A 6 11.33 12.10 11.87
N HIS A 7 12.07 11.56 10.90
CA HIS A 7 12.65 12.36 9.84
C HIS A 7 11.71 12.41 8.63
N LEU A 8 11.32 11.24 8.14
CA LEU A 8 10.44 11.14 6.99
C LEU A 8 11.09 11.73 5.75
N VAL A 9 11.27 10.91 4.73
CA VAL A 9 11.89 11.35 3.48
C VAL A 9 11.13 10.82 2.27
N PRO A 10 10.24 11.65 1.69
CA PRO A 10 9.45 11.24 0.52
C PRO A 10 10.31 10.66 -0.59
N ARG A 11 9.91 9.48 -1.08
CA ARG A 11 10.65 8.80 -2.13
C ARG A 11 9.85 8.79 -3.43
N GLY A 12 10.15 9.74 -4.31
CA GLY A 12 9.45 9.83 -5.57
C GLY A 12 8.22 10.71 -5.52
N SER A 13 7.82 11.09 -4.30
CA SER A 13 6.65 11.94 -4.11
C SER A 13 5.37 11.21 -4.51
N ILE A 14 5.38 9.89 -4.36
CA ILE A 14 4.22 9.08 -4.71
C ILE A 14 3.85 8.14 -3.57
N LEU A 15 4.85 7.50 -2.98
CA LEU A 15 4.62 6.57 -1.88
C LEU A 15 3.93 7.28 -0.71
N LYS A 16 4.24 8.56 -0.53
CA LYS A 16 3.63 9.33 0.54
C LYS A 16 2.12 9.38 0.40
N GLU A 17 1.65 9.33 -0.84
CA GLU A 17 0.21 9.37 -1.12
C GLU A 17 -0.38 7.96 -1.09
N VAL A 18 0.42 6.99 -1.48
CA VAL A 18 -0.03 5.60 -1.50
C VAL A 18 -0.18 5.04 -0.09
N THR A 19 0.64 5.54 0.83
CA THR A 19 0.59 5.10 2.22
C THR A 19 -0.65 5.63 2.92
N SER A 20 -1.17 6.75 2.43
CA SER A 20 -2.35 7.36 3.02
C SER A 20 -3.63 6.72 2.48
N VAL A 21 -3.66 6.47 1.18
CA VAL A 21 -4.82 5.85 0.54
C VAL A 21 -4.97 4.39 0.96
N VAL A 22 -3.84 3.71 1.14
CA VAL A 22 -3.85 2.30 1.53
C VAL A 22 -4.35 2.14 2.95
N GLU A 23 -3.86 2.98 3.86
CA GLU A 23 -4.26 2.92 5.26
C GLU A 23 -5.75 3.21 5.41
N GLN A 24 -6.28 4.07 4.54
CA GLN A 24 -7.69 4.43 4.57
C GLN A 24 -8.55 3.33 3.96
N ALA A 25 -7.98 2.62 2.99
CA ALA A 25 -8.69 1.53 2.31
C ALA A 25 -8.86 0.33 3.23
N TRP A 26 -8.06 0.26 4.29
CA TRP A 26 -8.13 -0.85 5.23
C TRP A 26 -9.05 -0.51 6.41
N LYS A 27 -9.97 0.43 6.20
CA LYS A 27 -10.90 0.84 7.24
C LYS A 27 -12.33 0.41 6.88
N LEU A 28 -12.58 0.20 5.60
CA LEU A 28 -13.91 -0.21 5.14
C LEU A 28 -13.95 -1.71 4.88
N PRO A 29 -15.15 -2.28 4.71
CA PRO A 29 -15.31 -3.71 4.44
C PRO A 29 -14.80 -4.11 3.06
N GLU A 30 -14.74 -5.41 2.81
CA GLU A 30 -14.26 -5.91 1.52
C GLU A 30 -15.04 -5.29 0.36
N SER A 31 -16.27 -4.84 0.64
CA SER A 31 -17.10 -4.23 -0.37
C SER A 31 -16.44 -3.00 -0.97
N GLU A 32 -16.22 -1.98 -0.13
CA GLU A 32 -15.58 -0.75 -0.58
C GLU A 32 -14.06 -0.88 -0.58
N ARG A 33 -13.55 -1.62 0.40
CA ARG A 33 -12.10 -1.84 0.52
C ARG A 33 -11.50 -2.29 -0.82
N LYS A 34 -12.11 -3.30 -1.41
CA LYS A 34 -11.63 -3.84 -2.68
C LYS A 34 -11.78 -2.82 -3.81
N LYS A 35 -12.75 -1.92 -3.66
CA LYS A 35 -13.00 -0.90 -4.67
C LYS A 35 -11.88 0.14 -4.69
N ILE A 36 -11.32 0.43 -3.52
CA ILE A 36 -10.24 1.42 -3.41
C ILE A 36 -8.96 0.90 -4.07
N ILE A 37 -8.55 -0.31 -3.70
CA ILE A 37 -7.35 -0.89 -4.26
C ILE A 37 -7.47 -1.08 -5.77
N ARG A 38 -8.69 -1.29 -6.24
CA ARG A 38 -8.95 -1.48 -7.66
C ARG A 38 -8.68 -0.20 -8.44
N ARG A 39 -8.88 0.95 -7.78
CA ARG A 39 -8.65 2.24 -8.41
C ARG A 39 -7.16 2.51 -8.59
N LEU A 40 -6.37 2.17 -7.58
CA LEU A 40 -4.93 2.37 -7.62
C LEU A 40 -4.25 1.33 -8.51
N TYR A 41 -4.73 0.10 -8.44
CA TYR A 41 -4.17 -0.99 -9.23
C TYR A 41 -4.38 -0.75 -10.72
N LEU A 42 -5.48 -0.07 -11.05
CA LEU A 42 -5.81 0.22 -12.44
C LEU A 42 -5.18 1.54 -12.89
N LYS A 43 -5.22 2.54 -12.00
CA LYS A 43 -4.66 3.85 -12.30
C LYS A 43 -3.14 3.78 -12.43
N TRP A 44 -2.53 2.85 -11.71
CA TRP A 44 -1.08 2.67 -11.76
C TRP A 44 -0.71 1.39 -12.52
N HIS A 45 -1.28 1.23 -13.71
CA HIS A 45 -1.00 0.06 -14.53
C HIS A 45 -0.04 0.40 -15.66
N PRO A 46 0.99 -0.44 -15.87
CA PRO A 46 1.99 -0.21 -16.93
C PRO A 46 1.39 -0.32 -18.33
N ASP A 47 0.32 -1.10 -18.45
CA ASP A 47 -0.35 -1.29 -19.73
C ASP A 47 -1.14 -0.05 -20.13
N LYS A 48 -1.56 0.74 -19.14
CA LYS A 48 -2.33 1.95 -19.39
C LYS A 48 -1.52 3.19 -19.04
N ASN A 49 -0.20 3.12 -19.23
CA ASN A 49 0.68 4.24 -18.94
C ASN A 49 1.15 4.93 -20.22
N PRO A 50 1.44 6.23 -20.16
CA PRO A 50 1.90 7.00 -21.33
C PRO A 50 3.26 6.52 -21.84
N GLU A 51 4.23 6.44 -20.92
CA GLU A 51 5.57 6.00 -21.29
C GLU A 51 6.47 5.93 -20.05
N ASN A 52 5.91 5.45 -18.94
CA ASN A 52 6.67 5.34 -17.70
C ASN A 52 6.56 3.92 -17.14
N HIS A 53 7.51 3.07 -17.54
CA HIS A 53 7.54 1.68 -17.08
C HIS A 53 8.34 1.55 -15.80
N ASP A 54 9.36 2.40 -15.65
CA ASP A 54 10.20 2.37 -14.46
C ASP A 54 9.52 3.03 -13.28
N ILE A 55 8.76 4.10 -13.56
CA ILE A 55 8.04 4.83 -12.52
C ILE A 55 6.84 4.03 -12.02
N ALA A 56 6.14 3.37 -12.95
CA ALA A 56 4.97 2.59 -12.59
C ALA A 56 5.35 1.36 -11.78
N ASN A 57 6.42 0.69 -12.20
CA ASN A 57 6.89 -0.50 -11.49
C ASN A 57 7.26 -0.18 -10.05
N GLU A 58 7.90 0.96 -9.85
CA GLU A 58 8.31 1.38 -8.51
C GLU A 58 7.10 1.56 -7.60
N VAL A 59 6.07 2.22 -8.12
CA VAL A 59 4.85 2.45 -7.35
C VAL A 59 4.06 1.16 -7.17
N PHE A 60 4.16 0.26 -8.15
CA PHE A 60 3.45 -1.01 -8.10
C PHE A 60 4.08 -1.94 -7.08
N LYS A 61 5.41 -1.87 -6.95
CA LYS A 61 6.13 -2.72 -6.01
C LYS A 61 5.66 -2.48 -4.58
N HIS A 62 5.69 -1.21 -4.16
CA HIS A 62 5.26 -0.85 -2.82
C HIS A 62 3.80 -1.19 -2.59
N LEU A 63 3.01 -1.15 -3.67
CA LEU A 63 1.59 -1.45 -3.58
C LEU A 63 1.36 -2.87 -3.06
N GLN A 64 1.77 -3.86 -3.86
CA GLN A 64 1.62 -5.26 -3.49
C GLN A 64 2.25 -5.55 -2.13
N ASN A 65 3.48 -5.08 -1.93
CA ASN A 65 4.19 -5.28 -0.68
C ASN A 65 3.39 -4.74 0.50
N GLU A 66 2.55 -3.75 0.24
CA GLU A 66 1.73 -3.14 1.28
C GLU A 66 0.50 -4.00 1.59
N ILE A 67 0.08 -4.80 0.61
CA ILE A 67 -1.09 -5.65 0.79
C ILE A 67 -0.81 -6.77 1.78
N ASN A 68 0.41 -7.31 1.74
CA ASN A 68 0.80 -8.39 2.65
C ASN A 68 1.29 -7.84 3.98
N ARG A 69 1.86 -6.64 3.95
CA ARG A 69 2.38 -6.01 5.16
C ARG A 69 1.25 -5.62 6.10
N LEU A 70 0.16 -5.11 5.53
CA LEU A 70 -0.99 -4.69 6.32
C LEU A 70 -1.93 -5.87 6.61
N GLU A 71 -2.16 -6.70 5.60
CA GLU A 71 -3.03 -7.85 5.73
C GLU A 71 -2.45 -8.85 6.73
N LYS A 72 -1.13 -8.89 6.82
CA LYS A 72 -0.45 -9.80 7.74
C LYS A 72 -0.54 -9.28 9.18
N GLN A 73 -0.09 -8.05 9.38
CA GLN A 73 -0.11 -7.44 10.70
C GLN A 73 -1.52 -7.41 11.28
N ALA A 74 -2.51 -7.42 10.39
CA ALA A 74 -3.91 -7.40 10.81
C ALA A 74 -4.49 -8.81 10.89
N PHE A 75 -3.70 -9.75 11.42
CA PHE A 75 -4.13 -11.14 11.53
C PHE A 75 -3.50 -11.80 12.76
N LEU A 76 -2.20 -11.62 12.91
CA LEU A 76 -1.47 -12.20 14.04
C LEU A 76 -1.64 -11.34 15.29
N ASP A 77 -2.83 -11.40 15.89
CA ASP A 77 -3.12 -10.65 17.09
C ASP A 77 -3.89 -11.49 18.10
N GLN A 78 -3.19 -11.91 19.16
CA GLN A 78 -3.80 -12.73 20.20
C GLN A 78 -4.14 -14.12 19.68
N ASN A 79 -5.12 -14.18 18.78
CA ASN A 79 -5.54 -15.45 18.20
C ASN A 79 -6.10 -16.39 19.28
N ALA A 80 -7.42 -16.46 19.36
CA ALA A 80 -8.07 -17.32 20.34
C ALA A 80 -7.70 -16.92 21.76
N ASP A 81 -8.56 -17.26 22.72
CA ASP A 81 -8.32 -16.93 24.12
C ASP A 81 -9.36 -17.60 25.01
N ARG A 82 -10.60 -17.10 24.95
CA ARG A 82 -11.68 -17.64 25.75
C ARG A 82 -11.33 -17.60 27.24
N ALA A 83 -11.86 -16.61 27.94
CA ALA A 83 -11.60 -16.46 29.37
C ALA A 83 -12.68 -15.60 30.04
N SER A 84 -13.45 -16.22 30.92
CA SER A 84 -14.52 -15.53 31.63
C SER A 84 -15.54 -14.96 30.65
N ARG A 85 -16.69 -14.53 31.18
CA ARG A 85 -17.75 -13.97 30.36
C ARG A 85 -18.38 -15.05 29.47
N ARG A 86 -17.60 -15.53 28.50
CA ARG A 86 -18.09 -16.56 27.58
C ARG A 86 -17.52 -17.93 27.95
N THR A 87 -18.42 -18.85 28.29
CA THR A 87 -18.01 -20.21 28.68
C THR A 87 -18.45 -21.22 27.62
N PHE A 88 -19.60 -20.97 27.01
CA PHE A 88 -20.13 -21.86 25.98
C PHE A 88 -19.73 -21.38 24.58
N MET A 1 15.43 23.20 -5.57
CA MET A 1 15.66 24.66 -5.72
C MET A 1 14.56 25.47 -5.04
N HIS A 2 14.03 24.94 -3.94
CA HIS A 2 12.98 25.62 -3.19
C HIS A 2 13.07 25.30 -1.71
N HIS A 3 14.29 25.06 -1.23
CA HIS A 3 14.51 24.75 0.18
C HIS A 3 15.90 25.20 0.61
N HIS A 4 16.23 24.94 1.88
CA HIS A 4 17.53 25.32 2.43
C HIS A 4 17.88 24.45 3.63
N HIS A 5 16.94 24.31 4.55
CA HIS A 5 17.16 23.52 5.75
C HIS A 5 15.85 22.85 6.21
N HIS A 6 14.89 23.67 6.63
CA HIS A 6 13.61 23.16 7.10
C HIS A 6 12.73 22.77 5.92
N HIS A 7 11.61 22.12 6.22
CA HIS A 7 10.67 21.69 5.17
C HIS A 7 11.34 20.72 4.21
N LEU A 8 10.53 19.93 3.52
CA LEU A 8 11.03 18.95 2.56
C LEU A 8 10.04 18.73 1.43
N VAL A 9 10.56 18.61 0.21
CA VAL A 9 9.71 18.40 -0.96
C VAL A 9 10.11 17.11 -1.70
N PRO A 10 9.16 16.17 -1.87
CA PRO A 10 9.43 14.91 -2.55
C PRO A 10 9.65 15.09 -4.05
N ARG A 11 10.47 14.23 -4.63
CA ARG A 11 10.77 14.30 -6.06
C ARG A 11 9.58 13.80 -6.88
N GLY A 12 9.28 12.51 -6.77
CA GLY A 12 8.18 11.94 -7.51
C GLY A 12 6.85 12.10 -6.78
N SER A 13 6.89 12.03 -5.46
CA SER A 13 5.69 12.18 -4.65
C SER A 13 4.62 11.18 -5.07
N ILE A 14 4.84 9.91 -4.77
CA ILE A 14 3.90 8.85 -5.13
C ILE A 14 3.76 7.84 -3.99
N LEU A 15 4.89 7.32 -3.52
CA LEU A 15 4.88 6.34 -2.43
C LEU A 15 4.24 6.93 -1.18
N LYS A 16 4.63 8.15 -0.83
CA LYS A 16 4.08 8.81 0.35
C LYS A 16 2.57 8.96 0.25
N GLU A 17 2.08 9.09 -0.97
CA GLU A 17 0.65 9.24 -1.21
C GLU A 17 -0.06 7.89 -1.16
N VAL A 18 0.65 6.84 -1.58
CA VAL A 18 0.10 5.49 -1.58
C VAL A 18 -0.11 4.98 -0.16
N THR A 19 0.71 5.45 0.76
CA THR A 19 0.62 5.04 2.16
C THR A 19 -0.58 5.69 2.84
N SER A 20 -1.02 6.83 2.32
CA SER A 20 -2.16 7.54 2.89
C SER A 20 -3.47 6.95 2.40
N VAL A 21 -3.51 6.56 1.13
CA VAL A 21 -4.71 5.99 0.54
C VAL A 21 -4.91 4.53 0.97
N VAL A 22 -3.80 3.82 1.14
CA VAL A 22 -3.84 2.42 1.53
C VAL A 22 -4.31 2.27 2.98
N GLU A 23 -3.83 3.16 3.84
CA GLU A 23 -4.21 3.13 5.26
C GLU A 23 -5.69 3.41 5.44
N GLN A 24 -6.26 4.18 4.51
CA GLN A 24 -7.68 4.53 4.57
C GLN A 24 -8.55 3.34 4.17
N ALA A 25 -8.09 2.58 3.17
CA ALA A 25 -8.83 1.43 2.69
C ALA A 25 -9.06 0.41 3.81
N TRP A 26 -8.03 0.21 4.63
CA TRP A 26 -8.12 -0.74 5.74
C TRP A 26 -9.19 -0.31 6.74
N LYS A 27 -9.22 0.98 7.05
CA LYS A 27 -10.20 1.51 7.99
C LYS A 27 -11.63 1.22 7.51
N LEU A 28 -11.99 1.79 6.37
CA LEU A 28 -13.32 1.60 5.81
C LEU A 28 -13.62 0.12 5.61
N PRO A 29 -14.92 -0.26 5.53
CA PRO A 29 -15.33 -1.64 5.35
C PRO A 29 -14.92 -2.20 3.98
N GLU A 30 -15.13 -3.49 3.78
CA GLU A 30 -14.77 -4.14 2.52
C GLU A 30 -15.56 -3.54 1.36
N SER A 31 -16.66 -2.86 1.66
CA SER A 31 -17.49 -2.24 0.64
C SER A 31 -16.67 -1.32 -0.26
N GLU A 32 -16.15 -0.24 0.32
CA GLU A 32 -15.35 0.72 -0.42
C GLU A 32 -13.95 0.18 -0.68
N ARG A 33 -13.38 -0.48 0.33
CA ARG A 33 -12.03 -1.05 0.23
C ARG A 33 -11.85 -1.82 -1.08
N LYS A 34 -12.83 -2.66 -1.40
CA LYS A 34 -12.78 -3.46 -2.62
C LYS A 34 -12.66 -2.57 -3.86
N LYS A 35 -13.08 -1.32 -3.72
CA LYS A 35 -13.01 -0.36 -4.83
C LYS A 35 -11.69 0.39 -4.84
N ILE A 36 -11.14 0.62 -3.65
CA ILE A 36 -9.87 1.34 -3.52
C ILE A 36 -8.72 0.51 -4.08
N ILE A 37 -8.65 -0.75 -3.67
CA ILE A 37 -7.59 -1.65 -4.12
C ILE A 37 -7.71 -1.93 -5.62
N ARG A 38 -8.93 -1.90 -6.13
CA ARG A 38 -9.17 -2.15 -7.55
C ARG A 38 -8.89 -0.90 -8.38
N ARG A 39 -9.10 0.26 -7.79
CA ARG A 39 -8.88 1.53 -8.48
C ARG A 39 -7.39 1.80 -8.65
N LEU A 40 -6.68 1.88 -7.54
CA LEU A 40 -5.23 2.14 -7.56
C LEU A 40 -4.50 1.06 -8.36
N TYR A 41 -4.89 -0.19 -8.16
CA TYR A 41 -4.26 -1.30 -8.86
C TYR A 41 -4.47 -1.18 -10.37
N LEU A 42 -5.67 -0.79 -10.77
CA LEU A 42 -5.98 -0.63 -12.19
C LEU A 42 -5.43 0.68 -12.72
N LYS A 43 -5.40 1.71 -11.87
CA LYS A 43 -4.91 3.02 -12.27
C LYS A 43 -3.39 3.00 -12.42
N TRP A 44 -2.72 2.25 -11.55
CA TRP A 44 -1.26 2.16 -11.59
C TRP A 44 -0.83 0.89 -12.33
N HIS A 45 -1.36 0.71 -13.54
CA HIS A 45 -1.01 -0.45 -14.35
C HIS A 45 -0.13 -0.05 -15.54
N PRO A 46 0.92 -0.83 -15.82
CA PRO A 46 1.84 -0.55 -16.92
C PRO A 46 1.21 -0.82 -18.29
N ASP A 47 0.37 -1.86 -18.34
CA ASP A 47 -0.30 -2.22 -19.59
C ASP A 47 -1.16 -1.07 -20.11
N LYS A 48 -1.78 -0.35 -19.18
CA LYS A 48 -2.63 0.78 -19.55
C LYS A 48 -1.81 2.06 -19.68
N ASN A 49 -0.75 2.17 -18.89
CA ASN A 49 0.11 3.34 -18.91
C ASN A 49 1.12 3.25 -20.05
N PRO A 50 1.74 4.37 -20.42
CA PRO A 50 2.73 4.42 -21.50
C PRO A 50 3.90 3.47 -21.26
N GLU A 51 5.02 3.73 -21.93
CA GLU A 51 6.20 2.89 -21.79
C GLU A 51 6.95 3.23 -20.50
N ASN A 52 6.37 2.85 -19.36
CA ASN A 52 6.97 3.11 -18.07
C ASN A 52 7.40 1.81 -17.39
N HIS A 53 8.70 1.53 -17.42
CA HIS A 53 9.24 0.32 -16.81
C HIS A 53 9.70 0.56 -15.37
N ASP A 54 9.69 1.83 -14.96
CA ASP A 54 10.12 2.19 -13.61
C ASP A 54 9.01 2.94 -12.88
N ILE A 55 8.41 3.91 -13.56
CA ILE A 55 7.34 4.72 -12.97
C ILE A 55 6.12 3.86 -12.67
N ALA A 56 6.00 2.73 -13.36
CA ALA A 56 4.87 1.83 -13.16
C ALA A 56 5.26 0.63 -12.30
N ASN A 57 6.54 0.27 -12.33
CA ASN A 57 7.03 -0.86 -11.55
C ASN A 57 7.38 -0.43 -10.13
N GLU A 58 8.04 0.71 -10.00
CA GLU A 58 8.43 1.23 -8.69
C GLU A 58 7.22 1.41 -7.78
N VAL A 59 6.13 1.89 -8.35
CA VAL A 59 4.90 2.10 -7.60
C VAL A 59 4.20 0.78 -7.29
N PHE A 60 4.20 -0.12 -8.27
CA PHE A 60 3.57 -1.42 -8.10
C PHE A 60 4.23 -2.21 -6.96
N LYS A 61 5.54 -2.10 -6.85
CA LYS A 61 6.28 -2.80 -5.81
C LYS A 61 5.83 -2.36 -4.43
N HIS A 62 5.84 -1.05 -4.19
CA HIS A 62 5.42 -0.51 -2.90
C HIS A 62 3.92 -0.75 -2.68
N LEU A 63 3.16 -0.71 -3.76
CA LEU A 63 1.72 -0.91 -3.69
C LEU A 63 1.39 -2.31 -3.16
N GLN A 64 1.80 -3.33 -3.90
CA GLN A 64 1.55 -4.71 -3.51
C GLN A 64 2.26 -5.04 -2.20
N ASN A 65 3.51 -4.61 -2.08
CA ASN A 65 4.30 -4.86 -0.88
C ASN A 65 3.61 -4.29 0.36
N GLU A 66 2.96 -3.14 0.19
CA GLU A 66 2.26 -2.48 1.28
C GLU A 66 1.06 -3.31 1.73
N ILE A 67 0.52 -4.13 0.83
CA ILE A 67 -0.63 -4.97 1.13
C ILE A 67 -0.28 -6.02 2.18
N ASN A 68 0.63 -6.92 1.82
CA ASN A 68 1.05 -7.98 2.74
C ASN A 68 1.51 -7.41 4.08
N ARG A 69 1.99 -6.17 4.05
CA ARG A 69 2.45 -5.50 5.27
C ARG A 69 1.34 -5.41 6.31
N LEU A 70 0.18 -4.92 5.88
CA LEU A 70 -0.96 -4.78 6.77
C LEU A 70 -1.86 -6.01 6.71
N GLU A 71 -2.06 -6.53 5.51
CA GLU A 71 -2.90 -7.71 5.32
C GLU A 71 -2.39 -8.89 6.15
N LYS A 72 -1.12 -8.86 6.51
CA LYS A 72 -0.52 -9.91 7.31
C LYS A 72 -0.79 -9.71 8.80
N GLN A 73 -0.40 -8.54 9.31
CA GLN A 73 -0.60 -8.21 10.72
C GLN A 73 -2.07 -8.29 11.10
N ALA A 74 -2.94 -8.03 10.12
CA ALA A 74 -4.38 -8.07 10.36
C ALA A 74 -4.97 -9.39 9.89
N PHE A 75 -4.31 -10.49 10.24
CA PHE A 75 -4.78 -11.81 9.85
C PHE A 75 -4.33 -12.87 10.85
N LEU A 76 -3.06 -12.79 11.27
CA LEU A 76 -2.51 -13.74 12.22
C LEU A 76 -2.90 -13.36 13.66
N ASP A 77 -4.20 -13.28 13.91
CA ASP A 77 -4.71 -12.93 15.24
C ASP A 77 -4.26 -11.53 15.64
N GLN A 78 -5.16 -10.77 16.25
CA GLN A 78 -4.87 -9.42 16.69
C GLN A 78 -4.39 -8.55 15.53
N ASN A 79 -4.15 -7.28 15.81
CA ASN A 79 -3.68 -6.35 14.79
C ASN A 79 -2.19 -6.10 14.91
N ALA A 80 -1.73 -5.84 16.14
CA ALA A 80 -0.32 -5.60 16.40
C ALA A 80 0.35 -6.83 17.00
N ASP A 81 1.49 -7.21 16.44
CA ASP A 81 2.22 -8.38 16.91
C ASP A 81 3.64 -8.00 17.34
N ARG A 82 4.34 -7.30 16.46
CA ARG A 82 5.71 -6.87 16.73
C ARG A 82 6.61 -8.07 16.99
N ALA A 83 7.46 -8.39 16.01
CA ALA A 83 8.39 -9.51 16.14
C ALA A 83 9.28 -9.63 14.91
N SER A 84 8.71 -9.33 13.74
CA SER A 84 9.47 -9.41 12.49
C SER A 84 9.74 -10.85 12.11
N ARG A 85 10.00 -11.08 10.82
CA ARG A 85 10.28 -12.42 10.32
C ARG A 85 11.78 -12.66 10.19
N ARG A 86 12.56 -11.94 11.00
CA ARG A 86 14.01 -12.07 10.96
C ARG A 86 14.56 -11.83 9.55
N THR A 87 15.83 -12.14 9.35
CA THR A 87 16.48 -11.96 8.06
C THR A 87 16.19 -13.13 7.14
N PHE A 88 15.11 -13.03 6.35
CA PHE A 88 14.74 -14.09 5.43
C PHE A 88 14.44 -15.38 6.18
N MET A 1 21.18 5.11 19.00
CA MET A 1 21.23 3.97 18.05
C MET A 1 21.59 4.43 16.65
N HIS A 2 20.86 5.42 16.15
CA HIS A 2 21.10 5.96 14.82
C HIS A 2 20.89 7.47 14.80
N HIS A 3 21.83 8.18 14.17
CA HIS A 3 21.76 9.63 14.07
C HIS A 3 21.72 10.08 12.62
N HIS A 4 20.64 10.75 12.24
CA HIS A 4 20.49 11.24 10.87
C HIS A 4 20.06 12.70 10.86
N HIS A 5 20.24 13.36 9.72
CA HIS A 5 19.87 14.76 9.58
C HIS A 5 18.63 14.92 8.70
N HIS A 6 18.64 14.23 7.56
CA HIS A 6 17.52 14.28 6.63
C HIS A 6 16.92 12.90 6.41
N HIS A 7 15.60 12.84 6.29
CA HIS A 7 14.89 11.58 6.08
C HIS A 7 13.44 11.83 5.70
N LEU A 8 12.76 12.67 6.47
CA LEU A 8 11.37 12.99 6.21
C LEU A 8 11.21 13.79 4.92
N VAL A 9 12.25 14.54 4.57
CA VAL A 9 12.24 15.34 3.35
C VAL A 9 11.95 14.48 2.12
N PRO A 10 10.76 14.62 1.52
CA PRO A 10 10.38 13.85 0.33
C PRO A 10 11.43 13.92 -0.77
N ARG A 11 11.57 12.83 -1.52
CA ARG A 11 12.53 12.76 -2.60
C ARG A 11 11.93 12.08 -3.84
N GLY A 12 11.28 10.95 -3.61
CA GLY A 12 10.66 10.22 -4.71
C GLY A 12 9.20 10.56 -4.89
N SER A 13 8.55 10.96 -3.80
CA SER A 13 7.14 11.31 -3.84
C SER A 13 6.29 10.12 -4.28
N ILE A 14 4.99 10.34 -4.43
CA ILE A 14 4.08 9.29 -4.86
C ILE A 14 3.88 8.26 -3.75
N LEU A 15 4.95 7.56 -3.40
CA LEU A 15 4.91 6.53 -2.35
C LEU A 15 4.26 7.07 -1.09
N LYS A 16 4.41 8.38 -0.86
CA LYS A 16 3.84 9.02 0.32
C LYS A 16 2.32 9.04 0.24
N GLU A 17 1.79 9.13 -0.97
CA GLU A 17 0.35 9.15 -1.19
C GLU A 17 -0.24 7.74 -1.15
N VAL A 18 0.55 6.77 -1.57
CA VAL A 18 0.11 5.38 -1.58
C VAL A 18 -0.02 4.83 -0.17
N THR A 19 0.77 5.36 0.75
CA THR A 19 0.74 4.92 2.15
C THR A 19 -0.45 5.54 2.88
N SER A 20 -0.91 6.69 2.40
CA SER A 20 -2.04 7.38 3.01
C SER A 20 -3.36 6.82 2.51
N VAL A 21 -3.41 6.46 1.24
CA VAL A 21 -4.62 5.92 0.63
C VAL A 21 -4.80 4.45 1.00
N VAL A 22 -3.69 3.73 1.13
CA VAL A 22 -3.74 2.31 1.47
C VAL A 22 -4.29 2.10 2.88
N GLU A 23 -3.83 2.92 3.82
CA GLU A 23 -4.28 2.82 5.20
C GLU A 23 -5.75 3.22 5.34
N GLN A 24 -6.19 4.12 4.45
CA GLN A 24 -7.57 4.58 4.48
C GLN A 24 -8.52 3.49 3.96
N ALA A 25 -8.03 2.69 3.03
CA ALA A 25 -8.83 1.61 2.45
C ALA A 25 -8.88 0.41 3.39
N TRP A 26 -7.73 0.04 3.93
CA TRP A 26 -7.65 -1.10 4.84
C TRP A 26 -8.61 -0.94 6.01
N LYS A 27 -8.94 0.30 6.34
CA LYS A 27 -9.86 0.58 7.45
C LYS A 27 -11.22 -0.08 7.19
N LEU A 28 -11.57 -0.23 5.92
CA LEU A 28 -12.84 -0.84 5.54
C LEU A 28 -12.75 -2.36 5.60
N PRO A 29 -13.88 -3.05 5.80
CA PRO A 29 -13.92 -4.51 5.88
C PRO A 29 -13.33 -5.18 4.64
N GLU A 30 -14.01 -5.00 3.50
CA GLU A 30 -13.56 -5.59 2.24
C GLU A 30 -14.40 -5.10 1.07
N SER A 31 -15.71 -5.02 1.29
CA SER A 31 -16.63 -4.58 0.26
C SER A 31 -16.24 -3.19 -0.26
N GLU A 32 -16.02 -2.27 0.66
CA GLU A 32 -15.63 -0.91 0.30
C GLU A 32 -14.11 -0.76 0.24
N ARG A 33 -13.39 -1.76 0.72
CA ARG A 33 -11.93 -1.74 0.71
C ARG A 33 -11.38 -2.10 -0.66
N LYS A 34 -11.84 -3.23 -1.19
CA LYS A 34 -11.40 -3.71 -2.50
C LYS A 34 -11.60 -2.66 -3.58
N LYS A 35 -12.76 -2.01 -3.56
CA LYS A 35 -13.07 -0.98 -4.55
C LYS A 35 -11.99 0.09 -4.60
N ILE A 36 -11.25 0.25 -3.50
CA ILE A 36 -10.19 1.24 -3.44
C ILE A 36 -8.91 0.73 -4.10
N ILE A 37 -8.54 -0.51 -3.78
CA ILE A 37 -7.34 -1.12 -4.34
C ILE A 37 -7.50 -1.36 -5.84
N ARG A 38 -8.72 -1.65 -6.26
CA ARG A 38 -9.01 -1.90 -7.66
C ARG A 38 -8.78 -0.66 -8.50
N ARG A 39 -9.06 0.51 -7.92
CA ARG A 39 -8.88 1.78 -8.62
C ARG A 39 -7.39 2.12 -8.75
N LEU A 40 -6.69 2.11 -7.62
CA LEU A 40 -5.27 2.42 -7.62
C LEU A 40 -4.47 1.37 -8.40
N TYR A 41 -4.82 0.11 -8.19
CA TYR A 41 -4.15 -0.99 -8.88
C TYR A 41 -4.37 -0.93 -10.39
N LEU A 42 -5.49 -0.32 -10.79
CA LEU A 42 -5.83 -0.19 -12.20
C LEU A 42 -5.28 1.10 -12.79
N LYS A 43 -5.45 2.20 -12.07
CA LYS A 43 -4.97 3.50 -12.54
C LYS A 43 -3.45 3.54 -12.61
N TRP A 44 -2.80 2.72 -11.79
CA TRP A 44 -1.34 2.67 -11.78
C TRP A 44 -0.82 1.52 -12.64
N HIS A 45 -1.42 1.35 -13.81
CA HIS A 45 -1.03 0.29 -14.72
C HIS A 45 -0.03 0.81 -15.76
N PRO A 46 0.99 0.00 -16.11
CA PRO A 46 2.01 0.40 -17.09
C PRO A 46 1.44 0.48 -18.51
N ASP A 47 0.40 -0.29 -18.77
CA ASP A 47 -0.24 -0.30 -20.08
C ASP A 47 -1.07 0.96 -20.29
N LYS A 48 -1.61 1.50 -19.20
CA LYS A 48 -2.43 2.70 -19.26
C LYS A 48 -1.61 3.93 -18.90
N ASN A 49 -0.37 3.98 -19.38
CA ASN A 49 0.51 5.11 -19.10
C ASN A 49 1.15 5.62 -20.38
N PRO A 50 1.10 6.94 -20.64
CA PRO A 50 1.68 7.53 -21.85
C PRO A 50 3.15 7.14 -22.04
N GLU A 51 4.01 7.59 -21.12
CA GLU A 51 5.43 7.29 -21.21
C GLU A 51 6.04 7.15 -19.82
N ASN A 52 5.23 6.73 -18.86
CA ASN A 52 5.70 6.55 -17.49
C ASN A 52 5.60 5.08 -17.06
N HIS A 53 6.50 4.26 -17.58
CA HIS A 53 6.51 2.84 -17.26
C HIS A 53 7.44 2.55 -16.08
N ASP A 54 8.59 3.22 -16.06
CA ASP A 54 9.55 3.03 -14.98
C ASP A 54 8.98 3.48 -13.64
N ILE A 55 8.22 4.58 -13.67
CA ILE A 55 7.61 5.11 -12.45
C ILE A 55 6.42 4.26 -12.03
N ALA A 56 5.74 3.67 -13.01
CA ALA A 56 4.58 2.83 -12.73
C ALA A 56 4.99 1.50 -12.10
N ASN A 57 6.18 1.03 -12.46
CA ASN A 57 6.71 -0.23 -11.94
C ASN A 57 7.20 -0.06 -10.50
N GLU A 58 7.71 1.13 -10.20
CA GLU A 58 8.23 1.43 -8.87
C GLU A 58 7.10 1.61 -7.88
N VAL A 59 6.00 2.21 -8.34
CA VAL A 59 4.84 2.45 -7.50
C VAL A 59 4.02 1.18 -7.30
N PHE A 60 4.06 0.30 -8.30
CA PHE A 60 3.31 -0.95 -8.25
C PHE A 60 3.84 -1.83 -7.12
N LYS A 61 5.15 -1.92 -6.99
CA LYS A 61 5.77 -2.74 -5.95
C LYS A 61 5.34 -2.28 -4.57
N HIS A 62 5.54 -1.00 -4.27
CA HIS A 62 5.17 -0.44 -2.98
C HIS A 62 3.68 -0.60 -2.72
N LEU A 63 2.89 -0.61 -3.79
CA LEU A 63 1.45 -0.75 -3.68
C LEU A 63 1.08 -2.15 -3.19
N GLN A 64 1.71 -3.17 -3.78
CA GLN A 64 1.45 -4.55 -3.40
C GLN A 64 2.19 -4.92 -2.12
N ASN A 65 3.37 -4.36 -1.94
CA ASN A 65 4.18 -4.63 -0.75
C ASN A 65 3.46 -4.19 0.52
N GLU A 66 2.71 -3.09 0.41
CA GLU A 66 1.97 -2.57 1.55
C GLU A 66 0.79 -3.47 1.91
N ILE A 67 0.30 -4.22 0.93
CA ILE A 67 -0.82 -5.12 1.15
C ILE A 67 -0.46 -6.22 2.14
N ASN A 68 0.54 -7.01 1.79
CA ASN A 68 0.99 -8.11 2.65
C ASN A 68 1.48 -7.58 4.00
N ARG A 69 1.96 -6.35 4.00
CA ARG A 69 2.47 -5.73 5.22
C ARG A 69 1.39 -5.72 6.32
N LEU A 70 0.18 -5.31 5.96
CA LEU A 70 -0.91 -5.26 6.91
C LEU A 70 -1.70 -6.57 6.91
N GLU A 71 -1.91 -7.13 5.73
CA GLU A 71 -2.64 -8.38 5.60
C GLU A 71 -2.01 -9.49 6.44
N LYS A 72 -0.71 -9.38 6.67
CA LYS A 72 0.01 -10.37 7.47
C LYS A 72 -0.31 -10.20 8.95
N GLN A 73 -0.09 -9.00 9.47
CA GLN A 73 -0.35 -8.71 10.88
C GLN A 73 -1.85 -8.68 11.17
N ALA A 74 -2.64 -8.45 10.13
CA ALA A 74 -4.09 -8.39 10.28
C ALA A 74 -4.71 -9.78 10.18
N PHE A 75 -4.08 -10.65 9.41
CA PHE A 75 -4.57 -12.02 9.23
C PHE A 75 -4.08 -12.94 10.33
N LEU A 76 -2.77 -12.95 10.55
CA LEU A 76 -2.16 -13.79 11.57
C LEU A 76 -2.75 -13.49 12.95
N ASP A 77 -3.17 -12.25 13.15
CA ASP A 77 -3.75 -11.83 14.42
C ASP A 77 -5.09 -12.51 14.65
N GLN A 78 -5.05 -13.66 15.32
CA GLN A 78 -6.27 -14.41 15.62
C GLN A 78 -6.91 -13.93 16.91
N ASN A 79 -8.17 -13.53 16.83
CA ASN A 79 -8.91 -13.05 17.99
C ASN A 79 -10.33 -13.61 18.02
N ALA A 80 -11.10 -13.19 19.02
CA ALA A 80 -12.48 -13.65 19.16
C ALA A 80 -13.47 -12.55 18.76
N ASP A 81 -13.93 -12.59 17.52
CA ASP A 81 -14.89 -11.60 17.03
C ASP A 81 -16.27 -12.20 16.91
N ARG A 82 -16.33 -13.49 16.58
CA ARG A 82 -17.61 -14.18 16.42
C ARG A 82 -18.27 -14.42 17.77
N ALA A 83 -19.54 -14.04 17.88
CA ALA A 83 -20.29 -14.22 19.12
C ALA A 83 -21.76 -13.91 18.92
N SER A 84 -22.06 -12.63 18.71
CA SER A 84 -23.44 -12.20 18.51
C SER A 84 -23.87 -12.42 17.06
N ARG A 85 -25.15 -12.75 16.87
CA ARG A 85 -25.69 -12.99 15.54
C ARG A 85 -26.36 -11.73 14.99
N ARG A 86 -26.28 -11.56 13.68
CA ARG A 86 -26.88 -10.40 13.03
C ARG A 86 -27.46 -10.77 11.66
N THR A 87 -28.36 -9.94 11.16
CA THR A 87 -28.99 -10.19 9.86
C THR A 87 -29.08 -8.90 9.06
N PHE A 88 -28.06 -8.63 8.26
CA PHE A 88 -28.04 -7.42 7.42
C PHE A 88 -28.14 -7.78 5.94
N MET A 1 19.07 -5.02 6.62
CA MET A 1 17.83 -4.19 6.76
C MET A 1 17.08 -4.11 5.44
N HIS A 2 15.98 -4.87 5.35
CA HIS A 2 15.17 -4.88 4.14
C HIS A 2 13.76 -4.34 4.43
N HIS A 3 13.21 -4.71 5.58
CA HIS A 3 11.88 -4.26 5.97
C HIS A 3 11.82 -2.74 6.05
N HIS A 4 12.70 -2.16 6.85
CA HIS A 4 12.75 -0.71 7.02
C HIS A 4 13.16 -0.02 5.72
N HIS A 5 12.17 0.44 4.96
CA HIS A 5 12.43 1.11 3.69
C HIS A 5 13.13 2.44 3.92
N HIS A 6 13.80 2.94 2.88
CA HIS A 6 14.51 4.21 2.96
C HIS A 6 13.57 5.38 2.67
N HIS A 7 14.11 6.60 2.74
CA HIS A 7 13.33 7.79 2.48
C HIS A 7 14.01 8.67 1.44
N LEU A 8 13.56 8.54 0.18
CA LEU A 8 14.14 9.32 -0.91
C LEU A 8 13.50 10.71 -0.96
N VAL A 9 13.90 11.49 -1.96
CA VAL A 9 13.37 12.84 -2.12
C VAL A 9 12.38 12.90 -3.28
N PRO A 10 11.09 12.64 -3.00
CA PRO A 10 10.04 12.67 -4.03
C PRO A 10 9.75 14.08 -4.54
N ARG A 11 9.96 14.29 -5.82
CA ARG A 11 9.73 15.59 -6.44
C ARG A 11 8.30 15.70 -6.96
N GLY A 12 7.75 14.57 -7.37
CA GLY A 12 6.39 14.56 -7.90
C GLY A 12 5.38 14.05 -6.88
N SER A 13 5.87 13.52 -5.76
CA SER A 13 5.00 13.00 -4.72
C SER A 13 4.18 11.82 -5.24
N ILE A 14 4.58 10.62 -4.86
CA ILE A 14 3.88 9.41 -5.29
C ILE A 14 3.74 8.42 -4.14
N LEU A 15 4.87 7.98 -3.59
CA LEU A 15 4.87 7.03 -2.48
C LEU A 15 4.18 7.63 -1.26
N LYS A 16 4.48 8.89 -0.97
CA LYS A 16 3.89 9.58 0.17
C LYS A 16 2.36 9.62 0.06
N GLU A 17 1.87 9.64 -1.17
CA GLU A 17 0.43 9.69 -1.41
C GLU A 17 -0.18 8.29 -1.31
N VAL A 18 0.58 7.29 -1.74
CA VAL A 18 0.12 5.90 -1.69
C VAL A 18 -0.09 5.44 -0.26
N THR A 19 0.70 5.99 0.65
CA THR A 19 0.61 5.64 2.07
C THR A 19 -0.66 6.22 2.70
N SER A 20 -1.15 7.31 2.13
CA SER A 20 -2.35 7.96 2.64
C SER A 20 -3.60 7.27 2.13
N VAL A 21 -3.61 6.92 0.85
CA VAL A 21 -4.76 6.24 0.25
C VAL A 21 -4.90 4.82 0.77
N VAL A 22 -3.79 4.12 0.90
CA VAL A 22 -3.80 2.75 1.39
C VAL A 22 -4.42 2.66 2.78
N GLU A 23 -4.03 3.59 3.65
CA GLU A 23 -4.55 3.62 5.02
C GLU A 23 -6.02 4.00 5.03
N GLN A 24 -6.43 4.80 4.05
CA GLN A 24 -7.82 5.24 3.95
C GLN A 24 -8.74 4.06 3.65
N ALA A 25 -8.21 3.03 3.00
CA ALA A 25 -8.98 1.85 2.66
C ALA A 25 -9.00 0.84 3.80
N TRP A 26 -8.21 1.10 4.84
CA TRP A 26 -8.14 0.19 5.99
C TRP A 26 -9.03 0.69 7.12
N LYS A 27 -10.08 1.43 6.78
CA LYS A 27 -11.00 1.96 7.77
C LYS A 27 -12.46 1.64 7.42
N LEU A 28 -12.67 0.92 6.31
CA LEU A 28 -14.02 0.56 5.88
C LEU A 28 -14.13 -0.94 5.63
N PRO A 29 -15.36 -1.47 5.56
CA PRO A 29 -15.59 -2.90 5.34
C PRO A 29 -15.01 -3.38 4.02
N GLU A 30 -15.03 -4.69 3.81
CA GLU A 30 -14.51 -5.29 2.58
C GLU A 30 -15.18 -4.70 1.35
N SER A 31 -16.40 -4.20 1.52
CA SER A 31 -17.15 -3.63 0.41
C SER A 31 -16.33 -2.56 -0.30
N GLU A 32 -15.88 -1.55 0.46
CA GLU A 32 -15.08 -0.47 -0.11
C GLU A 32 -13.60 -0.82 -0.10
N ARG A 33 -13.20 -1.64 0.87
CA ARG A 33 -11.80 -2.05 0.99
C ARG A 33 -11.28 -2.63 -0.32
N LYS A 34 -12.03 -3.57 -0.87
CA LYS A 34 -11.63 -4.21 -2.12
C LYS A 34 -11.86 -3.29 -3.32
N LYS A 35 -12.56 -2.19 -3.10
CA LYS A 35 -12.85 -1.23 -4.16
C LYS A 35 -11.66 -0.30 -4.39
N ILE A 36 -10.90 -0.04 -3.34
CA ILE A 36 -9.73 0.83 -3.43
C ILE A 36 -8.51 0.08 -3.95
N ILE A 37 -8.32 -1.14 -3.46
CA ILE A 37 -7.19 -1.96 -3.87
C ILE A 37 -7.28 -2.32 -5.35
N ARG A 38 -8.50 -2.46 -5.84
CA ARG A 38 -8.73 -2.80 -7.25
C ARG A 38 -8.55 -1.58 -8.14
N ARG A 39 -9.10 -0.45 -7.70
CA ARG A 39 -9.00 0.79 -8.47
C ARG A 39 -7.54 1.22 -8.61
N LEU A 40 -6.82 1.24 -7.49
CA LEU A 40 -5.42 1.64 -7.49
C LEU A 40 -4.57 0.64 -8.28
N TYR A 41 -4.78 -0.64 -8.01
CA TYR A 41 -4.03 -1.69 -8.68
C TYR A 41 -4.26 -1.65 -10.19
N LEU A 42 -5.51 -1.41 -10.58
CA LEU A 42 -5.87 -1.33 -11.99
C LEU A 42 -5.44 0.01 -12.60
N LYS A 43 -5.56 1.07 -11.82
CA LYS A 43 -5.18 2.41 -12.27
C LYS A 43 -3.67 2.51 -12.45
N TRP A 44 -2.93 1.85 -11.57
CA TRP A 44 -1.47 1.87 -11.61
C TRP A 44 -0.94 0.67 -12.40
N HIS A 45 -1.54 0.41 -13.56
CA HIS A 45 -1.13 -0.71 -14.40
C HIS A 45 -0.14 -0.24 -15.47
N PRO A 46 0.90 -1.05 -15.76
CA PRO A 46 1.90 -0.71 -16.77
C PRO A 46 1.34 -0.74 -18.18
N ASP A 47 0.31 -1.57 -18.39
CA ASP A 47 -0.31 -1.69 -19.69
C ASP A 47 -1.28 -0.54 -19.95
N LYS A 48 -1.81 0.03 -18.87
CA LYS A 48 -2.75 1.15 -18.98
C LYS A 48 -2.04 2.48 -18.78
N ASN A 49 -0.76 2.54 -19.18
CA ASN A 49 0.03 3.75 -19.06
C ASN A 49 0.71 4.09 -20.37
N PRO A 50 0.83 5.39 -20.69
CA PRO A 50 1.47 5.84 -21.93
C PRO A 50 2.95 5.45 -22.00
N GLU A 51 3.72 5.93 -21.03
CA GLU A 51 5.15 5.62 -20.99
C GLU A 51 5.65 5.60 -19.55
N ASN A 52 5.42 4.48 -18.87
CA ASN A 52 5.85 4.32 -17.49
C ASN A 52 6.33 2.89 -17.22
N HIS A 53 7.59 2.63 -17.57
CA HIS A 53 8.17 1.31 -17.37
C HIS A 53 8.73 1.16 -15.95
N ASP A 54 9.68 2.02 -15.59
CA ASP A 54 10.28 1.99 -14.26
C ASP A 54 9.36 2.64 -13.23
N ILE A 55 8.59 3.63 -13.67
CA ILE A 55 7.67 4.34 -12.79
C ILE A 55 6.54 3.42 -12.33
N ALA A 56 5.92 2.74 -13.29
CA ALA A 56 4.82 1.83 -12.98
C ALA A 56 5.30 0.64 -12.16
N ASN A 57 6.56 0.27 -12.34
CA ASN A 57 7.13 -0.86 -11.62
C ASN A 57 7.54 -0.45 -10.21
N GLU A 58 8.00 0.79 -10.06
CA GLU A 58 8.42 1.30 -8.75
C GLU A 58 7.22 1.50 -7.83
N VAL A 59 6.15 2.05 -8.39
CA VAL A 59 4.94 2.30 -7.62
C VAL A 59 4.24 1.00 -7.25
N PHE A 60 4.40 -0.02 -8.09
CA PHE A 60 3.78 -1.32 -7.85
C PHE A 60 4.48 -2.05 -6.71
N LYS A 61 5.81 -2.01 -6.72
CA LYS A 61 6.60 -2.67 -5.69
C LYS A 61 6.28 -2.10 -4.32
N HIS A 62 5.94 -0.82 -4.27
CA HIS A 62 5.61 -0.16 -3.01
C HIS A 62 4.16 -0.42 -2.63
N LEU A 63 3.29 -0.46 -3.63
CA LEU A 63 1.86 -0.69 -3.40
C LEU A 63 1.61 -2.15 -3.04
N GLN A 64 2.25 -3.06 -3.77
CA GLN A 64 2.09 -4.49 -3.53
C GLN A 64 2.50 -4.85 -2.10
N ASN A 65 3.61 -4.29 -1.65
CA ASN A 65 4.11 -4.55 -0.31
C ASN A 65 3.23 -3.88 0.75
N GLU A 66 2.71 -2.71 0.41
CA GLU A 66 1.85 -1.97 1.33
C GLU A 66 0.59 -2.76 1.66
N ILE A 67 0.14 -3.58 0.72
CA ILE A 67 -1.05 -4.39 0.92
C ILE A 67 -0.79 -5.53 1.91
N ASN A 68 0.07 -6.46 1.53
CA ASN A 68 0.40 -7.60 2.38
C ASN A 68 0.95 -7.13 3.73
N ARG A 69 1.49 -5.91 3.75
CA ARG A 69 2.04 -5.35 4.98
C ARG A 69 0.94 -5.10 6.01
N LEU A 70 -0.18 -4.57 5.55
CA LEU A 70 -1.32 -4.29 6.43
C LEU A 70 -2.28 -5.47 6.46
N GLU A 71 -2.47 -6.11 5.32
CA GLU A 71 -3.37 -7.26 5.22
C GLU A 71 -2.91 -8.38 6.13
N LYS A 72 -1.60 -8.46 6.34
CA LYS A 72 -1.02 -9.50 7.20
C LYS A 72 -1.15 -9.11 8.68
N GLN A 73 -0.60 -7.96 9.03
CA GLN A 73 -0.64 -7.48 10.40
C GLN A 73 -2.09 -7.36 10.90
N ALA A 74 -3.02 -7.26 9.96
CA ALA A 74 -4.44 -7.14 10.31
C ALA A 74 -5.13 -8.50 10.29
N PHE A 75 -4.42 -9.52 10.78
CA PHE A 75 -4.97 -10.87 10.83
C PHE A 75 -4.25 -11.71 11.89
N LEU A 76 -2.93 -11.63 11.90
CA LEU A 76 -2.13 -12.38 12.86
C LEU A 76 -2.09 -11.67 14.21
N ASP A 77 -3.16 -11.81 14.98
CA ASP A 77 -3.25 -11.19 16.29
C ASP A 77 -3.09 -12.21 17.40
N GLN A 78 -2.31 -13.26 17.13
CA GLN A 78 -2.08 -14.31 18.11
C GLN A 78 -0.64 -14.28 18.61
N ASN A 79 0.28 -13.85 17.74
CA ASN A 79 1.69 -13.76 18.10
C ASN A 79 2.25 -15.15 18.42
N ALA A 80 3.53 -15.34 18.16
CA ALA A 80 4.18 -16.62 18.41
C ALA A 80 5.35 -16.46 19.39
N ASP A 81 5.91 -17.57 19.82
CA ASP A 81 7.02 -17.56 20.76
C ASP A 81 7.98 -18.71 20.50
N ARG A 82 7.43 -19.91 20.34
CA ARG A 82 8.22 -21.11 20.08
C ARG A 82 9.20 -21.36 21.22
N ALA A 83 8.80 -20.99 22.43
CA ALA A 83 9.64 -21.18 23.62
C ALA A 83 8.90 -20.78 24.88
N SER A 84 9.01 -21.62 25.91
CA SER A 84 8.35 -21.35 27.18
C SER A 84 9.20 -20.44 28.07
N ARG A 85 10.40 -20.92 28.39
CA ARG A 85 11.32 -20.15 29.24
C ARG A 85 12.50 -19.64 28.42
N ARG A 86 12.62 -18.32 28.33
CA ARG A 86 13.71 -17.70 27.58
C ARG A 86 14.55 -16.80 28.48
N THR A 87 15.75 -17.26 28.81
CA THR A 87 16.66 -16.50 29.67
C THR A 87 18.08 -16.52 29.11
N PHE A 88 18.74 -15.36 29.15
CA PHE A 88 20.10 -15.26 28.65
C PHE A 88 20.18 -15.62 27.17
N MET A 1 20.06 6.38 -0.34
CA MET A 1 19.16 5.69 -1.29
C MET A 1 17.69 5.93 -0.95
N HIS A 2 17.40 5.93 0.35
CA HIS A 2 16.03 6.15 0.82
C HIS A 2 15.92 7.45 1.61
N HIS A 3 16.69 7.54 2.69
CA HIS A 3 16.69 8.73 3.53
C HIS A 3 15.31 8.99 4.10
N HIS A 4 15.01 8.34 5.23
CA HIS A 4 13.72 8.50 5.88
C HIS A 4 13.88 8.86 7.35
N HIS A 5 14.96 9.57 7.66
CA HIS A 5 15.24 9.97 9.04
C HIS A 5 14.52 11.28 9.38
N HIS A 6 14.63 12.25 8.49
CA HIS A 6 13.98 13.54 8.70
C HIS A 6 13.41 14.09 7.39
N HIS A 7 12.13 14.41 7.41
CA HIS A 7 11.46 14.95 6.22
C HIS A 7 11.10 16.41 6.41
N LEU A 8 10.95 17.13 5.31
CA LEU A 8 10.60 18.55 5.36
C LEU A 8 9.92 18.99 4.07
N VAL A 9 10.51 18.60 2.94
CA VAL A 9 9.95 18.96 1.63
C VAL A 9 9.78 17.72 0.75
N PRO A 10 8.53 17.30 0.49
CA PRO A 10 8.25 16.13 -0.34
C PRO A 10 8.98 16.17 -1.67
N ARG A 11 10.16 15.56 -1.72
CA ARG A 11 10.96 15.52 -2.94
C ARG A 11 10.53 14.36 -3.84
N GLY A 12 10.19 13.24 -3.22
CA GLY A 12 9.77 12.08 -3.98
C GLY A 12 8.27 12.02 -4.17
N SER A 13 7.53 12.06 -3.06
CA SER A 13 6.07 12.01 -3.11
C SER A 13 5.59 10.72 -3.76
N ILE A 14 4.30 10.66 -4.08
CA ILE A 14 3.72 9.48 -4.71
C ILE A 14 3.66 8.31 -3.74
N LEU A 15 4.83 7.83 -3.31
CA LEU A 15 4.91 6.71 -2.39
C LEU A 15 4.16 7.02 -1.10
N LYS A 16 4.21 8.28 -0.67
CA LYS A 16 3.53 8.70 0.55
C LYS A 16 2.01 8.67 0.36
N GLU A 17 1.56 8.92 -0.86
CA GLU A 17 0.13 8.92 -1.17
C GLU A 17 -0.43 7.50 -1.15
N VAL A 18 0.41 6.53 -1.51
CA VAL A 18 -0.01 5.14 -1.54
C VAL A 18 -0.14 4.58 -0.12
N THR A 19 0.73 5.03 0.77
CA THR A 19 0.71 4.57 2.15
C THR A 19 -0.51 5.11 2.88
N SER A 20 -0.94 6.30 2.49
CA SER A 20 -2.10 6.94 3.11
C SER A 20 -3.40 6.30 2.62
N VAL A 21 -3.53 6.19 1.30
CA VAL A 21 -4.72 5.59 0.70
C VAL A 21 -4.94 4.17 1.19
N VAL A 22 -3.86 3.39 1.22
CA VAL A 22 -3.93 2.00 1.68
C VAL A 22 -4.21 1.93 3.17
N GLU A 23 -3.69 2.89 3.91
CA GLU A 23 -3.88 2.95 5.35
C GLU A 23 -5.35 3.22 5.69
N GLN A 24 -5.99 4.06 4.88
CA GLN A 24 -7.40 4.40 5.09
C GLN A 24 -8.31 3.30 4.57
N ALA A 25 -7.85 2.58 3.56
CA ALA A 25 -8.64 1.50 2.97
C ALA A 25 -8.81 0.33 3.95
N TRP A 26 -8.03 0.34 5.03
CA TRP A 26 -8.11 -0.71 6.03
C TRP A 26 -9.02 -0.31 7.19
N LYS A 27 -9.93 0.63 6.93
CA LYS A 27 -10.86 1.09 7.95
C LYS A 27 -12.31 0.93 7.49
N LEU A 28 -12.51 0.40 6.29
CA LEU A 28 -13.84 0.20 5.74
C LEU A 28 -14.04 -1.24 5.29
N PRO A 29 -15.30 -1.70 5.17
CA PRO A 29 -15.61 -3.07 4.75
C PRO A 29 -14.99 -3.41 3.40
N GLU A 30 -14.98 -4.70 3.07
CA GLU A 30 -14.41 -5.16 1.81
C GLU A 30 -15.09 -4.50 0.61
N SER A 31 -16.34 -4.05 0.81
CA SER A 31 -17.09 -3.40 -0.25
C SER A 31 -16.31 -2.21 -0.82
N GLU A 32 -15.81 -1.36 0.06
CA GLU A 32 -15.05 -0.18 -0.35
C GLU A 32 -13.56 -0.51 -0.44
N ARG A 33 -13.10 -1.42 0.41
CA ARG A 33 -11.70 -1.81 0.43
C ARG A 33 -11.23 -2.24 -0.95
N LYS A 34 -11.95 -3.18 -1.55
CA LYS A 34 -11.60 -3.68 -2.88
C LYS A 34 -11.56 -2.54 -3.91
N LYS A 35 -12.40 -1.53 -3.69
CA LYS A 35 -12.47 -0.39 -4.60
C LYS A 35 -11.19 0.43 -4.54
N ILE A 36 -10.76 0.77 -3.33
CA ILE A 36 -9.55 1.57 -3.14
C ILE A 36 -8.34 0.89 -3.76
N ILE A 37 -8.38 -0.43 -3.85
CA ILE A 37 -7.27 -1.20 -4.43
C ILE A 37 -7.43 -1.34 -5.94
N ARG A 38 -8.65 -1.63 -6.38
CA ARG A 38 -8.94 -1.80 -7.80
C ARG A 38 -8.56 -0.54 -8.59
N ARG A 39 -8.86 0.62 -8.02
CA ARG A 39 -8.56 1.90 -8.66
C ARG A 39 -7.06 2.07 -8.84
N LEU A 40 -6.32 1.92 -7.74
CA LEU A 40 -4.87 2.06 -7.77
C LEU A 40 -4.22 0.92 -8.55
N TYR A 41 -4.80 -0.27 -8.44
CA TYR A 41 -4.27 -1.45 -9.13
C TYR A 41 -4.51 -1.35 -10.64
N LEU A 42 -5.68 -0.83 -11.01
CA LEU A 42 -6.03 -0.69 -12.43
C LEU A 42 -5.76 0.73 -12.91
N LYS A 43 -4.71 1.35 -12.37
CA LYS A 43 -4.34 2.71 -12.74
C LYS A 43 -2.84 2.85 -12.88
N TRP A 44 -2.10 2.23 -11.96
CA TRP A 44 -0.64 2.30 -11.98
C TRP A 44 -0.04 1.10 -12.73
N HIS A 45 -0.73 0.65 -13.78
CA HIS A 45 -0.27 -0.48 -14.57
C HIS A 45 0.60 0.00 -15.73
N PRO A 46 1.92 -0.30 -15.68
CA PRO A 46 2.86 0.10 -16.75
C PRO A 46 2.34 -0.23 -18.14
N ASP A 47 1.68 -1.38 -18.26
CA ASP A 47 1.13 -1.82 -19.54
C ASP A 47 0.02 -0.88 -20.01
N LYS A 48 -1.05 -0.79 -19.23
CA LYS A 48 -2.17 0.06 -19.56
C LYS A 48 -1.74 1.53 -19.65
N ASN A 49 -0.78 1.91 -18.81
CA ASN A 49 -0.29 3.28 -18.79
C ASN A 49 0.29 3.66 -20.16
N PRO A 50 0.16 4.94 -20.54
CA PRO A 50 0.69 5.44 -21.83
C PRO A 50 2.16 5.12 -22.01
N GLU A 51 3.00 5.67 -21.14
CA GLU A 51 4.44 5.46 -21.21
C GLU A 51 5.09 5.75 -19.86
N ASN A 52 5.25 4.71 -19.05
CA ASN A 52 5.87 4.85 -17.73
C ASN A 52 6.13 3.49 -17.10
N HIS A 53 7.18 2.82 -17.58
CA HIS A 53 7.54 1.51 -17.06
C HIS A 53 8.44 1.61 -15.83
N ASP A 54 8.86 2.83 -15.50
CA ASP A 54 9.72 3.06 -14.34
C ASP A 54 8.96 3.76 -13.23
N ILE A 55 7.99 4.60 -13.61
CA ILE A 55 7.19 5.33 -12.64
C ILE A 55 6.07 4.46 -12.07
N ALA A 56 5.51 3.59 -12.91
CA ALA A 56 4.45 2.70 -12.49
C ALA A 56 4.98 1.53 -11.68
N ASN A 57 6.10 0.97 -12.12
CA ASN A 57 6.72 -0.16 -11.44
C ASN A 57 7.03 0.18 -9.98
N GLU A 58 7.56 1.38 -9.75
CA GLU A 58 7.90 1.82 -8.40
C GLU A 58 6.66 1.85 -7.51
N VAL A 59 5.61 2.50 -7.98
CA VAL A 59 4.37 2.60 -7.23
C VAL A 59 3.70 1.24 -7.05
N PHE A 60 3.86 0.38 -8.06
CA PHE A 60 3.29 -0.96 -8.02
C PHE A 60 3.91 -1.80 -6.91
N LYS A 61 5.23 -1.80 -6.85
CA LYS A 61 5.95 -2.55 -5.83
C LYS A 61 5.55 -2.12 -4.43
N HIS A 62 5.33 -0.81 -4.26
CA HIS A 62 4.93 -0.26 -2.97
C HIS A 62 3.48 -0.60 -2.65
N LEU A 63 2.64 -0.59 -3.68
CA LEU A 63 1.22 -0.90 -3.51
C LEU A 63 1.01 -2.38 -3.22
N GLN A 64 1.77 -3.23 -3.91
CA GLN A 64 1.67 -4.67 -3.72
C GLN A 64 2.18 -5.08 -2.35
N ASN A 65 3.40 -4.68 -2.03
CA ASN A 65 4.01 -5.01 -0.74
C ASN A 65 3.17 -4.45 0.41
N GLU A 66 2.51 -3.33 0.17
CA GLU A 66 1.68 -2.69 1.18
C GLU A 66 0.53 -3.59 1.60
N ILE A 67 0.10 -4.46 0.68
CA ILE A 67 -1.00 -5.38 0.96
C ILE A 67 -0.63 -6.36 2.07
N ASN A 68 0.30 -7.26 1.77
CA ASN A 68 0.75 -8.26 2.74
C ASN A 68 1.24 -7.59 4.02
N ARG A 69 1.74 -6.37 3.89
CA ARG A 69 2.25 -5.63 5.03
C ARG A 69 1.16 -5.43 6.08
N LEU A 70 -0.03 -5.04 5.62
CA LEU A 70 -1.16 -4.81 6.53
C LEU A 70 -2.01 -6.07 6.67
N GLU A 71 -2.19 -6.80 5.57
CA GLU A 71 -2.98 -8.01 5.58
C GLU A 71 -2.45 -9.02 6.59
N LYS A 72 -1.14 -8.97 6.83
CA LYS A 72 -0.50 -9.87 7.79
C LYS A 72 -0.61 -9.31 9.20
N GLN A 73 -0.28 -8.03 9.36
CA GLN A 73 -0.33 -7.39 10.67
C GLN A 73 -1.75 -7.44 11.24
N ALA A 74 -2.74 -7.28 10.38
CA ALA A 74 -4.13 -7.31 10.79
C ALA A 74 -4.58 -8.73 11.14
N PHE A 75 -4.01 -9.71 10.44
CA PHE A 75 -4.35 -11.11 10.67
C PHE A 75 -3.78 -11.59 12.01
N LEU A 76 -2.46 -11.46 12.15
CA LEU A 76 -1.79 -11.89 13.38
C LEU A 76 -2.28 -11.09 14.57
N ASP A 77 -2.25 -9.76 14.45
CA ASP A 77 -2.71 -8.88 15.52
C ASP A 77 -1.87 -9.10 16.79
N GLN A 78 -0.60 -9.43 16.59
CA GLN A 78 0.31 -9.65 17.72
C GLN A 78 -0.16 -10.83 18.57
N ASN A 79 0.23 -12.03 18.17
CA ASN A 79 -0.15 -13.24 18.89
C ASN A 79 1.08 -14.04 19.31
N ALA A 80 2.03 -14.19 18.38
CA ALA A 80 3.24 -14.93 18.65
C ALA A 80 4.30 -14.04 19.30
N ASP A 81 5.29 -14.67 19.93
CA ASP A 81 6.36 -13.93 20.59
C ASP A 81 7.71 -14.26 19.97
N ARG A 82 7.99 -15.55 19.80
CA ARG A 82 9.25 -15.99 19.21
C ARG A 82 9.03 -17.17 18.29
N ALA A 83 8.41 -18.23 18.82
CA ALA A 83 8.14 -19.43 18.04
C ALA A 83 6.93 -19.23 17.12
N SER A 84 6.99 -19.83 15.94
CA SER A 84 5.91 -19.72 14.97
C SER A 84 5.36 -21.10 14.61
N ARG A 85 6.23 -21.94 14.06
CA ARG A 85 5.83 -23.30 13.68
C ARG A 85 7.03 -24.24 13.68
N ARG A 86 7.99 -23.96 14.56
CA ARG A 86 9.18 -24.79 14.67
C ARG A 86 9.31 -25.39 16.06
N THR A 87 8.86 -26.63 16.21
CA THR A 87 8.92 -27.32 17.49
C THR A 87 10.21 -28.14 17.61
N PHE A 88 11.06 -27.74 18.54
CA PHE A 88 12.33 -28.43 18.76
C PHE A 88 13.20 -28.39 17.51
N MET A 1 24.32 25.96 8.96
CA MET A 1 23.82 24.60 8.62
C MET A 1 23.71 23.72 9.86
N HIS A 2 23.23 22.50 9.67
CA HIS A 2 23.07 21.56 10.78
C HIS A 2 23.04 20.13 10.27
N HIS A 3 22.01 19.79 9.49
CA HIS A 3 21.86 18.45 8.95
C HIS A 3 22.31 18.41 7.49
N HIS A 4 22.12 17.25 6.85
CA HIS A 4 22.51 17.08 5.45
C HIS A 4 21.47 16.26 4.69
N HIS A 5 20.57 16.96 4.00
CA HIS A 5 19.52 16.31 3.23
C HIS A 5 19.77 16.45 1.73
N HIS A 6 19.79 15.34 1.02
CA HIS A 6 20.01 15.35 -0.42
C HIS A 6 18.90 14.60 -1.14
N HIS A 7 18.52 13.44 -0.62
CA HIS A 7 17.47 12.63 -1.22
C HIS A 7 16.42 12.24 -0.18
N LEU A 8 15.87 13.23 0.51
CA LEU A 8 14.86 12.98 1.53
C LEU A 8 13.48 13.42 1.05
N VAL A 9 13.37 14.67 0.62
CA VAL A 9 12.11 15.22 0.13
C VAL A 9 11.88 14.85 -1.33
N PRO A 10 10.87 14.01 -1.61
CA PRO A 10 10.56 13.57 -2.97
C PRO A 10 10.28 14.75 -3.90
N ARG A 11 10.04 14.45 -5.17
CA ARG A 11 9.76 15.49 -6.16
C ARG A 11 8.26 15.54 -6.49
N GLY A 12 7.66 14.36 -6.65
CA GLY A 12 6.25 14.29 -6.97
C GLY A 12 5.49 13.40 -6.01
N SER A 13 6.00 13.30 -4.77
CA SER A 13 5.37 12.47 -3.75
C SER A 13 5.13 11.04 -4.25
N ILE A 14 3.96 10.79 -4.83
CA ILE A 14 3.63 9.47 -5.35
C ILE A 14 3.53 8.45 -4.23
N LEU A 15 4.68 8.04 -3.71
CA LEU A 15 4.74 7.05 -2.62
C LEU A 15 3.95 7.54 -1.41
N LYS A 16 4.36 8.67 -0.86
CA LYS A 16 3.69 9.24 0.31
C LYS A 16 2.19 9.37 0.07
N GLU A 17 1.80 9.48 -1.19
CA GLU A 17 0.40 9.61 -1.55
C GLU A 17 -0.29 8.25 -1.54
N VAL A 18 0.48 7.20 -1.84
CA VAL A 18 -0.05 5.84 -1.86
C VAL A 18 -0.12 5.26 -0.46
N THR A 19 0.80 5.67 0.40
CA THR A 19 0.85 5.20 1.78
C THR A 19 -0.38 5.66 2.57
N SER A 20 -1.00 6.74 2.12
CA SER A 20 -2.18 7.27 2.78
C SER A 20 -3.46 6.63 2.25
N VAL A 21 -3.61 6.64 0.93
CA VAL A 21 -4.79 6.05 0.29
C VAL A 21 -4.94 4.57 0.64
N VAL A 22 -3.82 3.91 0.90
CA VAL A 22 -3.84 2.50 1.24
C VAL A 22 -4.34 2.28 2.67
N GLU A 23 -3.88 3.11 3.59
CA GLU A 23 -4.28 2.99 4.99
C GLU A 23 -5.68 3.54 5.20
N GLN A 24 -6.07 4.49 4.35
CA GLN A 24 -7.40 5.10 4.45
C GLN A 24 -8.50 4.11 4.04
N ALA A 25 -8.20 3.31 3.02
CA ALA A 25 -9.16 2.33 2.53
C ALA A 25 -9.22 1.11 3.44
N TRP A 26 -8.06 0.72 3.98
CA TRP A 26 -7.98 -0.43 4.88
C TRP A 26 -8.99 -0.32 6.01
N LYS A 27 -9.37 0.92 6.34
CA LYS A 27 -10.32 1.17 7.42
C LYS A 27 -11.64 0.45 7.14
N LEU A 28 -11.97 0.29 5.86
CA LEU A 28 -13.21 -0.37 5.47
C LEU A 28 -13.05 -1.89 5.53
N PRO A 29 -14.16 -2.62 5.73
CA PRO A 29 -14.15 -4.08 5.80
C PRO A 29 -13.57 -4.72 4.54
N GLU A 30 -14.24 -4.49 3.41
CA GLU A 30 -13.80 -5.04 2.14
C GLU A 30 -14.72 -4.57 1.00
N SER A 31 -16.01 -4.51 1.28
CA SER A 31 -16.99 -4.09 0.28
C SER A 31 -16.62 -2.73 -0.30
N GLU A 32 -16.31 -1.78 0.57
CA GLU A 32 -15.94 -0.44 0.15
C GLU A 32 -14.43 -0.31 -0.01
N ARG A 33 -13.68 -1.18 0.66
CA ARG A 33 -12.23 -1.16 0.59
C ARG A 33 -11.73 -1.44 -0.82
N LYS A 34 -12.19 -2.54 -1.39
CA LYS A 34 -11.80 -2.94 -2.75
C LYS A 34 -12.04 -1.81 -3.74
N LYS A 35 -13.03 -0.97 -3.47
CA LYS A 35 -13.37 0.14 -4.34
C LYS A 35 -12.19 1.11 -4.47
N ILE A 36 -11.36 1.17 -3.44
CA ILE A 36 -10.20 2.05 -3.46
C ILE A 36 -8.94 1.31 -3.86
N ILE A 37 -8.86 0.04 -3.48
CA ILE A 37 -7.70 -0.79 -3.81
C ILE A 37 -7.76 -1.28 -5.26
N ARG A 38 -8.86 -1.93 -5.61
CA ARG A 38 -9.05 -2.44 -6.96
C ARG A 38 -8.94 -1.33 -8.00
N ARG A 39 -9.35 -0.13 -7.60
CA ARG A 39 -9.30 1.03 -8.50
C ARG A 39 -7.87 1.49 -8.72
N LEU A 40 -7.19 1.86 -7.63
CA LEU A 40 -5.81 2.32 -7.72
C LEU A 40 -4.90 1.22 -8.25
N TYR A 41 -5.20 -0.02 -7.87
CA TYR A 41 -4.40 -1.16 -8.31
C TYR A 41 -4.43 -1.29 -9.83
N LEU A 42 -5.60 -1.12 -10.42
CA LEU A 42 -5.76 -1.22 -11.87
C LEU A 42 -5.25 0.04 -12.56
N LYS A 43 -5.36 1.17 -11.88
CA LYS A 43 -4.92 2.44 -12.43
C LYS A 43 -3.40 2.51 -12.47
N TRP A 44 -2.75 1.96 -11.45
CA TRP A 44 -1.30 1.95 -11.37
C TRP A 44 -0.72 0.66 -11.94
N HIS A 45 -1.23 0.25 -13.10
CA HIS A 45 -0.77 -0.96 -13.75
C HIS A 45 0.10 -0.64 -14.97
N PRO A 46 1.19 -1.41 -15.18
CA PRO A 46 2.10 -1.19 -16.31
C PRO A 46 1.46 -1.53 -17.64
N ASP A 47 0.65 -2.59 -17.65
CA ASP A 47 -0.03 -3.03 -18.86
C ASP A 47 -1.07 -2.02 -19.30
N LYS A 48 -1.79 -1.47 -18.32
CA LYS A 48 -2.83 -0.48 -18.60
C LYS A 48 -2.22 0.89 -18.85
N ASN A 49 -1.13 1.18 -18.15
CA ASN A 49 -0.45 2.47 -18.29
C ASN A 49 0.04 2.67 -19.73
N PRO A 50 0.13 3.93 -20.18
CA PRO A 50 0.58 4.25 -21.54
C PRO A 50 1.92 3.59 -21.88
N GLU A 51 2.93 3.87 -21.07
CA GLU A 51 4.26 3.30 -21.28
C GLU A 51 5.16 3.57 -20.07
N ASN A 52 5.02 2.74 -19.04
CA ASN A 52 5.82 2.89 -17.83
C ASN A 52 6.29 1.53 -17.33
N HIS A 53 7.57 1.24 -17.52
CA HIS A 53 8.16 -0.02 -17.09
C HIS A 53 8.75 0.10 -15.68
N ASP A 54 9.64 1.07 -15.52
CA ASP A 54 10.29 1.29 -14.23
C ASP A 54 9.44 2.22 -13.35
N ILE A 55 8.86 3.24 -13.97
CA ILE A 55 8.02 4.18 -13.25
C ILE A 55 6.82 3.49 -12.61
N ALA A 56 6.14 2.65 -13.39
CA ALA A 56 4.98 1.93 -12.90
C ALA A 56 5.37 0.88 -11.87
N ASN A 57 6.55 0.29 -12.06
CA ASN A 57 7.03 -0.73 -11.14
C ASN A 57 7.37 -0.12 -9.78
N GLU A 58 7.88 1.10 -9.80
CA GLU A 58 8.24 1.79 -8.57
C GLU A 58 7.02 1.96 -7.66
N VAL A 59 5.93 2.46 -8.23
CA VAL A 59 4.70 2.66 -7.46
C VAL A 59 4.08 1.33 -7.04
N PHE A 60 4.18 0.33 -7.92
CA PHE A 60 3.62 -0.98 -7.64
C PHE A 60 4.41 -1.68 -6.53
N LYS A 61 5.73 -1.46 -6.52
CA LYS A 61 6.58 -2.07 -5.51
C LYS A 61 6.17 -1.63 -4.11
N HIS A 62 5.88 -0.34 -3.95
CA HIS A 62 5.48 0.21 -2.67
C HIS A 62 4.05 -0.20 -2.33
N LEU A 63 3.21 -0.32 -3.35
CA LEU A 63 1.82 -0.71 -3.16
C LEU A 63 1.71 -2.20 -2.81
N GLN A 64 2.21 -3.04 -3.71
CA GLN A 64 2.16 -4.48 -3.51
C GLN A 64 2.74 -4.88 -2.15
N ASN A 65 3.95 -4.42 -1.88
CA ASN A 65 4.63 -4.72 -0.62
C ASN A 65 3.81 -4.24 0.57
N GLU A 66 2.99 -3.21 0.35
CA GLU A 66 2.15 -2.66 1.40
C GLU A 66 0.96 -3.58 1.70
N ILE A 67 0.50 -4.29 0.68
CA ILE A 67 -0.63 -5.20 0.84
C ILE A 67 -0.28 -6.36 1.77
N ASN A 68 0.69 -7.17 1.35
CA ASN A 68 1.11 -8.32 2.16
C ASN A 68 1.52 -7.89 3.56
N ARG A 69 1.93 -6.63 3.71
CA ARG A 69 2.34 -6.11 5.00
C ARG A 69 1.14 -5.92 5.92
N LEU A 70 0.12 -5.23 5.42
CA LEU A 70 -1.09 -4.98 6.20
C LEU A 70 -2.00 -6.20 6.21
N GLU A 71 -2.22 -6.78 5.03
CA GLU A 71 -3.07 -7.95 4.91
C GLU A 71 -2.58 -9.08 5.81
N LYS A 72 -1.27 -9.12 6.06
CA LYS A 72 -0.69 -10.14 6.92
C LYS A 72 -0.97 -9.86 8.38
N GLN A 73 -0.45 -8.73 8.88
CA GLN A 73 -0.65 -8.35 10.27
C GLN A 73 -2.12 -8.26 10.61
N ALA A 74 -2.94 -7.90 9.62
CA ALA A 74 -4.37 -7.78 9.82
C ALA A 74 -5.01 -9.14 10.07
N PHE A 75 -4.42 -10.18 9.49
CA PHE A 75 -4.93 -11.55 9.64
C PHE A 75 -4.33 -12.21 10.86
N LEU A 76 -3.10 -11.82 11.22
CA LEU A 76 -2.42 -12.38 12.38
C LEU A 76 -2.70 -11.56 13.63
N ASP A 77 -3.97 -11.28 13.87
CA ASP A 77 -4.38 -10.51 15.04
C ASP A 77 -4.77 -11.43 16.19
N GLN A 78 -5.32 -12.59 15.84
CA GLN A 78 -5.74 -13.57 16.83
C GLN A 78 -5.06 -14.91 16.60
N ASN A 79 -4.99 -15.32 15.35
CA ASN A 79 -4.37 -16.58 14.98
C ASN A 79 -2.89 -16.38 14.62
N ALA A 80 -2.01 -16.66 15.58
CA ALA A 80 -0.58 -16.50 15.36
C ALA A 80 -0.03 -17.61 14.46
N ASP A 81 -0.56 -18.81 14.63
CA ASP A 81 -0.13 -19.95 13.83
C ASP A 81 -1.32 -20.69 13.24
N ARG A 82 -1.23 -21.01 11.95
CA ARG A 82 -2.30 -21.71 11.25
C ARG A 82 -1.76 -22.88 10.44
N ALA A 83 -2.61 -23.50 9.64
CA ALA A 83 -2.22 -24.63 8.81
C ALA A 83 -1.74 -25.79 9.67
N SER A 84 -2.60 -26.79 9.83
CA SER A 84 -2.28 -27.97 10.62
C SER A 84 -2.14 -29.21 9.75
N ARG A 85 -1.04 -29.93 9.91
CA ARG A 85 -0.79 -31.14 9.12
C ARG A 85 -1.17 -32.38 9.91
N ARG A 86 -1.26 -33.51 9.21
CA ARG A 86 -1.62 -34.77 9.84
C ARG A 86 -1.30 -35.95 8.92
N THR A 87 -0.65 -36.97 9.49
CA THR A 87 -0.29 -38.16 8.72
C THR A 87 -0.46 -39.42 9.56
N PHE A 88 0.07 -39.39 10.78
CA PHE A 88 -0.02 -40.53 11.68
C PHE A 88 -1.14 -40.33 12.70
N MET A 1 23.23 9.81 4.50
CA MET A 1 22.02 10.00 5.35
C MET A 1 22.41 10.53 6.72
N HIS A 2 21.41 10.96 7.49
CA HIS A 2 21.63 11.48 8.83
C HIS A 2 20.94 10.63 9.88
N HIS A 3 21.15 10.95 11.15
CA HIS A 3 20.54 10.21 12.24
C HIS A 3 20.99 8.75 12.24
N HIS A 4 20.77 8.06 13.35
CA HIS A 4 21.15 6.66 13.46
C HIS A 4 19.92 5.76 13.46
N HIS A 5 18.87 6.20 12.77
CA HIS A 5 17.63 5.43 12.69
C HIS A 5 16.86 5.78 11.42
N HIS A 6 16.92 4.89 10.43
CA HIS A 6 16.23 5.11 9.17
C HIS A 6 14.83 4.50 9.21
N HIS A 7 14.02 4.83 8.20
CA HIS A 7 12.66 4.31 8.12
C HIS A 7 12.22 4.15 6.67
N LEU A 8 12.03 5.28 5.99
CA LEU A 8 11.61 5.27 4.60
C LEU A 8 12.02 6.56 3.89
N VAL A 9 11.70 7.69 4.52
CA VAL A 9 12.04 9.00 3.96
C VAL A 9 11.32 9.22 2.62
N PRO A 10 10.22 9.98 2.63
CA PRO A 10 9.45 10.26 1.41
C PRO A 10 10.34 10.73 0.26
N ARG A 11 9.91 10.45 -0.97
CA ARG A 11 10.66 10.85 -2.14
C ARG A 11 9.74 11.05 -3.34
N GLY A 12 9.47 12.32 -3.67
CA GLY A 12 8.60 12.63 -4.79
C GLY A 12 7.14 12.69 -4.39
N SER A 13 6.85 12.42 -3.12
CA SER A 13 5.48 12.45 -2.63
C SER A 13 4.62 11.42 -3.36
N ILE A 14 5.22 10.30 -3.74
CA ILE A 14 4.51 9.24 -4.45
C ILE A 14 4.29 8.05 -3.54
N LEU A 15 5.30 7.69 -2.75
CA LEU A 15 5.21 6.56 -1.84
C LEU A 15 4.35 6.91 -0.62
N LYS A 16 4.54 8.13 -0.11
CA LYS A 16 3.79 8.58 1.05
C LYS A 16 2.29 8.56 0.77
N GLU A 17 1.91 8.94 -0.45
CA GLU A 17 0.51 8.98 -0.84
C GLU A 17 -0.10 7.58 -0.79
N VAL A 18 0.69 6.58 -1.16
CA VAL A 18 0.23 5.19 -1.15
C VAL A 18 0.01 4.69 0.27
N THR A 19 0.76 5.25 1.20
CA THR A 19 0.67 4.85 2.61
C THR A 19 -0.58 5.45 3.26
N SER A 20 -1.09 6.53 2.68
CA SER A 20 -2.28 7.20 3.22
C SER A 20 -3.55 6.56 2.67
N VAL A 21 -3.58 6.29 1.38
CA VAL A 21 -4.74 5.69 0.73
C VAL A 21 -4.91 4.23 1.14
N VAL A 22 -3.78 3.55 1.38
CA VAL A 22 -3.81 2.15 1.77
C VAL A 22 -4.42 1.98 3.16
N GLU A 23 -4.02 2.83 4.09
CA GLU A 23 -4.54 2.78 5.45
C GLU A 23 -6.00 3.18 5.51
N GLN A 24 -6.42 4.01 4.56
CA GLN A 24 -7.81 4.47 4.49
C GLN A 24 -8.72 3.40 3.90
N ALA A 25 -8.12 2.46 3.17
CA ALA A 25 -8.88 1.38 2.54
C ALA A 25 -9.02 0.18 3.47
N TRP A 26 -8.35 0.23 4.62
CA TRP A 26 -8.40 -0.86 5.59
C TRP A 26 -9.39 -0.56 6.71
N LYS A 27 -10.38 0.27 6.41
CA LYS A 27 -11.40 0.65 7.39
C LYS A 27 -12.82 0.47 6.84
N LEU A 28 -12.92 -0.08 5.63
CA LEU A 28 -14.22 -0.30 5.01
C LEU A 28 -14.36 -1.75 4.54
N PRO A 29 -15.60 -2.22 4.37
CA PRO A 29 -15.88 -3.60 3.92
C PRO A 29 -15.29 -3.88 2.55
N GLU A 30 -15.39 -5.14 2.12
CA GLU A 30 -14.87 -5.55 0.82
C GLU A 30 -15.49 -4.74 -0.31
N SER A 31 -16.72 -4.25 -0.08
CA SER A 31 -17.42 -3.46 -1.08
C SER A 31 -16.59 -2.26 -1.51
N GLU A 32 -15.95 -1.61 -0.55
CA GLU A 32 -15.12 -0.44 -0.83
C GLU A 32 -13.65 -0.85 -0.98
N ARG A 33 -13.24 -1.87 -0.23
CA ARG A 33 -11.86 -2.35 -0.27
C ARG A 33 -11.47 -2.75 -1.69
N LYS A 34 -12.39 -3.38 -2.40
CA LYS A 34 -12.13 -3.82 -3.77
C LYS A 34 -12.17 -2.64 -4.75
N LYS A 35 -12.59 -1.48 -4.27
CA LYS A 35 -12.68 -0.29 -5.10
C LYS A 35 -11.41 0.55 -5.00
N ILE A 36 -10.90 0.69 -3.78
CA ILE A 36 -9.68 1.47 -3.55
C ILE A 36 -8.45 0.77 -4.13
N ILE A 37 -8.31 -0.52 -3.82
CA ILE A 37 -7.18 -1.30 -4.32
C ILE A 37 -7.23 -1.44 -5.84
N ARG A 38 -8.41 -1.76 -6.36
CA ARG A 38 -8.59 -1.93 -7.80
C ARG A 38 -8.28 -0.64 -8.55
N ARG A 39 -8.83 0.47 -8.05
CA ARG A 39 -8.61 1.77 -8.67
C ARG A 39 -7.12 2.12 -8.70
N LEU A 40 -6.43 1.88 -7.60
CA LEU A 40 -5.00 2.16 -7.50
C LEU A 40 -4.21 1.18 -8.35
N TYR A 41 -4.71 -0.04 -8.48
CA TYR A 41 -4.04 -1.07 -9.27
C TYR A 41 -4.20 -0.80 -10.76
N LEU A 42 -5.31 -0.18 -11.14
CA LEU A 42 -5.58 0.13 -12.54
C LEU A 42 -4.97 1.48 -12.91
N LYS A 43 -4.99 2.42 -11.98
CA LYS A 43 -4.44 3.75 -12.22
C LYS A 43 -2.91 3.71 -12.30
N TRP A 44 -2.31 2.83 -11.49
CA TRP A 44 -0.86 2.69 -11.48
C TRP A 44 -0.42 1.51 -12.32
N HIS A 45 -1.11 1.30 -13.44
CA HIS A 45 -0.78 0.20 -14.34
C HIS A 45 0.15 0.67 -15.46
N PRO A 46 1.27 -0.04 -15.67
CA PRO A 46 2.24 0.33 -16.72
C PRO A 46 1.61 0.30 -18.12
N ASP A 47 0.69 -0.63 -18.33
CA ASP A 47 0.02 -0.74 -19.62
C ASP A 47 -0.80 0.51 -19.93
N LYS A 48 -1.34 1.12 -18.88
CA LYS A 48 -2.15 2.32 -19.04
C LYS A 48 -1.27 3.55 -19.29
N ASN A 49 0.01 3.45 -18.92
CA ASN A 49 0.94 4.54 -19.12
C ASN A 49 2.06 4.15 -20.08
N PRO A 50 1.79 4.24 -21.40
CA PRO A 50 2.77 3.90 -22.43
C PRO A 50 4.05 4.72 -22.30
N GLU A 51 3.94 5.91 -21.75
CA GLU A 51 5.09 6.79 -21.57
C GLU A 51 5.91 6.38 -20.34
N ASN A 52 5.32 6.56 -19.16
CA ASN A 52 6.00 6.21 -17.91
C ASN A 52 5.71 4.77 -17.52
N HIS A 53 6.49 3.85 -18.06
CA HIS A 53 6.33 2.44 -17.76
C HIS A 53 7.26 1.98 -16.64
N ASP A 54 8.08 2.91 -16.14
CA ASP A 54 9.01 2.60 -15.06
C ASP A 54 8.56 3.25 -13.75
N ILE A 55 7.90 4.40 -13.86
CA ILE A 55 7.42 5.12 -12.70
C ILE A 55 6.29 4.36 -12.01
N ALA A 56 5.52 3.60 -12.80
CA ALA A 56 4.41 2.83 -12.27
C ALA A 56 4.91 1.60 -11.52
N ASN A 57 6.03 1.05 -11.98
CA ASN A 57 6.61 -0.15 -11.35
C ASN A 57 7.07 0.15 -9.93
N GLU A 58 7.69 1.31 -9.75
CA GLU A 58 8.18 1.72 -8.44
C GLU A 58 7.03 1.89 -7.45
N VAL A 59 5.86 2.20 -7.97
CA VAL A 59 4.67 2.39 -7.13
C VAL A 59 3.90 1.09 -6.98
N PHE A 60 4.03 0.21 -7.97
CA PHE A 60 3.33 -1.07 -7.95
C PHE A 60 3.95 -2.01 -6.92
N LYS A 61 5.27 -1.94 -6.76
CA LYS A 61 5.97 -2.79 -5.80
C LYS A 61 5.54 -2.47 -4.38
N HIS A 62 5.44 -1.19 -4.06
CA HIS A 62 5.04 -0.75 -2.73
C HIS A 62 3.54 -0.91 -2.54
N LEU A 63 2.79 -0.77 -3.63
CA LEU A 63 1.33 -0.90 -3.58
C LEU A 63 0.92 -2.34 -3.27
N GLN A 64 1.75 -3.29 -3.70
CA GLN A 64 1.47 -4.70 -3.46
C GLN A 64 2.06 -5.17 -2.14
N ASN A 65 3.32 -4.79 -1.90
CA ASN A 65 4.00 -5.15 -0.67
C ASN A 65 3.26 -4.64 0.56
N GLU A 66 2.58 -3.50 0.40
CA GLU A 66 1.83 -2.90 1.49
C GLU A 66 0.61 -3.73 1.85
N ILE A 67 0.08 -4.46 0.87
CA ILE A 67 -1.09 -5.30 1.08
C ILE A 67 -0.79 -6.41 2.08
N ASN A 68 0.23 -7.22 1.78
CA ASN A 68 0.62 -8.32 2.64
C ASN A 68 1.23 -7.81 3.94
N ARG A 69 1.74 -6.58 3.92
CA ARG A 69 2.34 -5.98 5.10
C ARG A 69 1.30 -5.69 6.17
N LEU A 70 0.18 -5.11 5.76
CA LEU A 70 -0.90 -4.78 6.69
C LEU A 70 -1.87 -5.94 6.85
N GLU A 71 -2.12 -6.66 5.75
CA GLU A 71 -3.04 -7.79 5.78
C GLU A 71 -2.49 -8.93 6.62
N LYS A 72 -1.16 -8.97 6.75
CA LYS A 72 -0.50 -10.02 7.53
C LYS A 72 -0.29 -9.58 8.98
N GLN A 73 0.39 -8.45 9.15
CA GLN A 73 0.65 -7.92 10.49
C GLN A 73 -0.64 -7.68 11.26
N ALA A 74 -1.61 -7.07 10.59
CA ALA A 74 -2.89 -6.79 11.22
C ALA A 74 -3.62 -8.08 11.63
N PHE A 75 -3.79 -8.98 10.66
CA PHE A 75 -4.46 -10.24 10.92
C PHE A 75 -3.74 -11.04 11.99
N LEU A 76 -2.42 -11.10 11.90
CA LEU A 76 -1.60 -11.83 12.87
C LEU A 76 -1.26 -10.95 14.06
N ASP A 77 -2.29 -10.45 14.74
CA ASP A 77 -2.09 -9.59 15.91
C ASP A 77 -2.70 -10.22 17.16
N GLN A 78 -3.98 -10.58 17.07
CA GLN A 78 -4.68 -11.19 18.18
C GLN A 78 -5.71 -12.21 17.70
N ASN A 79 -5.73 -13.37 18.33
CA ASN A 79 -6.67 -14.42 17.96
C ASN A 79 -7.27 -15.08 19.20
N ALA A 80 -8.51 -14.75 19.50
CA ALA A 80 -9.20 -15.31 20.66
C ALA A 80 -10.70 -15.37 20.44
N ASP A 81 -11.35 -16.34 21.07
CA ASP A 81 -12.79 -16.52 20.94
C ASP A 81 -13.46 -16.48 22.30
N ARG A 82 -14.06 -15.34 22.64
CA ARG A 82 -14.75 -15.19 23.92
C ARG A 82 -13.78 -15.37 25.08
N ALA A 83 -13.33 -14.26 25.67
CA ALA A 83 -12.41 -14.32 26.79
C ALA A 83 -13.11 -14.74 28.07
N SER A 84 -12.38 -14.73 29.18
CA SER A 84 -12.95 -15.11 30.47
C SER A 84 -12.72 -14.00 31.50
N ARG A 85 -13.67 -13.87 32.42
CA ARG A 85 -13.58 -12.86 33.47
C ARG A 85 -13.53 -13.50 34.85
N ARG A 86 -14.32 -14.56 35.04
CA ARG A 86 -14.37 -15.27 36.32
C ARG A 86 -14.85 -14.35 37.43
N THR A 87 -15.31 -14.94 38.52
CA THR A 87 -15.80 -14.17 39.67
C THR A 87 -17.09 -13.44 39.31
N PHE A 88 -16.99 -12.44 38.45
CA PHE A 88 -18.16 -11.67 38.04
C PHE A 88 -18.31 -11.69 36.51
N MET A 1 13.00 32.55 6.89
CA MET A 1 12.44 31.44 7.69
C MET A 1 11.70 30.43 6.82
N HIS A 2 12.23 29.21 6.75
CA HIS A 2 11.61 28.16 5.94
C HIS A 2 11.40 26.90 6.77
N HIS A 3 10.52 26.03 6.30
CA HIS A 3 10.22 24.79 6.99
C HIS A 3 9.66 25.05 8.38
N HIS A 4 8.36 24.86 8.54
CA HIS A 4 7.69 25.09 9.83
C HIS A 4 7.46 23.77 10.54
N HIS A 5 7.24 22.70 9.78
CA HIS A 5 7.01 21.38 10.35
C HIS A 5 8.22 20.49 10.15
N HIS A 6 8.07 19.21 10.48
CA HIS A 6 9.16 18.25 10.33
C HIS A 6 9.75 18.30 8.93
N HIS A 7 10.98 18.78 8.83
CA HIS A 7 11.66 18.89 7.54
C HIS A 7 11.73 17.53 6.85
N LEU A 8 11.30 17.50 5.59
CA LEU A 8 11.31 16.27 4.81
C LEU A 8 11.23 16.58 3.31
N VAL A 9 11.81 15.70 2.50
CA VAL A 9 11.80 15.87 1.06
C VAL A 9 10.99 14.77 0.38
N PRO A 10 9.69 15.03 0.12
CA PRO A 10 8.81 14.05 -0.53
C PRO A 10 9.38 13.54 -1.85
N ARG A 11 9.68 14.46 -2.76
CA ARG A 11 10.24 14.10 -4.06
C ARG A 11 9.28 13.21 -4.83
N GLY A 12 8.44 13.83 -5.65
CA GLY A 12 7.48 13.06 -6.45
C GLY A 12 6.08 13.10 -5.86
N SER A 13 5.99 12.90 -4.55
CA SER A 13 4.69 12.92 -3.86
C SER A 13 3.78 11.83 -4.42
N ILE A 14 4.35 10.66 -4.67
CA ILE A 14 3.59 9.54 -5.21
C ILE A 14 3.56 8.37 -4.22
N LEU A 15 4.75 7.93 -3.82
CA LEU A 15 4.86 6.82 -2.88
C LEU A 15 4.23 7.17 -1.54
N LYS A 16 4.29 8.45 -1.18
CA LYS A 16 3.71 8.90 0.08
C LYS A 16 2.19 8.96 0.00
N GLU A 17 1.68 9.26 -1.19
CA GLU A 17 0.23 9.35 -1.40
C GLU A 17 -0.41 7.97 -1.35
N VAL A 18 0.34 6.96 -1.77
CA VAL A 18 -0.15 5.58 -1.78
C VAL A 18 -0.18 5.00 -0.36
N THR A 19 0.73 5.49 0.48
CA THR A 19 0.81 5.02 1.86
C THR A 19 -0.38 5.49 2.68
N SER A 20 -0.97 6.61 2.28
CA SER A 20 -2.12 7.16 2.98
C SER A 20 -3.43 6.56 2.47
N VAL A 21 -3.58 6.50 1.15
CA VAL A 21 -4.77 5.94 0.55
C VAL A 21 -4.91 4.44 0.83
N VAL A 22 -3.77 3.78 1.04
CA VAL A 22 -3.76 2.36 1.31
C VAL A 22 -4.18 2.06 2.75
N GLU A 23 -3.73 2.88 3.68
CA GLU A 23 -4.06 2.71 5.09
C GLU A 23 -5.48 3.14 5.38
N GLN A 24 -6.00 4.07 4.57
CA GLN A 24 -7.36 4.57 4.75
C GLN A 24 -8.38 3.52 4.31
N ALA A 25 -8.00 2.66 3.37
CA ALA A 25 -8.88 1.62 2.87
C ALA A 25 -9.03 0.49 3.89
N TRP A 26 -7.92 0.13 4.53
CA TRP A 26 -7.93 -0.94 5.52
C TRP A 26 -8.99 -0.70 6.60
N LYS A 27 -9.32 0.57 6.82
CA LYS A 27 -10.33 0.93 7.82
C LYS A 27 -11.69 0.32 7.47
N LEU A 28 -11.92 0.11 6.17
CA LEU A 28 -13.17 -0.47 5.71
C LEU A 28 -13.13 -1.99 5.79
N PRO A 29 -14.31 -2.63 5.92
CA PRO A 29 -14.42 -4.09 6.01
C PRO A 29 -13.79 -4.79 4.80
N GLU A 30 -14.48 -4.74 3.67
CA GLU A 30 -13.99 -5.37 2.45
C GLU A 30 -14.66 -4.77 1.22
N SER A 31 -15.97 -4.58 1.29
CA SER A 31 -16.73 -4.01 0.17
C SER A 31 -16.10 -2.71 -0.32
N GLU A 32 -16.11 -1.70 0.53
CA GLU A 32 -15.55 -0.40 0.18
C GLU A 32 -14.02 -0.43 0.24
N ARG A 33 -13.47 -1.42 0.94
CA ARG A 33 -12.03 -1.56 1.07
C ARG A 33 -11.38 -1.88 -0.26
N LYS A 34 -11.79 -3.00 -0.85
CA LYS A 34 -11.24 -3.43 -2.13
C LYS A 34 -11.45 -2.37 -3.21
N LYS A 35 -12.46 -1.52 -3.03
CA LYS A 35 -12.76 -0.47 -3.99
C LYS A 35 -11.56 0.45 -4.20
N ILE A 36 -10.83 0.72 -3.13
CA ILE A 36 -9.66 1.58 -3.19
C ILE A 36 -8.47 0.85 -3.82
N ILE A 37 -8.28 -0.41 -3.44
CA ILE A 37 -7.17 -1.20 -3.98
C ILE A 37 -7.45 -1.61 -5.43
N ARG A 38 -8.72 -1.73 -5.77
CA ARG A 38 -9.11 -2.10 -7.13
C ARG A 38 -8.83 -0.97 -8.12
N ARG A 39 -8.87 0.26 -7.63
CA ARG A 39 -8.62 1.42 -8.47
C ARG A 39 -7.12 1.61 -8.71
N LEU A 40 -6.36 1.69 -7.62
CA LEU A 40 -4.92 1.88 -7.71
C LEU A 40 -4.26 0.75 -8.52
N TYR A 41 -4.81 -0.46 -8.37
CA TYR A 41 -4.28 -1.62 -9.09
C TYR A 41 -4.62 -1.56 -10.57
N LEU A 42 -5.81 -1.05 -10.88
CA LEU A 42 -6.25 -0.94 -12.26
C LEU A 42 -6.04 0.49 -12.79
N LYS A 43 -5.01 1.15 -12.26
CA LYS A 43 -4.70 2.52 -12.67
C LYS A 43 -3.19 2.68 -12.90
N TRP A 44 -2.39 2.12 -12.00
CA TRP A 44 -0.95 2.22 -12.12
C TRP A 44 -0.37 0.98 -12.80
N HIS A 45 -1.07 0.48 -13.80
CA HIS A 45 -0.62 -0.69 -14.55
C HIS A 45 0.26 -0.29 -15.73
N PRO A 46 1.54 -0.74 -15.74
CA PRO A 46 2.47 -0.42 -16.81
C PRO A 46 1.93 -0.79 -18.19
N ASP A 47 1.18 -1.88 -18.25
CA ASP A 47 0.60 -2.35 -19.51
C ASP A 47 -0.22 -1.25 -20.17
N LYS A 48 -0.87 -0.42 -19.35
CA LYS A 48 -1.68 0.67 -19.86
C LYS A 48 -0.98 2.01 -19.66
N ASN A 49 0.30 2.06 -20.01
CA ASN A 49 1.08 3.28 -19.87
C ASN A 49 2.06 3.44 -21.04
N PRO A 50 2.16 4.66 -21.60
CA PRO A 50 3.06 4.93 -22.73
C PRO A 50 4.51 5.10 -22.27
N GLU A 51 4.71 5.85 -21.19
CA GLU A 51 6.04 6.10 -20.67
C GLU A 51 6.06 5.98 -19.15
N ASN A 52 5.29 5.03 -18.62
CA ASN A 52 5.21 4.80 -17.19
C ASN A 52 5.71 3.40 -16.83
N HIS A 53 6.61 2.87 -17.65
CA HIS A 53 7.16 1.53 -17.41
C HIS A 53 8.00 1.50 -16.14
N ASP A 54 8.55 2.66 -15.76
CA ASP A 54 9.36 2.75 -14.56
C ASP A 54 8.63 3.53 -13.47
N ILE A 55 7.84 4.51 -13.89
CA ILE A 55 7.08 5.33 -12.96
C ILE A 55 5.95 4.52 -12.32
N ALA A 56 5.43 3.55 -13.06
CA ALA A 56 4.35 2.70 -12.57
C ALA A 56 4.90 1.53 -11.75
N ASN A 57 6.02 0.98 -12.21
CA ASN A 57 6.65 -0.14 -11.52
C ASN A 57 7.05 0.24 -10.10
N GLU A 58 7.44 1.51 -9.92
CA GLU A 58 7.84 2.00 -8.62
C GLU A 58 6.66 2.04 -7.65
N VAL A 59 5.53 2.54 -8.14
CA VAL A 59 4.32 2.62 -7.32
C VAL A 59 3.70 1.24 -7.12
N PHE A 60 3.87 0.37 -8.10
CA PHE A 60 3.32 -0.98 -8.02
C PHE A 60 3.99 -1.77 -6.90
N LYS A 61 5.26 -1.48 -6.65
CA LYS A 61 6.01 -2.17 -5.60
C LYS A 61 5.48 -1.81 -4.21
N HIS A 62 5.55 -0.52 -3.88
CA HIS A 62 5.08 -0.05 -2.58
C HIS A 62 3.59 -0.33 -2.41
N LEU A 63 2.86 -0.34 -3.52
CA LEU A 63 1.42 -0.61 -3.48
C LEU A 63 1.14 -2.06 -3.14
N GLN A 64 1.90 -2.97 -3.73
CA GLN A 64 1.73 -4.39 -3.48
C GLN A 64 2.40 -4.81 -2.18
N ASN A 65 3.62 -4.33 -1.97
CA ASN A 65 4.38 -4.65 -0.76
C ASN A 65 3.61 -4.24 0.49
N GLU A 66 2.79 -3.21 0.37
CA GLU A 66 2.00 -2.72 1.49
C GLU A 66 0.83 -3.66 1.78
N ILE A 67 0.38 -4.38 0.77
CA ILE A 67 -0.73 -5.32 0.91
C ILE A 67 -0.39 -6.42 1.91
N ASN A 68 0.54 -7.28 1.54
CA ASN A 68 0.95 -8.38 2.41
C ASN A 68 1.41 -7.87 3.77
N ARG A 69 1.97 -6.66 3.79
CA ARG A 69 2.45 -6.06 5.02
C ARG A 69 1.29 -5.86 6.00
N LEU A 70 0.20 -5.29 5.52
CA LEU A 70 -0.97 -5.04 6.35
C LEU A 70 -1.85 -6.29 6.45
N GLU A 71 -2.09 -6.92 5.30
CA GLU A 71 -2.92 -8.13 5.25
C GLU A 71 -2.38 -9.20 6.18
N LYS A 72 -1.08 -9.14 6.45
CA LYS A 72 -0.44 -10.12 7.33
C LYS A 72 -0.54 -9.69 8.79
N GLN A 73 0.08 -8.56 9.12
CA GLN A 73 0.06 -8.05 10.48
C GLN A 73 -1.36 -7.78 10.94
N ALA A 74 -2.25 -7.48 9.99
CA ALA A 74 -3.65 -7.20 10.31
C ALA A 74 -4.51 -8.46 10.14
N PHE A 75 -3.97 -9.60 10.58
CA PHE A 75 -4.69 -10.85 10.49
C PHE A 75 -4.51 -11.68 11.77
N LEU A 76 -3.27 -11.78 12.23
CA LEU A 76 -2.96 -12.54 13.44
C LEU A 76 -3.51 -11.83 14.67
N ASP A 77 -3.49 -10.51 14.66
CA ASP A 77 -3.99 -9.71 15.76
C ASP A 77 -4.63 -8.42 15.27
N GLN A 78 -4.83 -7.48 16.18
CA GLN A 78 -5.45 -6.20 15.83
C GLN A 78 -4.40 -5.13 15.62
N ASN A 79 -4.84 -3.91 15.32
CA ASN A 79 -3.92 -2.80 15.10
C ASN A 79 -4.62 -1.47 15.35
N ALA A 80 -5.82 -1.32 14.79
CA ALA A 80 -6.59 -0.09 14.96
C ALA A 80 -7.63 -0.24 16.07
N ASP A 81 -7.83 0.84 16.83
CA ASP A 81 -8.78 0.83 17.93
C ASP A 81 -8.98 2.23 18.49
N ARG A 82 -9.77 2.34 19.55
CA ARG A 82 -10.05 3.62 20.18
C ARG A 82 -8.76 4.26 20.69
N ALA A 83 -7.81 3.42 21.10
CA ALA A 83 -6.54 3.91 21.60
C ALA A 83 -5.63 4.37 20.47
N SER A 84 -5.56 5.69 20.28
CA SER A 84 -4.73 6.25 19.22
C SER A 84 -3.28 6.35 19.67
N ARG A 85 -2.36 6.31 18.71
CA ARG A 85 -0.93 6.40 19.00
C ARG A 85 -0.30 7.55 18.24
N ARG A 86 0.68 8.20 18.87
CA ARG A 86 1.37 9.33 18.26
C ARG A 86 0.39 10.45 17.91
N THR A 87 -0.67 10.56 18.71
CA THR A 87 -1.68 11.60 18.50
C THR A 87 -2.03 12.29 19.80
N PHE A 88 -2.63 11.55 20.73
CA PHE A 88 -3.02 12.09 22.03
C PHE A 88 -2.86 11.05 23.13
N MET A 1 25.68 33.55 -16.81
CA MET A 1 24.32 33.30 -17.35
C MET A 1 23.55 32.33 -16.47
N HIS A 2 23.83 32.36 -15.17
CA HIS A 2 23.16 31.48 -14.22
C HIS A 2 21.78 32.04 -13.85
N HIS A 3 20.89 31.14 -13.44
CA HIS A 3 19.54 31.55 -13.05
C HIS A 3 18.82 30.41 -12.34
N HIS A 4 19.57 29.62 -11.58
CA HIS A 4 19.01 28.50 -10.84
C HIS A 4 19.74 28.28 -9.52
N HIS A 5 19.05 28.54 -8.41
CA HIS A 5 19.62 28.38 -7.09
C HIS A 5 18.83 27.38 -6.26
N HIS A 6 18.27 26.37 -6.94
CA HIS A 6 17.48 25.35 -6.26
C HIS A 6 17.71 23.99 -6.91
N HIS A 7 18.51 23.16 -6.25
CA HIS A 7 18.81 21.81 -6.76
C HIS A 7 18.28 20.75 -5.81
N LEU A 8 17.06 20.27 -6.08
CA LEU A 8 16.44 19.25 -5.25
C LEU A 8 15.16 18.73 -5.89
N VAL A 9 14.67 17.61 -5.41
CA VAL A 9 13.44 17.01 -5.93
C VAL A 9 12.68 16.25 -4.86
N PRO A 10 11.34 16.25 -4.92
CA PRO A 10 10.50 15.56 -3.93
C PRO A 10 10.92 14.11 -3.74
N ARG A 11 10.85 13.64 -2.49
CA ARG A 11 11.22 12.27 -2.18
C ARG A 11 10.13 11.30 -2.63
N GLY A 12 9.96 11.17 -3.93
CA GLY A 12 8.95 10.27 -4.47
C GLY A 12 7.77 11.02 -5.06
N SER A 13 7.11 11.83 -4.23
CA SER A 13 5.96 12.61 -4.68
C SER A 13 4.83 11.69 -5.16
N ILE A 14 4.88 10.43 -4.74
CA ILE A 14 3.85 9.45 -5.13
C ILE A 14 3.57 8.48 -4.00
N LEU A 15 4.61 7.82 -3.51
CA LEU A 15 4.47 6.86 -2.42
C LEU A 15 3.88 7.53 -1.18
N LYS A 16 4.18 8.80 -1.00
CA LYS A 16 3.68 9.54 0.16
C LYS A 16 2.16 9.68 0.10
N GLU A 17 1.62 9.71 -1.11
CA GLU A 17 0.18 9.82 -1.31
C GLU A 17 -0.49 8.46 -1.25
N VAL A 18 0.23 7.43 -1.68
CA VAL A 18 -0.30 6.07 -1.69
C VAL A 18 -0.40 5.51 -0.28
N THR A 19 0.52 5.93 0.58
CA THR A 19 0.54 5.46 1.96
C THR A 19 -0.67 5.98 2.73
N SER A 20 -1.25 7.09 2.26
CA SER A 20 -2.41 7.69 2.91
C SER A 20 -3.70 7.05 2.41
N VAL A 21 -3.82 6.89 1.09
CA VAL A 21 -5.00 6.29 0.49
C VAL A 21 -5.12 4.82 0.84
N VAL A 22 -3.98 4.14 0.97
CA VAL A 22 -3.96 2.72 1.31
C VAL A 22 -4.42 2.49 2.75
N GLU A 23 -3.91 3.31 3.67
CA GLU A 23 -4.27 3.19 5.08
C GLU A 23 -5.75 3.50 5.30
N GLN A 24 -6.25 4.48 4.55
CA GLN A 24 -7.65 4.88 4.66
C GLN A 24 -8.58 3.78 4.19
N ALA A 25 -8.09 2.95 3.27
CA ALA A 25 -8.88 1.85 2.73
C ALA A 25 -8.97 0.68 3.71
N TRP A 26 -8.08 0.68 4.71
CA TRP A 26 -8.07 -0.40 5.71
C TRP A 26 -9.02 -0.07 6.86
N LYS A 27 -10.24 0.32 6.51
CA LYS A 27 -11.25 0.66 7.51
C LYS A 27 -12.62 0.17 7.06
N LEU A 28 -12.92 0.35 5.79
CA LEU A 28 -14.19 -0.07 5.22
C LEU A 28 -14.40 -1.57 5.41
N PRO A 29 -15.66 -2.04 5.41
CA PRO A 29 -15.99 -3.45 5.58
C PRO A 29 -15.27 -4.34 4.58
N GLU A 30 -15.60 -4.17 3.30
CA GLU A 30 -14.97 -4.95 2.24
C GLU A 30 -15.41 -4.46 0.87
N SER A 31 -16.69 -4.13 0.74
CA SER A 31 -17.24 -3.65 -0.54
C SER A 31 -16.45 -2.46 -1.05
N GLU A 32 -16.49 -1.36 -0.30
CA GLU A 32 -15.78 -0.14 -0.67
C GLU A 32 -14.28 -0.30 -0.46
N ARG A 33 -13.90 -1.21 0.43
CA ARG A 33 -12.50 -1.46 0.74
C ARG A 33 -11.74 -1.90 -0.51
N LYS A 34 -12.06 -3.10 -1.01
CA LYS A 34 -11.41 -3.63 -2.19
C LYS A 34 -11.49 -2.65 -3.37
N LYS A 35 -12.50 -1.79 -3.35
CA LYS A 35 -12.68 -0.81 -4.42
C LYS A 35 -11.53 0.19 -4.45
N ILE A 36 -10.86 0.36 -3.31
CA ILE A 36 -9.73 1.29 -3.22
C ILE A 36 -8.44 0.66 -3.74
N ILE A 37 -8.25 -0.61 -3.43
CA ILE A 37 -7.06 -1.33 -3.86
C ILE A 37 -7.19 -1.81 -5.30
N ARG A 38 -8.36 -2.35 -5.64
CA ARG A 38 -8.62 -2.85 -6.98
C ARG A 38 -8.45 -1.73 -8.02
N ARG A 39 -8.65 -0.49 -7.58
CA ARG A 39 -8.53 0.66 -8.47
C ARG A 39 -7.06 1.06 -8.66
N LEU A 40 -6.35 1.23 -7.55
CA LEU A 40 -4.94 1.61 -7.60
C LEU A 40 -4.09 0.47 -8.16
N TYR A 41 -4.45 -0.76 -7.80
CA TYR A 41 -3.71 -1.93 -8.26
C TYR A 41 -3.81 -2.09 -9.78
N LEU A 42 -4.93 -1.63 -10.34
CA LEU A 42 -5.15 -1.73 -11.78
C LEU A 42 -4.79 -0.42 -12.47
N LYS A 43 -5.04 0.69 -11.80
CA LYS A 43 -4.73 2.01 -12.35
C LYS A 43 -3.23 2.21 -12.50
N TRP A 44 -2.47 1.62 -11.59
CA TRP A 44 -1.02 1.73 -11.62
C TRP A 44 -0.38 0.49 -12.25
N HIS A 45 -1.04 -0.04 -13.28
CA HIS A 45 -0.53 -1.22 -13.97
C HIS A 45 0.23 -0.82 -15.24
N PRO A 46 1.37 -1.46 -15.51
CA PRO A 46 2.18 -1.17 -16.70
C PRO A 46 1.51 -1.65 -17.98
N ASP A 47 0.92 -2.84 -17.93
CA ASP A 47 0.25 -3.41 -19.08
C ASP A 47 -0.90 -2.52 -19.55
N LYS A 48 -1.50 -1.80 -18.61
CA LYS A 48 -2.60 -0.89 -18.93
C LYS A 48 -2.12 0.54 -19.04
N ASN A 49 -0.96 0.73 -19.66
CA ASN A 49 -0.39 2.06 -19.83
C ASN A 49 0.27 2.18 -21.21
N PRO A 50 0.57 3.42 -21.63
CA PRO A 50 1.19 3.68 -22.94
C PRO A 50 2.63 3.20 -22.99
N GLU A 51 3.42 3.54 -21.96
CA GLU A 51 4.82 3.15 -21.89
C GLU A 51 5.45 3.62 -20.60
N ASN A 52 5.37 2.79 -19.56
CA ASN A 52 5.94 3.12 -18.26
C ASN A 52 6.31 1.86 -17.48
N HIS A 53 7.22 1.08 -18.06
CA HIS A 53 7.66 -0.15 -17.42
C HIS A 53 8.64 0.12 -16.28
N ASP A 54 9.03 1.39 -16.11
CA ASP A 54 9.97 1.77 -15.07
C ASP A 54 9.28 2.63 -14.00
N ILE A 55 8.30 3.41 -14.43
CA ILE A 55 7.56 4.28 -13.52
C ILE A 55 6.48 3.50 -12.78
N ALA A 56 5.61 2.83 -13.54
CA ALA A 56 4.53 2.05 -12.95
C ALA A 56 5.07 0.99 -12.00
N ASN A 57 6.11 0.28 -12.44
CA ASN A 57 6.71 -0.77 -11.63
C ASN A 57 7.23 -0.21 -10.31
N GLU A 58 7.77 1.00 -10.35
CA GLU A 58 8.30 1.64 -9.15
C GLU A 58 7.19 1.90 -8.14
N VAL A 59 6.07 2.44 -8.61
CA VAL A 59 4.94 2.73 -7.75
C VAL A 59 4.24 1.44 -7.30
N PHE A 60 4.24 0.45 -8.18
CA PHE A 60 3.62 -0.83 -7.87
C PHE A 60 4.38 -1.57 -6.78
N LYS A 61 5.70 -1.36 -6.74
CA LYS A 61 6.55 -2.00 -5.74
C LYS A 61 6.10 -1.62 -4.33
N HIS A 62 6.04 -0.33 -4.06
CA HIS A 62 5.63 0.16 -2.74
C HIS A 62 4.19 -0.24 -2.44
N LEU A 63 3.36 -0.29 -3.48
CA LEU A 63 1.95 -0.65 -3.33
C LEU A 63 1.81 -2.13 -2.98
N GLN A 64 2.61 -2.97 -3.64
CA GLN A 64 2.56 -4.40 -3.41
C GLN A 64 2.94 -4.73 -1.96
N ASN A 65 3.91 -4.00 -1.43
CA ASN A 65 4.36 -4.21 -0.06
C ASN A 65 3.47 -3.47 0.94
N GLU A 66 2.65 -2.54 0.44
CA GLU A 66 1.76 -1.78 1.30
C GLU A 66 0.44 -2.49 1.51
N ILE A 67 0.35 -3.74 1.06
CA ILE A 67 -0.88 -4.52 1.21
C ILE A 67 -0.65 -5.69 2.16
N ASN A 68 0.36 -6.50 1.88
CA ASN A 68 0.67 -7.66 2.70
C ASN A 68 1.00 -7.24 4.13
N ARG A 69 1.59 -6.05 4.27
CA ARG A 69 1.95 -5.52 5.58
C ARG A 69 0.71 -5.33 6.45
N LEU A 70 -0.40 -4.97 5.81
CA LEU A 70 -1.65 -4.76 6.52
C LEU A 70 -2.51 -6.02 6.47
N GLU A 71 -2.45 -6.73 5.35
CA GLU A 71 -3.21 -7.95 5.16
C GLU A 71 -2.73 -9.05 6.10
N LYS A 72 -1.41 -9.20 6.20
CA LYS A 72 -0.82 -10.20 7.07
C LYS A 72 -1.11 -9.90 8.53
N GLN A 73 -1.16 -8.62 8.87
CA GLN A 73 -1.42 -8.19 10.24
C GLN A 73 -2.90 -7.88 10.44
N ALA A 74 -3.75 -8.47 9.61
CA ALA A 74 -5.19 -8.25 9.69
C ALA A 74 -5.95 -9.47 9.18
N PHE A 75 -5.36 -10.64 9.33
CA PHE A 75 -5.98 -11.89 8.88
C PHE A 75 -5.51 -13.06 9.74
N LEU A 76 -4.20 -13.13 9.97
CA LEU A 76 -3.62 -14.20 10.77
C LEU A 76 -4.25 -14.25 12.16
N ASP A 77 -4.31 -13.09 12.81
CA ASP A 77 -4.89 -13.00 14.15
C ASP A 77 -6.31 -12.45 14.10
N GLN A 78 -6.47 -11.32 13.41
CA GLN A 78 -7.78 -10.69 13.28
C GLN A 78 -8.34 -10.32 14.65
N ASN A 79 -8.14 -9.06 15.03
CA ASN A 79 -8.63 -8.57 16.32
C ASN A 79 -9.01 -7.10 16.24
N ALA A 80 -9.67 -6.60 17.28
CA ALA A 80 -10.10 -5.20 17.32
C ALA A 80 -9.29 -4.41 18.35
N ASP A 81 -9.10 -3.12 18.08
CA ASP A 81 -8.36 -2.25 18.98
C ASP A 81 -6.92 -2.75 19.14
N ARG A 82 -6.01 -2.16 18.38
CA ARG A 82 -4.60 -2.53 18.45
C ARG A 82 -3.97 -2.11 19.78
N ALA A 83 -3.09 -2.94 20.30
CA ALA A 83 -2.43 -2.65 21.56
C ALA A 83 -3.43 -2.51 22.70
N SER A 84 -3.54 -3.55 23.52
CA SER A 84 -4.47 -3.55 24.65
C SER A 84 -3.98 -4.46 25.76
N ARG A 85 -3.97 -5.76 25.48
CA ARG A 85 -3.53 -6.75 26.46
C ARG A 85 -2.49 -7.68 25.86
N ARG A 86 -1.24 -7.53 26.30
CA ARG A 86 -0.15 -8.35 25.81
C ARG A 86 -0.08 -9.67 26.57
N THR A 87 -0.17 -9.59 27.90
CA THR A 87 -0.12 -10.78 28.75
C THR A 87 -1.32 -11.68 28.49
N PHE A 88 -1.16 -12.97 28.78
CA PHE A 88 -2.23 -13.93 28.59
C PHE A 88 -2.66 -13.99 27.12
N MET A 1 28.06 25.96 1.14
CA MET A 1 27.16 25.16 2.02
C MET A 1 25.78 25.01 1.41
N HIS A 2 25.17 26.14 1.04
CA HIS A 2 23.84 26.12 0.44
C HIS A 2 22.82 25.54 1.41
N HIS A 3 22.66 26.17 2.57
CA HIS A 3 21.72 25.71 3.57
C HIS A 3 20.29 25.77 3.04
N HIS A 4 19.36 25.18 3.79
CA HIS A 4 17.96 25.17 3.40
C HIS A 4 17.05 25.04 4.62
N HIS A 5 15.79 25.41 4.44
CA HIS A 5 14.82 25.34 5.53
C HIS A 5 13.94 24.09 5.40
N HIS A 6 13.17 24.04 4.32
CA HIS A 6 12.28 22.90 4.08
C HIS A 6 13.00 21.81 3.28
N HIS A 7 12.29 20.71 3.03
CA HIS A 7 12.87 19.60 2.29
C HIS A 7 11.77 18.74 1.66
N LEU A 8 11.85 18.55 0.35
CA LEU A 8 10.86 17.76 -0.37
C LEU A 8 11.51 16.97 -1.51
N VAL A 9 11.51 15.65 -1.38
CA VAL A 9 12.11 14.79 -2.41
C VAL A 9 11.12 14.52 -3.54
N PRO A 10 9.86 14.17 -3.22
CA PRO A 10 8.84 13.87 -4.23
C PRO A 10 8.55 15.09 -5.10
N ARG A 11 7.86 14.85 -6.22
CA ARG A 11 7.51 15.91 -7.15
C ARG A 11 6.07 16.36 -6.94
N GLY A 12 5.16 15.39 -6.82
CA GLY A 12 3.76 15.71 -6.62
C GLY A 12 3.06 14.68 -5.75
N SER A 13 3.77 14.19 -4.73
CA SER A 13 3.21 13.20 -3.82
C SER A 13 2.74 11.96 -4.58
N ILE A 14 3.55 10.90 -4.53
CA ILE A 14 3.22 9.66 -5.21
C ILE A 14 3.30 8.48 -4.25
N LEU A 15 4.48 8.22 -3.71
CA LEU A 15 4.68 7.12 -2.78
C LEU A 15 3.94 7.37 -1.48
N LYS A 16 3.87 8.64 -1.08
CA LYS A 16 3.19 9.01 0.15
C LYS A 16 1.66 8.94 -0.02
N GLU A 17 1.21 9.24 -1.23
CA GLU A 17 -0.22 9.22 -1.54
C GLU A 17 -0.76 7.79 -1.48
N VAL A 18 0.10 6.82 -1.83
CA VAL A 18 -0.29 5.42 -1.82
C VAL A 18 -0.51 4.93 -0.39
N THR A 19 0.50 5.10 0.45
CA THR A 19 0.41 4.67 1.84
C THR A 19 -0.79 5.29 2.54
N SER A 20 -1.18 6.48 2.11
CA SER A 20 -2.32 7.17 2.69
C SER A 20 -3.63 6.47 2.33
N VAL A 21 -3.79 6.14 1.06
CA VAL A 21 -4.99 5.46 0.59
C VAL A 21 -5.04 4.02 1.08
N VAL A 22 -3.87 3.42 1.26
CA VAL A 22 -3.77 2.05 1.73
C VAL A 22 -4.19 1.94 3.19
N GLU A 23 -3.87 2.96 3.98
CA GLU A 23 -4.21 2.98 5.40
C GLU A 23 -5.65 3.44 5.60
N GLN A 24 -6.12 4.31 4.72
CA GLN A 24 -7.47 4.83 4.80
C GLN A 24 -8.49 3.80 4.32
N ALA A 25 -8.07 2.97 3.36
CA ALA A 25 -8.94 1.94 2.81
C ALA A 25 -9.09 0.77 3.77
N TRP A 26 -8.01 0.45 4.48
CA TRP A 26 -8.02 -0.65 5.43
C TRP A 26 -9.14 -0.49 6.45
N LYS A 27 -9.56 0.74 6.69
CA LYS A 27 -10.64 1.02 7.63
C LYS A 27 -11.92 0.31 7.23
N LEU A 28 -12.09 0.10 5.93
CA LEU A 28 -13.27 -0.58 5.41
C LEU A 28 -13.15 -2.09 5.56
N PRO A 29 -14.29 -2.79 5.66
CA PRO A 29 -14.31 -4.25 5.81
C PRO A 29 -13.56 -4.97 4.68
N GLU A 30 -14.15 -4.95 3.50
CA GLU A 30 -13.55 -5.59 2.33
C GLU A 30 -14.24 -5.16 1.04
N SER A 31 -15.57 -5.12 1.09
CA SER A 31 -16.36 -4.72 -0.08
C SER A 31 -15.88 -3.38 -0.63
N GLU A 32 -15.84 -2.37 0.22
CA GLU A 32 -15.40 -1.04 -0.18
C GLU A 32 -13.88 -0.93 -0.12
N ARG A 33 -13.27 -1.71 0.76
CA ARG A 33 -11.82 -1.70 0.92
C ARG A 33 -11.12 -2.06 -0.39
N LYS A 34 -11.40 -3.26 -0.90
CA LYS A 34 -10.80 -3.71 -2.14
C LYS A 34 -11.10 -2.74 -3.29
N LYS A 35 -12.23 -2.05 -3.19
CA LYS A 35 -12.62 -1.09 -4.22
C LYS A 35 -11.60 0.05 -4.32
N ILE A 36 -10.96 0.37 -3.21
CA ILE A 36 -9.97 1.43 -3.17
C ILE A 36 -8.68 1.01 -3.84
N ILE A 37 -8.21 -0.20 -3.52
CA ILE A 37 -6.99 -0.73 -4.09
C ILE A 37 -7.14 -0.98 -5.58
N ARG A 38 -8.36 -1.32 -6.00
CA ARG A 38 -8.65 -1.59 -7.40
C ARG A 38 -8.40 -0.34 -8.26
N ARG A 39 -8.74 0.82 -7.71
CA ARG A 39 -8.55 2.08 -8.42
C ARG A 39 -7.08 2.31 -8.74
N LEU A 40 -6.23 2.22 -7.72
CA LEU A 40 -4.80 2.40 -7.89
C LEU A 40 -4.19 1.27 -8.70
N TYR A 41 -4.61 0.04 -8.39
CA TYR A 41 -4.10 -1.13 -9.10
C TYR A 41 -4.34 -1.03 -10.60
N LEU A 42 -5.43 -0.36 -10.97
CA LEU A 42 -5.78 -0.19 -12.38
C LEU A 42 -5.31 1.16 -12.89
N LYS A 43 -5.26 2.15 -12.01
CA LYS A 43 -4.84 3.49 -12.37
C LYS A 43 -3.32 3.56 -12.54
N TRP A 44 -2.61 2.78 -11.72
CA TRP A 44 -1.15 2.75 -11.78
C TRP A 44 -0.67 1.55 -12.58
N HIS A 45 -1.45 1.15 -13.57
CA HIS A 45 -1.10 0.01 -14.41
C HIS A 45 -0.20 0.45 -15.57
N PRO A 46 0.95 -0.22 -15.76
CA PRO A 46 1.89 0.11 -16.84
C PRO A 46 1.30 -0.15 -18.23
N ASP A 47 0.45 -1.17 -18.32
CA ASP A 47 -0.19 -1.53 -19.58
C ASP A 47 -1.17 -0.44 -20.02
N LYS A 48 -1.78 0.22 -19.03
CA LYS A 48 -2.74 1.28 -19.32
C LYS A 48 -2.06 2.65 -19.31
N ASN A 49 -1.04 2.79 -18.48
CA ASN A 49 -0.30 4.05 -18.37
C ASN A 49 0.35 4.41 -19.71
N PRO A 50 0.55 5.72 -19.95
CA PRO A 50 1.16 6.20 -21.19
C PRO A 50 2.51 5.54 -21.47
N GLU A 51 3.46 5.74 -20.57
CA GLU A 51 4.79 5.16 -20.72
C GLU A 51 5.66 5.48 -19.51
N ASN A 52 5.97 4.46 -18.73
CA ASN A 52 6.81 4.63 -17.53
C ASN A 52 7.07 3.29 -16.86
N HIS A 53 8.11 2.60 -17.31
CA HIS A 53 8.47 1.31 -16.74
C HIS A 53 9.15 1.45 -15.38
N ASP A 54 9.56 2.68 -15.05
CA ASP A 54 10.21 2.94 -13.77
C ASP A 54 9.24 3.54 -12.76
N ILE A 55 8.58 4.63 -13.15
CA ILE A 55 7.62 5.28 -12.27
C ILE A 55 6.44 4.37 -11.95
N ALA A 56 6.08 3.53 -12.91
CA ALA A 56 4.97 2.60 -12.74
C ALA A 56 5.33 1.48 -11.78
N ASN A 57 6.41 0.76 -12.09
CA ASN A 57 6.87 -0.34 -11.25
C ASN A 57 7.18 0.14 -9.84
N GLU A 58 7.62 1.38 -9.72
CA GLU A 58 7.95 1.96 -8.42
C GLU A 58 6.72 2.01 -7.52
N VAL A 59 5.63 2.58 -8.04
CA VAL A 59 4.39 2.68 -7.28
C VAL A 59 3.69 1.33 -7.17
N PHE A 60 3.87 0.48 -8.17
CA PHE A 60 3.26 -0.84 -8.18
C PHE A 60 3.93 -1.76 -7.17
N LYS A 61 5.25 -1.64 -7.05
CA LYS A 61 6.02 -2.46 -6.12
C LYS A 61 5.75 -2.05 -4.68
N HIS A 62 5.47 -0.76 -4.48
CA HIS A 62 5.18 -0.24 -3.15
C HIS A 62 3.76 -0.58 -2.71
N LEU A 63 2.87 -0.69 -3.68
CA LEU A 63 1.47 -1.01 -3.39
C LEU A 63 1.29 -2.49 -3.11
N GLN A 64 1.98 -3.32 -3.88
CA GLN A 64 1.89 -4.77 -3.72
C GLN A 64 2.29 -5.20 -2.31
N ASN A 65 3.56 -4.95 -1.96
CA ASN A 65 4.07 -5.32 -0.64
C ASN A 65 3.26 -4.65 0.47
N GLU A 66 2.69 -3.49 0.17
CA GLU A 66 1.90 -2.75 1.13
C GLU A 66 0.67 -3.56 1.57
N ILE A 67 0.20 -4.43 0.68
CA ILE A 67 -0.97 -5.25 0.99
C ILE A 67 -0.62 -6.38 1.94
N ASN A 68 0.16 -7.35 1.46
CA ASN A 68 0.56 -8.50 2.28
C ASN A 68 1.21 -8.04 3.58
N ARG A 69 1.77 -6.84 3.57
CA ARG A 69 2.43 -6.28 4.75
C ARG A 69 1.42 -6.03 5.87
N LEU A 70 0.28 -5.44 5.51
CA LEU A 70 -0.76 -5.14 6.49
C LEU A 70 -1.77 -6.27 6.58
N GLU A 71 -2.05 -6.91 5.44
CA GLU A 71 -3.01 -8.01 5.40
C GLU A 71 -2.61 -9.12 6.36
N LYS A 72 -1.31 -9.32 6.53
CA LYS A 72 -0.80 -10.35 7.42
C LYS A 72 -0.99 -9.96 8.89
N GLN A 73 -0.46 -8.79 9.25
CA GLN A 73 -0.58 -8.29 10.61
C GLN A 73 -2.04 -8.03 10.97
N ALA A 74 -2.86 -7.77 9.97
CA ALA A 74 -4.28 -7.51 10.18
C ALA A 74 -5.10 -8.79 10.03
N PHE A 75 -4.57 -9.88 10.56
CA PHE A 75 -5.26 -11.18 10.48
C PHE A 75 -4.66 -12.16 11.48
N LEU A 76 -3.33 -12.18 11.54
CA LEU A 76 -2.63 -13.08 12.46
C LEU A 76 -2.08 -12.32 13.66
N ASP A 77 -2.87 -12.26 14.73
CA ASP A 77 -2.47 -11.57 15.95
C ASP A 77 -2.39 -12.52 17.12
N GLN A 78 -3.47 -13.28 17.33
CA GLN A 78 -3.53 -14.24 18.44
C GLN A 78 -3.58 -13.53 19.78
N ASN A 79 -2.49 -12.86 20.13
CA ASN A 79 -2.42 -12.13 21.40
C ASN A 79 -2.91 -10.69 21.23
N ALA A 80 -4.23 -10.51 21.30
CA ALA A 80 -4.83 -9.19 21.16
C ALA A 80 -5.57 -8.79 22.41
N ASP A 81 -6.29 -9.74 23.01
CA ASP A 81 -7.06 -9.49 24.22
C ASP A 81 -8.12 -8.42 23.97
N ARG A 82 -9.25 -8.84 23.44
CA ARG A 82 -10.35 -7.92 23.15
C ARG A 82 -11.70 -8.57 23.45
N ALA A 83 -11.88 -9.79 22.95
CA ALA A 83 -13.12 -10.53 23.15
C ALA A 83 -12.91 -12.02 22.98
N SER A 84 -13.57 -12.83 23.82
CA SER A 84 -13.46 -14.27 23.75
C SER A 84 -14.62 -14.87 22.97
N ARG A 85 -14.46 -16.13 22.58
CA ARG A 85 -15.51 -16.83 21.83
C ARG A 85 -16.75 -17.03 22.69
N ARG A 86 -17.86 -16.42 22.28
CA ARG A 86 -19.12 -16.53 23.01
C ARG A 86 -20.00 -17.62 22.41
N THR A 87 -20.57 -18.46 23.27
CA THR A 87 -21.44 -19.55 22.82
C THR A 87 -22.59 -19.75 23.79
N PHE A 88 -23.75 -20.11 23.25
CA PHE A 88 -24.94 -20.34 24.07
C PHE A 88 -24.88 -21.73 24.72
N MET A 1 23.96 2.99 11.75
CA MET A 1 23.08 4.15 11.49
C MET A 1 23.10 4.53 10.02
N HIS A 2 22.01 5.14 9.55
CA HIS A 2 21.91 5.56 8.16
C HIS A 2 21.29 6.95 8.06
N HIS A 3 20.03 7.06 8.43
CA HIS A 3 19.31 8.33 8.39
C HIS A 3 19.47 9.09 9.70
N HIS A 4 18.96 10.32 9.73
CA HIS A 4 19.04 11.15 10.93
C HIS A 4 17.67 11.73 11.28
N HIS A 5 17.22 11.47 12.51
CA HIS A 5 15.94 11.96 12.98
C HIS A 5 14.80 11.40 12.12
N HIS A 6 14.03 10.50 12.70
CA HIS A 6 12.90 9.89 12.00
C HIS A 6 13.37 9.17 10.73
N HIS A 7 12.46 8.44 10.10
CA HIS A 7 12.78 7.71 8.88
C HIS A 7 12.33 8.48 7.65
N LEU A 8 12.76 8.02 6.48
CA LEU A 8 12.40 8.67 5.22
C LEU A 8 11.96 7.64 4.18
N VAL A 9 10.64 7.42 4.10
CA VAL A 9 10.10 6.46 3.15
C VAL A 9 9.90 7.10 1.78
N PRO A 10 9.29 8.30 1.72
CA PRO A 10 9.05 9.00 0.46
C PRO A 10 10.35 9.33 -0.28
N ARG A 11 10.44 8.89 -1.52
CA ARG A 11 11.63 9.13 -2.33
C ARG A 11 11.28 9.95 -3.58
N GLY A 12 10.30 10.84 -3.44
CA GLY A 12 9.88 11.67 -4.56
C GLY A 12 8.38 11.65 -4.75
N SER A 13 7.64 11.86 -3.67
CA SER A 13 6.19 11.87 -3.72
C SER A 13 5.66 10.51 -4.18
N ILE A 14 4.36 10.46 -4.50
CA ILE A 14 3.73 9.23 -4.95
C ILE A 14 3.62 8.22 -3.81
N LEU A 15 4.77 7.76 -3.32
CA LEU A 15 4.80 6.78 -2.23
C LEU A 15 4.03 7.30 -1.02
N LYS A 16 4.14 8.59 -0.75
CA LYS A 16 3.46 9.20 0.38
C LYS A 16 1.95 9.08 0.23
N GLU A 17 1.47 9.10 -1.02
CA GLU A 17 0.05 8.98 -1.30
C GLU A 17 -0.40 7.53 -1.22
N VAL A 18 0.49 6.61 -1.57
CA VAL A 18 0.19 5.18 -1.54
C VAL A 18 -0.06 4.71 -0.11
N THR A 19 0.65 5.31 0.85
CA THR A 19 0.51 4.95 2.25
C THR A 19 -0.76 5.56 2.84
N SER A 20 -1.19 6.69 2.27
CA SER A 20 -2.39 7.37 2.75
C SER A 20 -3.65 6.71 2.22
N VAL A 21 -3.61 6.32 0.95
CA VAL A 21 -4.76 5.67 0.32
C VAL A 21 -4.98 4.27 0.88
N VAL A 22 -3.90 3.55 1.13
CA VAL A 22 -3.98 2.20 1.67
C VAL A 22 -4.54 2.21 3.09
N GLU A 23 -4.02 3.12 3.91
CA GLU A 23 -4.47 3.25 5.29
C GLU A 23 -5.93 3.70 5.35
N GLN A 24 -6.33 4.52 4.39
CA GLN A 24 -7.69 5.02 4.33
C GLN A 24 -8.67 3.91 3.99
N ALA A 25 -8.25 2.98 3.15
CA ALA A 25 -9.07 1.86 2.73
C ALA A 25 -9.16 0.79 3.82
N TRP A 26 -8.41 0.97 4.90
CA TRP A 26 -8.40 0.01 6.01
C TRP A 26 -9.34 0.46 7.11
N LYS A 27 -10.30 1.32 6.77
CA LYS A 27 -11.26 1.82 7.75
C LYS A 27 -12.69 1.42 7.38
N LEU A 28 -12.89 0.99 6.13
CA LEU A 28 -14.21 0.58 5.67
C LEU A 28 -14.23 -0.92 5.34
N PRO A 29 -15.43 -1.50 5.22
CA PRO A 29 -15.59 -2.93 4.91
C PRO A 29 -14.93 -3.31 3.59
N GLU A 30 -14.83 -4.61 3.33
CA GLU A 30 -14.22 -5.11 2.11
C GLU A 30 -14.89 -4.52 0.87
N SER A 31 -16.15 -4.10 1.02
CA SER A 31 -16.89 -3.52 -0.09
C SER A 31 -16.16 -2.30 -0.66
N GLU A 32 -15.83 -1.35 0.21
CA GLU A 32 -15.15 -0.14 -0.22
C GLU A 32 -13.63 -0.37 -0.27
N ARG A 33 -13.15 -1.29 0.57
CA ARG A 33 -11.72 -1.60 0.61
C ARG A 33 -11.20 -2.02 -0.76
N LYS A 34 -11.79 -3.09 -1.31
CA LYS A 34 -11.39 -3.59 -2.61
C LYS A 34 -11.59 -2.55 -3.70
N LYS A 35 -12.54 -1.64 -3.48
CA LYS A 35 -12.83 -0.60 -4.46
C LYS A 35 -11.64 0.33 -4.64
N ILE A 36 -11.00 0.69 -3.53
CA ILE A 36 -9.84 1.58 -3.58
C ILE A 36 -8.63 0.88 -4.17
N ILE A 37 -8.32 -0.32 -3.67
CA ILE A 37 -7.19 -1.09 -4.14
C ILE A 37 -7.33 -1.42 -5.63
N ARG A 38 -8.57 -1.53 -6.09
CA ARG A 38 -8.84 -1.85 -7.48
C ARG A 38 -8.48 -0.67 -8.39
N ARG A 39 -9.03 0.50 -8.08
CA ARG A 39 -8.76 1.71 -8.87
C ARG A 39 -7.28 2.04 -8.87
N LEU A 40 -6.59 1.69 -7.79
CA LEU A 40 -5.16 1.96 -7.68
C LEU A 40 -4.34 0.88 -8.39
N TYR A 41 -4.75 -0.38 -8.21
CA TYR A 41 -4.05 -1.50 -8.83
C TYR A 41 -4.20 -1.45 -10.34
N LEU A 42 -5.33 -0.92 -10.81
CA LEU A 42 -5.59 -0.82 -12.24
C LEU A 42 -4.94 0.42 -12.84
N LYS A 43 -5.13 1.55 -12.17
CA LYS A 43 -4.57 2.82 -12.64
C LYS A 43 -3.06 2.74 -12.71
N TRP A 44 -2.45 2.04 -11.75
CA TRP A 44 -1.00 1.90 -11.71
C TRP A 44 -0.57 0.57 -12.33
N HIS A 45 -1.05 0.31 -13.55
CA HIS A 45 -0.71 -0.92 -14.25
C HIS A 45 0.14 -0.63 -15.48
N PRO A 46 1.37 -1.18 -15.55
CA PRO A 46 2.27 -0.97 -16.68
C PRO A 46 1.63 -1.34 -18.02
N ASP A 47 0.72 -2.31 -17.98
CA ASP A 47 0.04 -2.76 -19.18
C ASP A 47 -1.04 -1.77 -19.59
N LYS A 48 -1.69 -1.16 -18.60
CA LYS A 48 -2.75 -0.19 -18.85
C LYS A 48 -2.17 1.17 -19.22
N ASN A 49 -1.03 1.50 -18.62
CA ASN A 49 -0.37 2.78 -18.89
C ASN A 49 0.28 2.77 -20.27
N PRO A 50 0.46 3.96 -20.87
CA PRO A 50 1.07 4.09 -22.20
C PRO A 50 2.41 3.36 -22.30
N GLU A 51 3.37 3.78 -21.48
CA GLU A 51 4.69 3.17 -21.48
C GLU A 51 5.52 3.67 -20.30
N ASN A 52 5.66 2.82 -19.28
CA ASN A 52 6.42 3.18 -18.09
C ASN A 52 6.69 1.94 -17.23
N HIS A 53 7.95 1.51 -17.21
CA HIS A 53 8.33 0.33 -16.43
C HIS A 53 8.84 0.73 -15.05
N ASP A 54 9.93 1.51 -15.04
CA ASP A 54 10.53 1.95 -13.78
C ASP A 54 9.51 2.71 -12.93
N ILE A 55 8.86 3.69 -13.53
CA ILE A 55 7.86 4.50 -12.83
C ILE A 55 6.73 3.62 -12.28
N ALA A 56 6.29 2.66 -13.08
CA ALA A 56 5.22 1.77 -12.68
C ALA A 56 5.68 0.78 -11.62
N ASN A 57 6.75 0.04 -11.94
CA ASN A 57 7.30 -0.96 -11.02
C ASN A 57 7.56 -0.35 -9.64
N GLU A 58 8.04 0.89 -9.63
CA GLU A 58 8.34 1.58 -8.37
C GLU A 58 7.09 1.68 -7.50
N VAL A 59 6.02 2.23 -8.06
CA VAL A 59 4.77 2.38 -7.32
C VAL A 59 4.11 1.03 -7.08
N PHE A 60 4.21 0.14 -8.05
CA PHE A 60 3.62 -1.19 -7.95
C PHE A 60 4.24 -1.98 -6.81
N LYS A 61 5.56 -1.84 -6.65
CA LYS A 61 6.29 -2.53 -5.59
C LYS A 61 5.76 -2.15 -4.22
N HIS A 62 5.81 -0.85 -3.91
CA HIS A 62 5.35 -0.35 -2.62
C HIS A 62 3.87 -0.62 -2.43
N LEU A 63 3.10 -0.50 -3.52
CA LEU A 63 1.66 -0.75 -3.47
C LEU A 63 1.37 -2.22 -3.21
N GLN A 64 1.98 -3.09 -4.01
CA GLN A 64 1.78 -4.53 -3.87
C GLN A 64 2.29 -5.03 -2.54
N ASN A 65 3.33 -4.38 -2.02
CA ASN A 65 3.93 -4.76 -0.75
C ASN A 65 3.17 -4.16 0.43
N GLU A 66 2.54 -3.01 0.20
CA GLU A 66 1.77 -2.33 1.24
C GLU A 66 0.53 -3.14 1.61
N ILE A 67 -0.01 -3.88 0.64
CA ILE A 67 -1.20 -4.69 0.87
C ILE A 67 -0.93 -5.78 1.91
N ASN A 68 -0.09 -6.75 1.53
CA ASN A 68 0.24 -7.85 2.42
C ASN A 68 0.81 -7.34 3.75
N ARG A 69 1.46 -6.19 3.69
CA ARG A 69 2.05 -5.59 4.88
C ARG A 69 0.97 -5.26 5.91
N LEU A 70 -0.15 -4.74 5.45
CA LEU A 70 -1.26 -4.39 6.34
C LEU A 70 -2.24 -5.55 6.47
N GLU A 71 -2.44 -6.28 5.37
CA GLU A 71 -3.35 -7.41 5.35
C GLU A 71 -2.95 -8.46 6.37
N LYS A 72 -1.64 -8.74 6.44
CA LYS A 72 -1.12 -9.73 7.38
C LYS A 72 -1.37 -9.30 8.82
N GLN A 73 -0.91 -8.10 9.17
CA GLN A 73 -1.09 -7.58 10.52
C GLN A 73 -2.56 -7.52 10.90
N ALA A 74 -3.42 -7.40 9.89
CA ALA A 74 -4.87 -7.33 10.11
C ALA A 74 -5.51 -8.69 9.96
N PHE A 75 -4.80 -9.73 10.41
CA PHE A 75 -5.31 -11.09 10.32
C PHE A 75 -4.78 -11.95 11.47
N LEU A 76 -3.47 -11.86 11.71
CA LEU A 76 -2.84 -12.62 12.78
C LEU A 76 -3.13 -11.99 14.13
N ASP A 77 -4.35 -12.18 14.62
CA ASP A 77 -4.75 -11.63 15.92
C ASP A 77 -5.80 -12.51 16.58
N GLN A 78 -5.36 -13.67 17.07
CA GLN A 78 -6.25 -14.61 17.73
C GLN A 78 -5.52 -15.39 18.82
N ASN A 79 -4.35 -15.91 18.48
CA ASN A 79 -3.54 -16.67 19.42
C ASN A 79 -2.96 -15.76 20.51
N ALA A 80 -3.13 -16.15 21.77
CA ALA A 80 -2.62 -15.38 22.88
C ALA A 80 -1.64 -16.19 23.72
N ASP A 81 -0.54 -15.55 24.11
CA ASP A 81 0.47 -16.22 24.91
C ASP A 81 0.07 -16.27 26.38
N ARG A 82 -0.31 -17.46 26.84
CA ARG A 82 -0.74 -17.64 28.22
C ARG A 82 -0.77 -19.13 28.58
N ALA A 83 0.33 -19.61 29.17
CA ALA A 83 0.44 -21.02 29.56
C ALA A 83 1.39 -21.19 30.73
N SER A 84 1.47 -22.40 31.25
CA SER A 84 2.35 -22.71 32.38
C SER A 84 3.09 -24.02 32.16
N ARG A 85 4.11 -24.26 32.98
CA ARG A 85 4.89 -25.49 32.88
C ARG A 85 5.85 -25.63 34.07
N ARG A 86 5.51 -26.52 34.99
CA ARG A 86 6.34 -26.76 36.17
C ARG A 86 6.70 -28.23 36.30
N THR A 87 5.68 -29.07 36.46
CA THR A 87 5.89 -30.51 36.60
C THR A 87 5.41 -31.25 35.35
N PHE A 88 5.58 -30.63 34.20
CA PHE A 88 5.16 -31.23 32.93
C PHE A 88 6.34 -31.89 32.22
N MET A 1 18.23 6.43 5.33
CA MET A 1 18.79 7.50 6.18
C MET A 1 19.68 8.44 5.37
N HIS A 2 20.71 7.88 4.74
CA HIS A 2 21.63 8.67 3.92
C HIS A 2 20.88 9.36 2.78
N HIS A 3 21.47 10.43 2.26
CA HIS A 3 20.86 11.18 1.16
C HIS A 3 21.92 11.92 0.36
N HIS A 4 22.12 11.50 -0.89
CA HIS A 4 23.10 12.12 -1.76
C HIS A 4 22.76 11.88 -3.23
N HIS A 5 22.86 10.63 -3.65
CA HIS A 5 22.56 10.27 -5.03
C HIS A 5 22.04 8.84 -5.13
N HIS A 6 20.78 8.65 -4.76
CA HIS A 6 20.16 7.33 -4.80
C HIS A 6 18.64 7.44 -4.86
N HIS A 7 18.06 8.05 -3.84
CA HIS A 7 16.62 8.23 -3.78
C HIS A 7 16.19 9.51 -4.49
N LEU A 8 15.45 9.36 -5.59
CA LEU A 8 14.98 10.51 -6.35
C LEU A 8 14.03 11.36 -5.52
N VAL A 9 13.69 12.54 -6.04
CA VAL A 9 12.78 13.44 -5.35
C VAL A 9 11.32 13.16 -5.73
N PRO A 10 10.40 13.20 -4.75
CA PRO A 10 8.98 12.95 -4.99
C PRO A 10 8.42 13.81 -6.13
N ARG A 11 8.75 15.10 -6.10
CA ARG A 11 8.29 16.03 -7.12
C ARG A 11 6.76 16.12 -7.11
N GLY A 12 6.16 15.92 -5.94
CA GLY A 12 4.71 15.99 -5.82
C GLY A 12 4.18 15.07 -4.74
N SER A 13 3.56 13.97 -5.14
CA SER A 13 3.00 13.00 -4.21
C SER A 13 2.60 11.72 -4.92
N ILE A 14 3.40 10.68 -4.77
CA ILE A 14 3.13 9.39 -5.40
C ILE A 14 3.17 8.26 -4.39
N LEU A 15 4.36 8.00 -3.86
CA LEU A 15 4.54 6.93 -2.87
C LEU A 15 3.79 7.25 -1.59
N LYS A 16 3.92 8.49 -1.13
CA LYS A 16 3.24 8.92 0.10
C LYS A 16 1.73 8.81 -0.05
N GLU A 17 1.25 8.98 -1.27
CA GLU A 17 -0.19 8.90 -1.55
C GLU A 17 -0.70 7.48 -1.34
N VAL A 18 0.16 6.50 -1.61
CA VAL A 18 -0.20 5.10 -1.44
C VAL A 18 -0.25 4.70 0.03
N THR A 19 0.53 5.39 0.85
CA THR A 19 0.57 5.10 2.28
C THR A 19 -0.66 5.66 2.97
N SER A 20 -1.22 6.73 2.43
CA SER A 20 -2.41 7.35 3.01
C SER A 20 -3.67 6.62 2.58
N VAL A 21 -3.70 6.21 1.31
CA VAL A 21 -4.85 5.49 0.77
C VAL A 21 -5.00 4.11 1.40
N VAL A 22 -3.87 3.42 1.56
CA VAL A 22 -3.87 2.08 2.13
C VAL A 22 -4.36 2.10 3.58
N GLU A 23 -3.87 3.06 4.35
CA GLU A 23 -4.25 3.19 5.75
C GLU A 23 -5.75 3.51 5.88
N GLN A 24 -6.26 4.31 4.94
CA GLN A 24 -7.66 4.68 4.95
C GLN A 24 -8.52 3.61 4.30
N ALA A 25 -7.95 2.90 3.34
CA ALA A 25 -8.68 1.84 2.63
C ALA A 25 -8.99 0.68 3.56
N TRP A 26 -8.22 0.55 4.64
CA TRP A 26 -8.43 -0.53 5.60
C TRP A 26 -9.36 -0.09 6.73
N LYS A 27 -10.15 0.94 6.47
CA LYS A 27 -11.08 1.46 7.48
C LYS A 27 -12.53 1.20 7.07
N LEU A 28 -12.75 1.03 5.76
CA LEU A 28 -14.10 0.78 5.26
C LEU A 28 -14.29 -0.70 4.94
N PRO A 29 -15.55 -1.13 4.72
CA PRO A 29 -15.87 -2.52 4.40
C PRO A 29 -15.42 -2.92 3.01
N GLU A 30 -15.57 -4.20 2.68
CA GLU A 30 -15.17 -4.70 1.37
C GLU A 30 -15.83 -3.90 0.25
N SER A 31 -16.98 -3.29 0.56
CA SER A 31 -17.71 -2.49 -0.43
C SER A 31 -16.85 -1.35 -0.95
N GLU A 32 -16.50 -0.42 -0.06
CA GLU A 32 -15.69 0.73 -0.43
C GLU A 32 -14.21 0.35 -0.49
N ARG A 33 -13.79 -0.52 0.41
CA ARG A 33 -12.40 -0.97 0.46
C ARG A 33 -11.91 -1.44 -0.89
N LYS A 34 -12.65 -2.38 -1.48
CA LYS A 34 -12.30 -2.94 -2.79
C LYS A 34 -12.22 -1.84 -3.85
N LYS A 35 -12.96 -0.75 -3.63
CA LYS A 35 -12.99 0.36 -4.58
C LYS A 35 -11.73 1.23 -4.45
N ILE A 36 -10.90 0.96 -3.45
CA ILE A 36 -9.68 1.74 -3.24
C ILE A 36 -8.47 1.06 -3.88
N ILE A 37 -8.48 -0.27 -3.89
CA ILE A 37 -7.38 -1.03 -4.48
C ILE A 37 -7.57 -1.20 -5.98
N ARG A 38 -8.80 -1.43 -6.40
CA ARG A 38 -9.11 -1.63 -7.81
C ARG A 38 -8.76 -0.38 -8.62
N ARG A 39 -8.79 0.79 -7.97
CA ARG A 39 -8.48 2.04 -8.63
C ARG A 39 -6.96 2.24 -8.75
N LEU A 40 -6.25 2.01 -7.65
CA LEU A 40 -4.80 2.16 -7.63
C LEU A 40 -4.12 0.99 -8.33
N TYR A 41 -4.71 -0.19 -8.23
CA TYR A 41 -4.16 -1.39 -8.84
C TYR A 41 -4.30 -1.34 -10.35
N LEU A 42 -5.39 -0.75 -10.82
CA LEU A 42 -5.65 -0.64 -12.25
C LEU A 42 -5.23 0.73 -12.78
N LYS A 43 -4.23 1.33 -12.14
CA LYS A 43 -3.74 2.64 -12.55
C LYS A 43 -2.22 2.64 -12.62
N TRP A 44 -1.57 2.05 -11.62
CA TRP A 44 -0.12 1.99 -11.57
C TRP A 44 0.40 0.65 -12.09
N HIS A 45 -0.35 0.07 -13.03
CA HIS A 45 0.03 -1.20 -13.62
C HIS A 45 0.91 -1.00 -14.84
N PRO A 46 2.13 -1.58 -14.85
CA PRO A 46 3.06 -1.44 -15.98
C PRO A 46 2.43 -1.84 -17.30
N ASP A 47 1.58 -2.87 -17.27
CA ASP A 47 0.91 -3.36 -18.47
C ASP A 47 -0.22 -2.43 -18.87
N LYS A 48 -0.83 -1.77 -17.88
CA LYS A 48 -1.93 -0.85 -18.14
C LYS A 48 -1.44 0.59 -18.21
N ASN A 49 -0.28 0.79 -18.82
CA ASN A 49 0.30 2.12 -18.95
C ASN A 49 0.74 2.38 -20.39
N PRO A 50 0.72 3.66 -20.82
CA PRO A 50 1.11 4.05 -22.17
C PRO A 50 2.50 3.54 -22.54
N GLU A 51 3.51 4.00 -21.81
CA GLU A 51 4.89 3.59 -22.07
C GLU A 51 5.68 3.48 -20.77
N ASN A 52 5.51 4.46 -19.89
CA ASN A 52 6.21 4.47 -18.60
C ASN A 52 6.01 3.16 -17.85
N HIS A 53 6.90 2.20 -18.07
CA HIS A 53 6.82 0.91 -17.41
C HIS A 53 7.73 0.85 -16.18
N ASP A 54 8.73 1.73 -16.14
CA ASP A 54 9.65 1.78 -15.02
C ASP A 54 9.04 2.50 -13.83
N ILE A 55 8.60 3.74 -14.05
CA ILE A 55 7.99 4.55 -12.99
C ILE A 55 6.80 3.82 -12.37
N ALA A 56 6.18 2.93 -13.13
CA ALA A 56 5.03 2.18 -12.65
C ALA A 56 5.46 1.08 -11.68
N ASN A 57 6.62 0.50 -11.92
CA ASN A 57 7.15 -0.57 -11.07
C ASN A 57 7.46 -0.05 -9.68
N GLU A 58 8.15 1.08 -9.62
CA GLU A 58 8.52 1.69 -8.34
C GLU A 58 7.30 1.92 -7.46
N VAL A 59 6.17 2.22 -8.10
CA VAL A 59 4.92 2.47 -7.37
C VAL A 59 4.16 1.17 -7.14
N PHE A 60 4.24 0.26 -8.11
CA PHE A 60 3.55 -1.02 -8.01
C PHE A 60 4.23 -1.93 -6.99
N LYS A 61 5.53 -1.76 -6.83
CA LYS A 61 6.30 -2.57 -5.89
C LYS A 61 5.91 -2.23 -4.46
N HIS A 62 5.51 -0.98 -4.22
CA HIS A 62 5.12 -0.53 -2.90
C HIS A 62 3.67 -0.89 -2.61
N LEU A 63 2.83 -0.87 -3.65
CA LEU A 63 1.42 -1.20 -3.50
C LEU A 63 1.23 -2.68 -3.23
N GLN A 64 1.63 -3.52 -4.19
CA GLN A 64 1.51 -4.96 -4.05
C GLN A 64 2.14 -5.45 -2.75
N ASN A 65 3.17 -4.75 -2.30
CA ASN A 65 3.87 -5.13 -1.07
C ASN A 65 3.12 -4.60 0.15
N GLU A 66 2.54 -3.42 0.02
CA GLU A 66 1.79 -2.81 1.12
C GLU A 66 0.62 -3.68 1.55
N ILE A 67 0.14 -4.52 0.64
CA ILE A 67 -0.98 -5.41 0.93
C ILE A 67 -0.61 -6.41 2.01
N ASN A 68 0.31 -7.32 1.69
CA ASN A 68 0.75 -8.35 2.63
C ASN A 68 1.24 -7.72 3.93
N ARG A 69 1.73 -6.48 3.84
CA ARG A 69 2.24 -5.77 5.00
C ARG A 69 1.16 -5.66 6.09
N LEU A 70 -0.03 -5.20 5.69
CA LEU A 70 -1.13 -5.04 6.62
C LEU A 70 -1.95 -6.33 6.72
N GLU A 71 -2.00 -7.07 5.62
CA GLU A 71 -2.76 -8.33 5.58
C GLU A 71 -2.24 -9.30 6.64
N LYS A 72 -0.95 -9.20 6.94
CA LYS A 72 -0.33 -10.07 7.93
C LYS A 72 -0.57 -9.55 9.35
N GLN A 73 -0.39 -8.25 9.53
CA GLN A 73 -0.60 -7.62 10.83
C GLN A 73 -2.07 -7.67 11.24
N ALA A 74 -2.95 -7.66 10.25
CA ALA A 74 -4.38 -7.70 10.51
C ALA A 74 -4.92 -9.12 10.39
N PHE A 75 -4.15 -10.09 10.90
CA PHE A 75 -4.55 -11.49 10.84
C PHE A 75 -4.01 -12.24 12.06
N LEU A 76 -2.74 -12.05 12.35
CA LEU A 76 -2.11 -12.71 13.49
C LEU A 76 -2.37 -11.96 14.79
N ASP A 77 -3.59 -12.09 15.30
CA ASP A 77 -3.97 -11.42 16.55
C ASP A 77 -5.22 -12.05 17.14
N GLN A 78 -6.20 -12.31 16.29
CA GLN A 78 -7.46 -12.91 16.74
C GLN A 78 -8.16 -12.01 17.75
N ASN A 79 -8.03 -10.70 17.56
CA ASN A 79 -8.66 -9.74 18.47
C ASN A 79 -9.69 -8.90 17.73
N ALA A 80 -10.93 -9.37 17.71
CA ALA A 80 -12.01 -8.66 17.04
C ALA A 80 -12.84 -7.86 18.03
N ASP A 81 -12.19 -7.39 19.09
CA ASP A 81 -12.86 -6.60 20.12
C ASP A 81 -12.36 -5.16 20.12
N ARG A 82 -11.15 -4.96 20.65
CA ARG A 82 -10.57 -3.63 20.71
C ARG A 82 -11.44 -2.67 21.51
N ALA A 83 -10.96 -1.45 21.70
CA ALA A 83 -11.71 -0.44 22.45
C ALA A 83 -11.37 0.97 21.96
N SER A 84 -11.65 1.23 20.69
CA SER A 84 -11.38 2.53 20.10
C SER A 84 -9.89 2.77 19.95
N ARG A 85 -9.18 2.85 21.08
CA ARG A 85 -7.74 3.07 21.07
C ARG A 85 -7.41 4.46 20.54
N ARG A 86 -7.39 5.44 21.44
CA ARG A 86 -7.08 6.81 21.06
C ARG A 86 -6.04 7.42 22.00
N THR A 87 -6.22 7.19 23.30
CA THR A 87 -5.30 7.72 24.31
C THR A 87 -5.25 9.24 24.27
N PHE A 88 -4.93 9.84 25.40
CA PHE A 88 -4.85 11.30 25.50
C PHE A 88 -3.79 11.85 24.55
N MET A 1 24.69 -3.23 -4.54
CA MET A 1 23.77 -3.07 -5.70
C MET A 1 23.11 -1.69 -5.67
N HIS A 2 23.06 -1.05 -6.84
CA HIS A 2 22.46 0.27 -6.95
C HIS A 2 20.98 0.16 -7.29
N HIS A 3 20.18 1.09 -6.75
CA HIS A 3 18.74 1.09 -6.99
C HIS A 3 18.20 2.52 -6.99
N HIS A 4 16.89 2.64 -7.16
CA HIS A 4 16.24 3.96 -7.18
C HIS A 4 16.77 4.80 -8.32
N HIS A 5 15.98 5.77 -8.76
CA HIS A 5 16.36 6.66 -9.85
C HIS A 5 17.51 7.57 -9.43
N HIS A 6 18.10 8.26 -10.40
CA HIS A 6 19.21 9.16 -10.12
C HIS A 6 18.71 10.52 -9.66
N HIS A 7 19.63 11.45 -9.43
CA HIS A 7 19.27 12.79 -8.98
C HIS A 7 18.56 12.75 -7.64
N LEU A 8 18.60 13.85 -6.91
CA LEU A 8 17.95 13.95 -5.61
C LEU A 8 16.57 14.59 -5.73
N VAL A 9 15.91 14.77 -4.59
CA VAL A 9 14.59 15.38 -4.57
C VAL A 9 13.56 14.48 -5.25
N PRO A 10 12.53 14.03 -4.50
CA PRO A 10 11.48 13.17 -5.05
C PRO A 10 10.87 13.73 -6.33
N ARG A 11 10.74 15.05 -6.39
CA ARG A 11 10.17 15.72 -7.56
C ARG A 11 8.75 15.23 -7.81
N GLY A 12 8.05 14.89 -6.73
CA GLY A 12 6.68 14.41 -6.85
C GLY A 12 6.37 13.27 -5.90
N SER A 13 5.72 13.59 -4.79
CA SER A 13 5.36 12.58 -3.80
C SER A 13 4.34 11.60 -4.36
N ILE A 14 4.61 10.31 -4.18
CA ILE A 14 3.72 9.27 -4.66
C ILE A 14 3.64 8.11 -3.68
N LEU A 15 4.80 7.66 -3.21
CA LEU A 15 4.86 6.54 -2.26
C LEU A 15 4.19 6.91 -0.94
N LYS A 16 4.61 8.04 -0.36
CA LYS A 16 4.06 8.50 0.90
C LYS A 16 2.55 8.74 0.77
N GLU A 17 2.11 9.12 -0.42
CA GLU A 17 0.70 9.37 -0.67
C GLU A 17 -0.11 8.09 -0.66
N VAL A 18 0.48 7.03 -1.23
CA VAL A 18 -0.20 5.73 -1.29
C VAL A 18 -0.31 5.12 0.10
N THR A 19 0.63 5.46 0.98
CA THR A 19 0.62 4.94 2.34
C THR A 19 -0.60 5.42 3.11
N SER A 20 -1.14 6.56 2.70
CA SER A 20 -2.31 7.14 3.35
C SER A 20 -3.60 6.53 2.80
N VAL A 21 -3.70 6.47 1.47
CA VAL A 21 -4.89 5.91 0.83
C VAL A 21 -5.00 4.40 1.08
N VAL A 22 -3.86 3.73 1.10
CA VAL A 22 -3.85 2.29 1.33
C VAL A 22 -4.37 1.94 2.72
N GLU A 23 -3.92 2.70 3.71
CA GLU A 23 -4.34 2.46 5.09
C GLU A 23 -5.80 2.85 5.28
N GLN A 24 -6.21 3.91 4.61
CA GLN A 24 -7.60 4.39 4.69
C GLN A 24 -8.57 3.38 4.10
N ALA A 25 -8.04 2.42 3.33
CA ALA A 25 -8.87 1.40 2.70
C ALA A 25 -8.97 0.15 3.58
N TRP A 26 -8.21 0.12 4.67
CA TRP A 26 -8.22 -1.04 5.57
C TRP A 26 -9.18 -0.81 6.74
N LYS A 27 -10.21 0.01 6.51
CA LYS A 27 -11.20 0.30 7.53
C LYS A 27 -12.62 0.04 7.02
N LEU A 28 -12.72 -0.48 5.80
CA LEU A 28 -14.02 -0.76 5.19
C LEU A 28 -14.32 -2.27 5.25
N PRO A 29 -15.61 -2.64 5.22
CA PRO A 29 -16.02 -4.05 5.25
C PRO A 29 -15.32 -4.89 4.20
N GLU A 30 -15.55 -4.54 2.93
CA GLU A 30 -14.94 -5.27 1.82
C GLU A 30 -15.35 -4.66 0.48
N SER A 31 -16.62 -4.27 0.37
CA SER A 31 -17.13 -3.68 -0.86
C SER A 31 -16.27 -2.50 -1.30
N GLU A 32 -16.23 -1.45 -0.48
CA GLU A 32 -15.44 -0.26 -0.79
C GLU A 32 -13.96 -0.53 -0.60
N ARG A 33 -13.63 -1.48 0.28
CA ARG A 33 -12.24 -1.83 0.56
C ARG A 33 -11.51 -2.23 -0.72
N LYS A 34 -11.91 -3.35 -1.30
CA LYS A 34 -11.29 -3.85 -2.52
C LYS A 34 -11.36 -2.81 -3.64
N LYS A 35 -12.31 -1.88 -3.54
CA LYS A 35 -12.48 -0.85 -4.55
C LYS A 35 -11.30 0.13 -4.54
N ILE A 36 -10.70 0.32 -3.37
CA ILE A 36 -9.56 1.23 -3.24
C ILE A 36 -8.33 0.68 -3.96
N ILE A 37 -8.15 -0.63 -3.90
CA ILE A 37 -7.02 -1.28 -4.55
C ILE A 37 -7.24 -1.38 -6.05
N ARG A 38 -8.48 -1.56 -6.46
CA ARG A 38 -8.83 -1.68 -7.87
C ARG A 38 -8.60 -0.35 -8.59
N ARG A 39 -8.74 0.75 -7.87
CA ARG A 39 -8.55 2.07 -8.44
C ARG A 39 -7.08 2.37 -8.67
N LEU A 40 -6.23 1.79 -7.82
CA LEU A 40 -4.78 2.00 -7.93
C LEU A 40 -4.13 0.87 -8.72
N TYR A 41 -4.71 -0.32 -8.63
CA TYR A 41 -4.17 -1.48 -9.34
C TYR A 41 -4.44 -1.37 -10.83
N LEU A 42 -5.61 -0.86 -11.19
CA LEU A 42 -5.98 -0.71 -12.60
C LEU A 42 -5.68 0.70 -13.10
N LYS A 43 -4.78 1.39 -12.39
CA LYS A 43 -4.40 2.75 -12.76
C LYS A 43 -2.88 2.88 -12.86
N TRP A 44 -2.18 2.26 -11.90
CA TRP A 44 -0.72 2.31 -11.88
C TRP A 44 -0.12 1.07 -12.55
N HIS A 45 -0.88 0.46 -13.46
CA HIS A 45 -0.43 -0.72 -14.18
C HIS A 45 0.59 -0.36 -15.25
N PRO A 46 1.66 -1.16 -15.41
CA PRO A 46 2.71 -0.91 -16.40
C PRO A 46 2.24 -1.22 -17.82
N ASP A 47 1.51 -2.32 -17.96
CA ASP A 47 1.00 -2.75 -19.26
C ASP A 47 0.08 -1.69 -19.86
N LYS A 48 -0.61 -0.96 -18.99
CA LYS A 48 -1.53 0.08 -19.43
C LYS A 48 -0.80 1.39 -19.67
N ASN A 49 0.15 1.71 -18.78
CA ASN A 49 0.93 2.94 -18.90
C ASN A 49 2.04 2.79 -19.95
N PRO A 50 1.92 3.51 -21.08
CA PRO A 50 2.93 3.44 -22.15
C PRO A 50 4.18 4.24 -21.83
N GLU A 51 3.99 5.45 -21.28
CA GLU A 51 5.11 6.30 -20.92
C GLU A 51 5.73 5.87 -19.59
N ASN A 52 4.93 5.88 -18.54
CA ASN A 52 5.41 5.49 -17.22
C ASN A 52 5.80 4.02 -17.19
N HIS A 53 7.02 3.73 -17.67
CA HIS A 53 7.52 2.36 -17.71
C HIS A 53 8.08 1.96 -16.35
N ASP A 54 9.02 2.76 -15.84
CA ASP A 54 9.64 2.48 -14.56
C ASP A 54 8.84 3.10 -13.42
N ILE A 55 8.22 4.25 -13.70
CA ILE A 55 7.42 4.95 -12.70
C ILE A 55 6.25 4.08 -12.25
N ALA A 56 5.59 3.43 -13.20
CA ALA A 56 4.45 2.57 -12.89
C ALA A 56 4.88 1.39 -12.02
N ASN A 57 5.96 0.72 -12.42
CA ASN A 57 6.46 -0.42 -11.67
C ASN A 57 6.95 0.00 -10.29
N GLU A 58 7.49 1.21 -10.20
CA GLU A 58 8.00 1.73 -8.94
C GLU A 58 6.88 1.80 -7.90
N VAL A 59 5.78 2.45 -8.26
CA VAL A 59 4.65 2.59 -7.35
C VAL A 59 3.95 1.26 -7.14
N PHE A 60 3.96 0.42 -8.17
CA PHE A 60 3.33 -0.90 -8.09
C PHE A 60 3.98 -1.76 -7.00
N LYS A 61 5.30 -1.68 -6.92
CA LYS A 61 6.05 -2.46 -5.94
C LYS A 61 5.60 -2.11 -4.52
N HIS A 62 5.55 -0.81 -4.22
CA HIS A 62 5.14 -0.34 -2.90
C HIS A 62 3.67 -0.68 -2.64
N LEU A 63 2.87 -0.60 -3.69
CA LEU A 63 1.44 -0.88 -3.57
C LEU A 63 1.20 -2.30 -3.05
N GLN A 64 1.65 -3.29 -3.81
CA GLN A 64 1.49 -4.69 -3.42
C GLN A 64 2.17 -4.97 -2.09
N ASN A 65 3.42 -4.50 -1.96
CA ASN A 65 4.18 -4.71 -0.73
C ASN A 65 3.47 -4.09 0.46
N GLU A 66 2.68 -3.05 0.21
CA GLU A 66 1.95 -2.37 1.27
C GLU A 66 0.71 -3.16 1.70
N ILE A 67 0.37 -4.19 0.93
CA ILE A 67 -0.79 -5.03 1.23
C ILE A 67 -0.46 -6.07 2.29
N ASN A 68 0.71 -6.69 2.16
CA ASN A 68 1.14 -7.71 3.10
C ASN A 68 1.31 -7.14 4.50
N ARG A 69 1.82 -5.92 4.58
CA ARG A 69 2.03 -5.26 5.87
C ARG A 69 0.72 -5.12 6.63
N LEU A 70 -0.38 -4.98 5.90
CA LEU A 70 -1.70 -4.86 6.50
C LEU A 70 -2.39 -6.21 6.58
N GLU A 71 -2.35 -6.94 5.47
CA GLU A 71 -2.96 -8.26 5.40
C GLU A 71 -2.34 -9.20 6.42
N LYS A 72 -1.07 -8.98 6.73
CA LYS A 72 -0.36 -9.82 7.69
C LYS A 72 -0.77 -9.47 9.12
N GLN A 73 -0.48 -8.24 9.53
CA GLN A 73 -0.81 -7.79 10.88
C GLN A 73 -2.32 -7.88 11.13
N ALA A 74 -3.10 -7.83 10.06
CA ALA A 74 -4.55 -7.91 10.18
C ALA A 74 -5.04 -9.34 9.96
N PHE A 75 -4.31 -10.30 10.51
CA PHE A 75 -4.67 -11.71 10.38
C PHE A 75 -4.46 -12.45 11.70
N LEU A 76 -3.29 -12.24 12.30
CA LEU A 76 -2.97 -12.90 13.58
C LEU A 76 -3.96 -12.49 14.66
N ASP A 77 -3.94 -11.21 15.01
CA ASP A 77 -4.83 -10.68 16.04
C ASP A 77 -4.52 -11.32 17.39
N GLN A 78 -4.53 -10.49 18.44
CA GLN A 78 -4.25 -10.97 19.79
C GLN A 78 -5.53 -11.11 20.60
N ASN A 79 -6.07 -12.33 20.66
CA ASN A 79 -7.30 -12.60 21.40
C ASN A 79 -7.07 -13.65 22.46
N ALA A 80 -7.84 -13.57 23.54
CA ALA A 80 -7.72 -14.52 24.64
C ALA A 80 -9.09 -15.04 25.07
N ASP A 81 -9.10 -16.01 25.99
CA ASP A 81 -10.33 -16.59 26.48
C ASP A 81 -10.41 -16.52 28.00
N ARG A 82 -11.27 -15.66 28.52
CA ARG A 82 -11.44 -15.50 29.95
C ARG A 82 -12.69 -14.70 30.27
N ALA A 83 -12.91 -13.62 29.52
CA ALA A 83 -14.08 -12.77 29.74
C ALA A 83 -15.37 -13.56 29.54
N SER A 84 -15.47 -14.26 28.42
CA SER A 84 -16.65 -15.05 28.11
C SER A 84 -16.51 -16.48 28.67
N ARG A 85 -17.39 -16.82 29.60
CA ARG A 85 -17.37 -18.14 30.22
C ARG A 85 -18.78 -18.72 30.31
N ARG A 86 -19.65 -18.02 31.03
CA ARG A 86 -21.03 -18.46 31.20
C ARG A 86 -21.98 -17.27 31.30
N THR A 87 -23.27 -17.53 31.13
CA THR A 87 -24.28 -16.47 31.19
C THR A 87 -24.03 -15.42 30.13
N PHE A 88 -25.03 -14.56 29.90
CA PHE A 88 -24.92 -13.51 28.90
C PHE A 88 -24.00 -12.39 29.40
N MET A 1 13.22 -6.47 -0.41
CA MET A 1 14.35 -5.54 -0.18
C MET A 1 15.70 -6.22 -0.41
N HIS A 2 16.72 -5.43 -0.68
CA HIS A 2 18.06 -5.95 -0.92
C HIS A 2 19.09 -5.24 -0.06
N HIS A 3 19.94 -6.02 0.60
CA HIS A 3 20.97 -5.46 1.47
C HIS A 3 20.36 -4.61 2.57
N HIS A 4 19.12 -4.90 2.93
CA HIS A 4 18.42 -4.15 3.97
C HIS A 4 18.40 -2.66 3.66
N HIS A 5 18.39 -2.33 2.37
CA HIS A 5 18.37 -0.94 1.93
C HIS A 5 16.94 -0.42 1.85
N HIS A 6 16.70 0.72 2.51
CA HIS A 6 15.37 1.33 2.51
C HIS A 6 15.39 2.68 1.81
N HIS A 7 14.24 3.09 1.30
CA HIS A 7 14.12 4.36 0.60
C HIS A 7 13.61 5.45 1.52
N LEU A 8 13.75 6.70 1.10
CA LEU A 8 13.30 7.84 1.90
C LEU A 8 13.27 9.11 1.06
N VAL A 9 12.70 10.17 1.64
CA VAL A 9 12.61 11.44 0.95
C VAL A 9 11.70 11.34 -0.28
N PRO A 10 10.43 11.79 -0.17
CA PRO A 10 9.48 11.74 -1.29
C PRO A 10 10.06 12.34 -2.57
N ARG A 11 9.25 12.32 -3.63
CA ARG A 11 9.68 12.87 -4.91
C ARG A 11 8.57 13.68 -5.56
N GLY A 12 7.42 13.03 -5.79
CA GLY A 12 6.30 13.71 -6.40
C GLY A 12 4.99 13.40 -5.71
N SER A 13 5.05 13.10 -4.42
CA SER A 13 3.86 12.79 -3.65
C SER A 13 3.14 11.57 -4.23
N ILE A 14 3.92 10.60 -4.68
CA ILE A 14 3.37 9.37 -5.27
C ILE A 14 3.37 8.24 -4.25
N LEU A 15 4.47 8.10 -3.52
CA LEU A 15 4.60 7.05 -2.52
C LEU A 15 3.79 7.39 -1.26
N LYS A 16 3.91 8.62 -0.80
CA LYS A 16 3.19 9.08 0.38
C LYS A 16 1.68 8.96 0.18
N GLU A 17 1.23 9.23 -1.04
CA GLU A 17 -0.19 9.14 -1.36
C GLU A 17 -0.69 7.69 -1.27
N VAL A 18 0.15 6.77 -1.71
CA VAL A 18 -0.19 5.35 -1.67
C VAL A 18 -0.19 4.81 -0.24
N THR A 19 0.59 5.46 0.63
CA THR A 19 0.68 5.04 2.02
C THR A 19 -0.49 5.58 2.84
N SER A 20 -1.13 6.62 2.32
CA SER A 20 -2.29 7.22 3.00
C SER A 20 -3.58 6.51 2.62
N VAL A 21 -3.63 6.00 1.40
CA VAL A 21 -4.82 5.30 0.90
C VAL A 21 -4.94 3.93 1.55
N VAL A 22 -3.81 3.26 1.75
CA VAL A 22 -3.80 1.94 2.36
C VAL A 22 -4.33 1.98 3.79
N GLU A 23 -3.88 2.97 4.55
CA GLU A 23 -4.32 3.12 5.93
C GLU A 23 -5.76 3.60 5.99
N GLN A 24 -6.18 4.33 4.97
CA GLN A 24 -7.55 4.85 4.90
C GLN A 24 -8.49 3.83 4.28
N ALA A 25 -7.93 2.88 3.54
CA ALA A 25 -8.73 1.84 2.90
C ALA A 25 -8.84 0.59 3.77
N TRP A 26 -8.05 0.53 4.83
CA TRP A 26 -8.07 -0.61 5.73
C TRP A 26 -9.00 -0.37 6.92
N LYS A 27 -10.01 0.47 6.72
CA LYS A 27 -10.97 0.79 7.77
C LYS A 27 -12.41 0.66 7.25
N LEU A 28 -12.56 0.14 6.04
CA LEU A 28 -13.87 -0.03 5.44
C LEU A 28 -14.29 -1.50 5.48
N PRO A 29 -15.61 -1.77 5.42
CA PRO A 29 -16.13 -3.14 5.45
C PRO A 29 -15.50 -4.02 4.38
N GLU A 30 -15.73 -3.67 3.11
CA GLU A 30 -15.18 -4.43 2.00
C GLU A 30 -15.53 -3.79 0.66
N SER A 31 -16.76 -3.28 0.57
CA SER A 31 -17.23 -2.64 -0.65
C SER A 31 -16.30 -1.51 -1.07
N GLU A 32 -16.23 -0.46 -0.25
CA GLU A 32 -15.37 0.67 -0.53
C GLU A 32 -13.91 0.30 -0.35
N ARG A 33 -13.64 -0.71 0.46
CA ARG A 33 -12.27 -1.15 0.72
C ARG A 33 -11.59 -1.56 -0.57
N LYS A 34 -12.02 -2.67 -1.15
CA LYS A 34 -11.44 -3.17 -2.39
C LYS A 34 -11.49 -2.12 -3.50
N LYS A 35 -12.42 -1.18 -3.38
CA LYS A 35 -12.56 -0.12 -4.37
C LYS A 35 -11.30 0.75 -4.43
N ILE A 36 -10.70 1.01 -3.28
CA ILE A 36 -9.50 1.83 -3.22
C ILE A 36 -8.34 1.16 -3.94
N ILE A 37 -8.18 -0.15 -3.73
CA ILE A 37 -7.11 -0.90 -4.36
C ILE A 37 -7.47 -1.26 -5.80
N ARG A 38 -8.76 -1.43 -6.06
CA ARG A 38 -9.22 -1.77 -7.40
C ARG A 38 -8.90 -0.66 -8.40
N ARG A 39 -8.86 0.57 -7.91
CA ARG A 39 -8.55 1.72 -8.76
C ARG A 39 -7.06 1.86 -8.97
N LEU A 40 -6.29 1.77 -7.90
CA LEU A 40 -4.84 1.88 -7.97
C LEU A 40 -4.25 0.79 -8.86
N TYR A 41 -4.73 -0.44 -8.66
CA TYR A 41 -4.24 -1.57 -9.45
C TYR A 41 -4.66 -1.44 -10.91
N LEU A 42 -5.81 -0.83 -11.14
CA LEU A 42 -6.32 -0.64 -12.50
C LEU A 42 -6.00 0.77 -13.00
N LYS A 43 -4.84 1.28 -12.60
CA LYS A 43 -4.42 2.61 -13.01
C LYS A 43 -2.90 2.70 -13.13
N TRP A 44 -2.20 2.10 -12.16
CA TRP A 44 -0.73 2.10 -12.15
C TRP A 44 -0.19 0.83 -12.79
N HIS A 45 -0.92 0.29 -13.76
CA HIS A 45 -0.49 -0.93 -14.44
C HIS A 45 0.46 -0.60 -15.59
N PRO A 46 1.66 -1.23 -15.61
CA PRO A 46 2.65 -0.99 -16.67
C PRO A 46 2.14 -1.41 -18.05
N ASP A 47 1.16 -2.31 -18.08
CA ASP A 47 0.59 -2.78 -19.33
C ASP A 47 0.10 -1.62 -20.18
N LYS A 48 -0.40 -0.58 -19.53
CA LYS A 48 -0.90 0.60 -20.23
C LYS A 48 0.13 1.73 -20.18
N ASN A 49 1.40 1.36 -20.13
CA ASN A 49 2.47 2.35 -20.07
C ASN A 49 3.63 1.94 -20.99
N PRO A 50 3.49 2.17 -22.30
CA PRO A 50 4.52 1.82 -23.28
C PRO A 50 5.84 2.53 -23.02
N GLU A 51 5.77 3.70 -22.41
CA GLU A 51 6.96 4.48 -22.11
C GLU A 51 7.23 4.54 -20.61
N ASN A 52 6.19 4.87 -19.84
CA ASN A 52 6.32 4.96 -18.39
C ASN A 52 6.16 3.59 -17.73
N HIS A 53 7.05 2.67 -18.08
CA HIS A 53 7.01 1.32 -17.53
C HIS A 53 7.83 1.22 -16.25
N ASP A 54 8.71 2.20 -16.03
CA ASP A 54 9.56 2.21 -14.85
C ASP A 54 8.83 2.86 -13.67
N ILE A 55 8.08 3.92 -13.95
CA ILE A 55 7.34 4.63 -12.92
C ILE A 55 6.25 3.74 -12.32
N ALA A 56 5.54 3.02 -13.18
CA ALA A 56 4.47 2.13 -12.74
C ALA A 56 5.01 1.01 -11.85
N ASN A 57 6.09 0.38 -12.31
CA ASN A 57 6.71 -0.71 -11.57
C ASN A 57 7.15 -0.24 -10.19
N GLU A 58 7.60 1.01 -10.10
CA GLU A 58 8.05 1.57 -8.84
C GLU A 58 6.90 1.71 -7.85
N VAL A 59 5.79 2.27 -8.32
CA VAL A 59 4.62 2.46 -7.49
C VAL A 59 3.94 1.13 -7.18
N PHE A 60 4.03 0.19 -8.10
CA PHE A 60 3.43 -1.13 -7.92
C PHE A 60 4.15 -1.90 -6.82
N LYS A 61 5.46 -1.75 -6.75
CA LYS A 61 6.27 -2.43 -5.74
C LYS A 61 5.82 -2.04 -4.34
N HIS A 62 5.53 -0.76 -4.14
CA HIS A 62 5.09 -0.26 -2.85
C HIS A 62 3.61 -0.52 -2.63
N LEU A 63 2.85 -0.53 -3.73
CA LEU A 63 1.41 -0.76 -3.66
C LEU A 63 1.11 -2.21 -3.24
N GLN A 64 2.02 -3.11 -3.57
CA GLN A 64 1.85 -4.52 -3.22
C GLN A 64 2.48 -4.82 -1.87
N ASN A 65 3.61 -4.19 -1.58
CA ASN A 65 4.31 -4.41 -0.32
C ASN A 65 3.42 -4.06 0.87
N GLU A 66 2.71 -2.94 0.77
CA GLU A 66 1.82 -2.49 1.83
C GLU A 66 0.72 -3.51 2.08
N ILE A 67 0.37 -4.28 1.05
CA ILE A 67 -0.67 -5.28 1.17
C ILE A 67 -0.28 -6.37 2.17
N ASN A 68 0.75 -7.14 1.82
CA ASN A 68 1.23 -8.21 2.68
C ASN A 68 1.59 -7.67 4.07
N ARG A 69 2.04 -6.43 4.12
CA ARG A 69 2.40 -5.80 5.38
C ARG A 69 1.23 -5.77 6.35
N LEU A 70 0.07 -5.35 5.84
CA LEU A 70 -1.13 -5.28 6.66
C LEU A 70 -1.87 -6.62 6.67
N GLU A 71 -2.01 -7.22 5.49
CA GLU A 71 -2.69 -8.50 5.35
C GLU A 71 -2.06 -9.55 6.26
N LYS A 72 -0.76 -9.40 6.52
CA LYS A 72 -0.03 -10.33 7.36
C LYS A 72 -0.32 -10.07 8.84
N GLN A 73 0.00 -8.86 9.30
CA GLN A 73 -0.23 -8.49 10.69
C GLN A 73 -1.70 -8.66 11.07
N ALA A 74 -2.59 -8.23 10.18
CA ALA A 74 -4.02 -8.32 10.42
C ALA A 74 -4.44 -9.77 10.71
N PHE A 75 -3.71 -10.72 10.13
CA PHE A 75 -4.01 -12.13 10.31
C PHE A 75 -3.37 -12.65 11.60
N LEU A 76 -2.12 -12.29 11.82
CA LEU A 76 -1.39 -12.72 13.02
C LEU A 76 -1.90 -11.98 14.25
N ASP A 77 -1.62 -10.67 14.30
CA ASP A 77 -2.05 -9.84 15.44
C ASP A 77 -1.35 -10.27 16.72
N GLN A 78 -1.83 -11.36 17.31
CA GLN A 78 -1.25 -11.87 18.55
C GLN A 78 -1.74 -13.29 18.84
N ASN A 79 -0.89 -14.28 18.55
CA ASN A 79 -1.23 -15.67 18.78
C ASN A 79 -0.32 -16.30 19.82
N ALA A 80 0.99 -16.21 19.59
CA ALA A 80 1.98 -16.77 20.49
C ALA A 80 3.30 -16.02 20.40
N ASP A 81 3.95 -15.81 21.54
CA ASP A 81 5.22 -15.10 21.58
C ASP A 81 6.32 -15.92 20.89
N ARG A 82 6.51 -15.66 19.61
CA ARG A 82 7.54 -16.37 18.84
C ARG A 82 7.62 -15.81 17.42
N ALA A 83 8.64 -14.99 17.17
CA ALA A 83 8.84 -14.39 15.86
C ALA A 83 10.27 -13.86 15.71
N SER A 84 10.94 -14.29 14.65
CA SER A 84 12.30 -13.87 14.39
C SER A 84 12.71 -14.20 12.95
N ARG A 85 13.48 -13.31 12.34
CA ARG A 85 13.95 -13.51 10.98
C ARG A 85 15.39 -13.03 10.81
N ARG A 86 16.18 -13.80 10.08
CA ARG A 86 17.58 -13.45 9.85
C ARG A 86 17.93 -13.59 8.37
N THR A 87 17.53 -14.71 7.77
CA THR A 87 17.81 -14.96 6.37
C THR A 87 16.73 -15.85 5.75
N PHE A 88 16.23 -15.45 4.58
CA PHE A 88 15.20 -16.21 3.89
C PHE A 88 15.81 -17.14 2.85
#